data_6KU8
# 
_entry.id   6KU8 
# 
_audit_conform.dict_name       mmcif_pdbx.dic 
_audit_conform.dict_version    5.380 
_audit_conform.dict_location   http://mmcif.pdb.org/dictionaries/ascii/mmcif_pdbx.dic 
# 
loop_
_database_2.database_id 
_database_2.database_code 
_database_2.pdbx_database_accession 
_database_2.pdbx_DOI 
PDB   6KU8         pdb_00006ku8 10.2210/pdb6ku8/pdb 
WWPDB D_1300013675 ?            ?                   
# 
_pdbx_database_status.status_code                     REL 
_pdbx_database_status.status_code_sf                  REL 
_pdbx_database_status.status_code_mr                  ? 
_pdbx_database_status.entry_id                        6KU8 
_pdbx_database_status.recvd_initial_deposition_date   2019-08-31 
_pdbx_database_status.SG_entry                        N 
_pdbx_database_status.deposit_site                    PDBJ 
_pdbx_database_status.process_site                    PDBJ 
_pdbx_database_status.status_code_cs                  ? 
_pdbx_database_status.methods_development_category    ? 
_pdbx_database_status.pdb_format_compatible           Y 
_pdbx_database_status.status_code_nmr_data            ? 
# 
loop_
_audit_author.name 
_audit_author.pdbx_ordinal 
_audit_author.identifier_ORCID 
'Zhu, L.'  1 0000-0002-6174-296X 
'Yuan, S.' 2 0000-0003-4037-3429 
# 
_citation.abstract                  ? 
_citation.abstract_id_CAS           ? 
_citation.book_id_ISBN              ? 
_citation.book_publisher            ? 
_citation.book_publisher_city       ? 
_citation.book_title                ? 
_citation.coordinate_linkage        ? 
_citation.country                   ? 
_citation.database_id_Medline       ? 
_citation.details                   ? 
_citation.id                        primary 
_citation.journal_abbrev            'Virol Sin' 
_citation.journal_id_ASTM           ? 
_citation.journal_id_CSD            ? 
_citation.journal_id_ISSN           1995-820X 
_citation.journal_full              ? 
_citation.journal_issue             ? 
_citation.journal_volume            35 
_citation.language                  ? 
_citation.page_first                445 
_citation.page_last                 454 
_citation.title                     'Structure of the HRV-C 3C-Rupintrivir Complex Provides New Insights for Inhibitor Design.' 
_citation.year                      2020 
_citation.database_id_CSD           ? 
_citation.pdbx_database_id_DOI      10.1007/s12250-020-00196-4 
_citation.pdbx_database_id_PubMed   32103448 
_citation.unpublished_flag          ? 
# 
loop_
_citation_author.citation_id 
_citation_author.name 
_citation_author.ordinal 
_citation_author.identifier_ORCID 
primary 'Yuan, S.' 1 ? 
primary 'Fan, K.'  2 ? 
primary 'Chen, Z.' 3 ? 
primary 'Sun, Y.'  4 ? 
primary 'Hou, H.'  5 ? 
primary 'Zhu, L.'  6 ? 
# 
_cell.angle_alpha                  90.00 
_cell.angle_alpha_esd              ? 
_cell.angle_beta                   90.00 
_cell.angle_beta_esd               ? 
_cell.angle_gamma                  90.00 
_cell.angle_gamma_esd              ? 
_cell.entry_id                     6KU8 
_cell.details                      ? 
_cell.formula_units_Z              ? 
_cell.length_a                     52.903 
_cell.length_a_esd                 ? 
_cell.length_b                     95.626 
_cell.length_b_esd                 ? 
_cell.length_c                     98.853 
_cell.length_c_esd                 ? 
_cell.volume                       ? 
_cell.volume_esd                   ? 
_cell.Z_PDB                        8 
_cell.reciprocal_angle_alpha       ? 
_cell.reciprocal_angle_beta        ? 
_cell.reciprocal_angle_gamma       ? 
_cell.reciprocal_angle_alpha_esd   ? 
_cell.reciprocal_angle_beta_esd    ? 
_cell.reciprocal_angle_gamma_esd   ? 
_cell.reciprocal_length_a          ? 
_cell.reciprocal_length_b          ? 
_cell.reciprocal_length_c          ? 
_cell.reciprocal_length_a_esd      ? 
_cell.reciprocal_length_b_esd      ? 
_cell.reciprocal_length_c_esd      ? 
_cell.pdbx_unique_axis             ? 
# 
_symmetry.entry_id                         6KU8 
_symmetry.cell_setting                     ? 
_symmetry.Int_Tables_number                20 
_symmetry.space_group_name_Hall            ? 
_symmetry.space_group_name_H-M             'C 2 2 21' 
_symmetry.pdbx_full_space_group_name_H-M   ? 
# 
loop_
_entity.id 
_entity.type 
_entity.src_method 
_entity.pdbx_description 
_entity.formula_weight 
_entity.pdbx_number_of_molecules 
_entity.pdbx_ec 
_entity.pdbx_mutation 
_entity.pdbx_fragment 
_entity.details 
1 polymer     man 'Genome polyprotein' 20608.455 1   3.4.22.29,3.6.1.15,3.4.22.28,2.7.7.48 ? ? ? 
2 non-polymer syn 
;4-{2-(4-FLUORO-BENZYL)-6-METHYL-5-[(5-METHYL-ISOXAZOLE-3-CARBONYL)-AMINO]-4-OXO-HEPTANOYLAMINO}-5-(2-OXO-PYRROLIDIN-3-YL)-PENTANOIC ACID ETHYL ESTER
;
600.678   1   ?                                     ? ? ? 
3 water       nat water 18.015    140 ?                                     ? ? ? 
# 
_entity_poly.entity_id                      1 
_entity_poly.type                           'polypeptide(L)' 
_entity_poly.nstd_linkage                   no 
_entity_poly.nstd_monomer                   no 
_entity_poly.pdbx_seq_one_letter_code       
;HHHHHHHEFVRALIKRNCHVITTSKGEFNMLGIHDNCAVVPTHAECGDSVTIDGREVRVLKQCILTDTNDTDTEITLLWL
DQNEKFRDIRRFIPEHQREWSNMHLATNVTKFPMLDVEVGTVIPYGEVNLSGNPTCRLLKYNYPTKPGQCGGVIANTGNI
VAIHVGGNGRVGYGAALLRKYFA
;
_entity_poly.pdbx_seq_one_letter_code_can   
;HHHHHHHEFVRALIKRNCHVITTSKGEFNMLGIHDNCAVVPTHAECGDSVTIDGREVRVLKQCILTDTNDTDTEITLLWL
DQNEKFRDIRRFIPEHQREWSNMHLATNVTKFPMLDVEVGTVIPYGEVNLSGNPTCRLLKYNYPTKPGQCGGVIANTGNI
VAIHVGGNGRVGYGAALLRKYFA
;
_entity_poly.pdbx_strand_id                 A 
_entity_poly.pdbx_target_identifier         ? 
# 
loop_
_entity_poly_seq.entity_id 
_entity_poly_seq.num 
_entity_poly_seq.mon_id 
_entity_poly_seq.hetero 
1 1   HIS n 
1 2   HIS n 
1 3   HIS n 
1 4   HIS n 
1 5   HIS n 
1 6   HIS n 
1 7   HIS n 
1 8   GLU n 
1 9   PHE n 
1 10  VAL n 
1 11  ARG n 
1 12  ALA n 
1 13  LEU n 
1 14  ILE n 
1 15  LYS n 
1 16  ARG n 
1 17  ASN n 
1 18  CYS n 
1 19  HIS n 
1 20  VAL n 
1 21  ILE n 
1 22  THR n 
1 23  THR n 
1 24  SER n 
1 25  LYS n 
1 26  GLY n 
1 27  GLU n 
1 28  PHE n 
1 29  ASN n 
1 30  MET n 
1 31  LEU n 
1 32  GLY n 
1 33  ILE n 
1 34  HIS n 
1 35  ASP n 
1 36  ASN n 
1 37  CYS n 
1 38  ALA n 
1 39  VAL n 
1 40  VAL n 
1 41  PRO n 
1 42  THR n 
1 43  HIS n 
1 44  ALA n 
1 45  GLU n 
1 46  CYS n 
1 47  GLY n 
1 48  ASP n 
1 49  SER n 
1 50  VAL n 
1 51  THR n 
1 52  ILE n 
1 53  ASP n 
1 54  GLY n 
1 55  ARG n 
1 56  GLU n 
1 57  VAL n 
1 58  ARG n 
1 59  VAL n 
1 60  LEU n 
1 61  LYS n 
1 62  GLN n 
1 63  CYS n 
1 64  ILE n 
1 65  LEU n 
1 66  THR n 
1 67  ASP n 
1 68  THR n 
1 69  ASN n 
1 70  ASP n 
1 71  THR n 
1 72  ASP n 
1 73  THR n 
1 74  GLU n 
1 75  ILE n 
1 76  THR n 
1 77  LEU n 
1 78  LEU n 
1 79  TRP n 
1 80  LEU n 
1 81  ASP n 
1 82  GLN n 
1 83  ASN n 
1 84  GLU n 
1 85  LYS n 
1 86  PHE n 
1 87  ARG n 
1 88  ASP n 
1 89  ILE n 
1 90  ARG n 
1 91  ARG n 
1 92  PHE n 
1 93  ILE n 
1 94  PRO n 
1 95  GLU n 
1 96  HIS n 
1 97  GLN n 
1 98  ARG n 
1 99  GLU n 
1 100 TRP n 
1 101 SER n 
1 102 ASN n 
1 103 MET n 
1 104 HIS n 
1 105 LEU n 
1 106 ALA n 
1 107 THR n 
1 108 ASN n 
1 109 VAL n 
1 110 THR n 
1 111 LYS n 
1 112 PHE n 
1 113 PRO n 
1 114 MET n 
1 115 LEU n 
1 116 ASP n 
1 117 VAL n 
1 118 GLU n 
1 119 VAL n 
1 120 GLY n 
1 121 THR n 
1 122 VAL n 
1 123 ILE n 
1 124 PRO n 
1 125 TYR n 
1 126 GLY n 
1 127 GLU n 
1 128 VAL n 
1 129 ASN n 
1 130 LEU n 
1 131 SER n 
1 132 GLY n 
1 133 ASN n 
1 134 PRO n 
1 135 THR n 
1 136 CYS n 
1 137 ARG n 
1 138 LEU n 
1 139 LEU n 
1 140 LYS n 
1 141 TYR n 
1 142 ASN n 
1 143 TYR n 
1 144 PRO n 
1 145 THR n 
1 146 LYS n 
1 147 PRO n 
1 148 GLY n 
1 149 GLN n 
1 150 CYS n 
1 151 GLY n 
1 152 GLY n 
1 153 VAL n 
1 154 ILE n 
1 155 ALA n 
1 156 ASN n 
1 157 THR n 
1 158 GLY n 
1 159 ASN n 
1 160 ILE n 
1 161 VAL n 
1 162 ALA n 
1 163 ILE n 
1 164 HIS n 
1 165 VAL n 
1 166 GLY n 
1 167 GLY n 
1 168 ASN n 
1 169 GLY n 
1 170 ARG n 
1 171 VAL n 
1 172 GLY n 
1 173 TYR n 
1 174 GLY n 
1 175 ALA n 
1 176 ALA n 
1 177 LEU n 
1 178 LEU n 
1 179 ARG n 
1 180 LYS n 
1 181 TYR n 
1 182 PHE n 
1 183 ALA n 
# 
_entity_src_gen.entity_id                          1 
_entity_src_gen.pdbx_src_id                        1 
_entity_src_gen.pdbx_alt_source_flag               sample 
_entity_src_gen.pdbx_seq_type                      'Biological sequence' 
_entity_src_gen.pdbx_beg_seq_num                   1 
_entity_src_gen.pdbx_end_seq_num                   183 
_entity_src_gen.gene_src_common_name               ? 
_entity_src_gen.gene_src_genus                     ? 
_entity_src_gen.pdbx_gene_src_gene                 ? 
_entity_src_gen.gene_src_species                   ? 
_entity_src_gen.gene_src_strain                    ? 
_entity_src_gen.gene_src_tissue                    ? 
_entity_src_gen.gene_src_tissue_fraction           ? 
_entity_src_gen.gene_src_details                   ? 
_entity_src_gen.pdbx_gene_src_fragment             ? 
_entity_src_gen.pdbx_gene_src_scientific_name      'Rhinovirus C' 
_entity_src_gen.pdbx_gene_src_ncbi_taxonomy_id     463676 
_entity_src_gen.pdbx_gene_src_variant              ? 
_entity_src_gen.pdbx_gene_src_cell_line            ? 
_entity_src_gen.pdbx_gene_src_atcc                 ? 
_entity_src_gen.pdbx_gene_src_organ                ? 
_entity_src_gen.pdbx_gene_src_organelle            ? 
_entity_src_gen.pdbx_gene_src_cell                 ? 
_entity_src_gen.pdbx_gene_src_cellular_location    ? 
_entity_src_gen.host_org_common_name               ? 
_entity_src_gen.pdbx_host_org_scientific_name      
;Escherichia coli 'BL21-Gold(DE3)pLysS AG'
;
_entity_src_gen.pdbx_host_org_ncbi_taxonomy_id     866768 
_entity_src_gen.host_org_genus                     ? 
_entity_src_gen.pdbx_host_org_gene                 ? 
_entity_src_gen.pdbx_host_org_organ                ? 
_entity_src_gen.host_org_species                   ? 
_entity_src_gen.pdbx_host_org_tissue               ? 
_entity_src_gen.pdbx_host_org_tissue_fraction      ? 
_entity_src_gen.pdbx_host_org_strain               ? 
_entity_src_gen.pdbx_host_org_variant              ? 
_entity_src_gen.pdbx_host_org_cell_line            ? 
_entity_src_gen.pdbx_host_org_atcc                 ? 
_entity_src_gen.pdbx_host_org_culture_collection   ? 
_entity_src_gen.pdbx_host_org_cell                 ? 
_entity_src_gen.pdbx_host_org_organelle            ? 
_entity_src_gen.pdbx_host_org_cellular_location    ? 
_entity_src_gen.pdbx_host_org_vector_type          ? 
_entity_src_gen.pdbx_host_org_vector               ? 
_entity_src_gen.host_org_details                   ? 
_entity_src_gen.expression_system_id               ? 
_entity_src_gen.plasmid_name                       ? 
_entity_src_gen.plasmid_details                    ? 
_entity_src_gen.pdbx_description                   ? 
# 
_struct_ref.id                         1 
_struct_ref.db_name                    UNP 
_struct_ref.db_code                    E5D8F2_9ENTO 
_struct_ref.pdbx_db_accession          E5D8F2 
_struct_ref.pdbx_db_isoform            ? 
_struct_ref.entity_id                  1 
_struct_ref.pdbx_seq_one_letter_code   
;HEFVRALIKRNCHVITTSKGEFNMLGIHDNCAVVPTHAECGDSVTIDGREVRVLKQCILTDTNDTDTEITLLWLDQNEKF
RDIRRFIPEHQREWSNMHLATNVTKFPMLDVEVGTVIPYGEVNLSGNPTCRLLKYNYPTKPGQCGGVIANTGNIVAIHVG
GNGRVGYGAALLRKYFA
;
_struct_ref.pdbx_align_begin           1514 
# 
_struct_ref_seq.align_id                      1 
_struct_ref_seq.ref_id                        1 
_struct_ref_seq.pdbx_PDB_id_code              6KU8 
_struct_ref_seq.pdbx_strand_id                A 
_struct_ref_seq.seq_align_beg                 7 
_struct_ref_seq.pdbx_seq_align_beg_ins_code   ? 
_struct_ref_seq.seq_align_end                 183 
_struct_ref_seq.pdbx_seq_align_end_ins_code   ? 
_struct_ref_seq.pdbx_db_accession             E5D8F2 
_struct_ref_seq.db_align_beg                  1514 
_struct_ref_seq.pdbx_db_align_beg_ins_code    ? 
_struct_ref_seq.db_align_end                  1690 
_struct_ref_seq.pdbx_db_align_end_ins_code    ? 
_struct_ref_seq.pdbx_auth_seq_align_beg       4 
_struct_ref_seq.pdbx_auth_seq_align_end       180 
# 
loop_
_struct_ref_seq_dif.align_id 
_struct_ref_seq_dif.pdbx_pdb_id_code 
_struct_ref_seq_dif.mon_id 
_struct_ref_seq_dif.pdbx_pdb_strand_id 
_struct_ref_seq_dif.seq_num 
_struct_ref_seq_dif.pdbx_pdb_ins_code 
_struct_ref_seq_dif.pdbx_seq_db_name 
_struct_ref_seq_dif.pdbx_seq_db_accession_code 
_struct_ref_seq_dif.db_mon_id 
_struct_ref_seq_dif.pdbx_seq_db_seq_num 
_struct_ref_seq_dif.details 
_struct_ref_seq_dif.pdbx_auth_seq_num 
_struct_ref_seq_dif.pdbx_ordinal 
1 6KU8 HIS A 1 ? UNP E5D8F2 ? ? 'expression tag' -2 1 
1 6KU8 HIS A 2 ? UNP E5D8F2 ? ? 'expression tag' -1 2 
1 6KU8 HIS A 3 ? UNP E5D8F2 ? ? 'expression tag' 0  3 
1 6KU8 HIS A 4 ? UNP E5D8F2 ? ? 'expression tag' 1  4 
1 6KU8 HIS A 5 ? UNP E5D8F2 ? ? 'expression tag' 2  5 
1 6KU8 HIS A 6 ? UNP E5D8F2 ? ? 'expression tag' 3  6 
# 
loop_
_chem_comp.id 
_chem_comp.type 
_chem_comp.mon_nstd_flag 
_chem_comp.name 
_chem_comp.pdbx_synonyms 
_chem_comp.formula 
_chem_comp.formula_weight 
AG7 non-polymer         . 
;4-{2-(4-FLUORO-BENZYL)-6-METHYL-5-[(5-METHYL-ISOXAZOLE-3-CARBONYL)-AMINO]-4-OXO-HEPTANOYLAMINO}-5-(2-OXO-PYRROLIDIN-3-YL)-PENTANOIC ACID ETHYL ESTER
;
'RUPINTRIVIR, bound form' 'C31 H41 F N4 O7' 600.678 
ALA 'L-peptide linking' y ALANINE ?                         'C3 H7 N O2'      89.093  
ARG 'L-peptide linking' y ARGININE ?                         'C6 H15 N4 O2 1'  175.209 
ASN 'L-peptide linking' y ASPARAGINE ?                         'C4 H8 N2 O3'     132.118 
ASP 'L-peptide linking' y 'ASPARTIC ACID' ?                         'C4 H7 N O4'      133.103 
CYS 'L-peptide linking' y CYSTEINE ?                         'C3 H7 N O2 S'    121.158 
GLN 'L-peptide linking' y GLUTAMINE ?                         'C5 H10 N2 O3'    146.144 
GLU 'L-peptide linking' y 'GLUTAMIC ACID' ?                         'C5 H9 N O4'      147.129 
GLY 'peptide linking'   y GLYCINE ?                         'C2 H5 N O2'      75.067  
HIS 'L-peptide linking' y HISTIDINE ?                         'C6 H10 N3 O2 1'  156.162 
HOH non-polymer         . WATER ?                         'H2 O'            18.015  
ILE 'L-peptide linking' y ISOLEUCINE ?                         'C6 H13 N O2'     131.173 
LEU 'L-peptide linking' y LEUCINE ?                         'C6 H13 N O2'     131.173 
LYS 'L-peptide linking' y LYSINE ?                         'C6 H15 N2 O2 1'  147.195 
MET 'L-peptide linking' y METHIONINE ?                         'C5 H11 N O2 S'   149.211 
PHE 'L-peptide linking' y PHENYLALANINE ?                         'C9 H11 N O2'     165.189 
PRO 'L-peptide linking' y PROLINE ?                         'C5 H9 N O2'      115.130 
SER 'L-peptide linking' y SERINE ?                         'C3 H7 N O3'      105.093 
THR 'L-peptide linking' y THREONINE ?                         'C4 H9 N O3'      119.119 
TRP 'L-peptide linking' y TRYPTOPHAN ?                         'C11 H12 N2 O2'   204.225 
TYR 'L-peptide linking' y TYROSINE ?                         'C9 H11 N O3'     181.189 
VAL 'L-peptide linking' y VALINE ?                         'C5 H11 N O2'     117.146 
# 
_exptl.absorpt_coefficient_mu     ? 
_exptl.absorpt_correction_T_max   ? 
_exptl.absorpt_correction_T_min   ? 
_exptl.absorpt_correction_type    ? 
_exptl.absorpt_process_details    ? 
_exptl.entry_id                   6KU8 
_exptl.crystals_number            1 
_exptl.details                    ? 
_exptl.method                     'X-RAY DIFFRACTION' 
_exptl.method_details             ? 
# 
_exptl_crystal.colour                      ? 
_exptl_crystal.density_diffrn              ? 
_exptl_crystal.density_Matthews            3.16 
_exptl_crystal.density_method              ? 
_exptl_crystal.density_percent_sol         61.08 
_exptl_crystal.description                 ? 
_exptl_crystal.F_000                       ? 
_exptl_crystal.id                          1 
_exptl_crystal.preparation                 ? 
_exptl_crystal.size_max                    ? 
_exptl_crystal.size_mid                    ? 
_exptl_crystal.size_min                    ? 
_exptl_crystal.size_rad                    ? 
_exptl_crystal.colour_lustre               ? 
_exptl_crystal.colour_modifier             ? 
_exptl_crystal.colour_primary              ? 
_exptl_crystal.density_meas                ? 
_exptl_crystal.density_meas_esd            ? 
_exptl_crystal.density_meas_gt             ? 
_exptl_crystal.density_meas_lt             ? 
_exptl_crystal.density_meas_temp           ? 
_exptl_crystal.density_meas_temp_esd       ? 
_exptl_crystal.density_meas_temp_gt        ? 
_exptl_crystal.density_meas_temp_lt        ? 
_exptl_crystal.pdbx_crystal_image_url      ? 
_exptl_crystal.pdbx_crystal_image_format   ? 
_exptl_crystal.pdbx_mosaicity              ? 
_exptl_crystal.pdbx_mosaicity_esd          ? 
# 
_exptl_crystal_grow.apparatus       ? 
_exptl_crystal_grow.atmosphere      ? 
_exptl_crystal_grow.crystal_id      1 
_exptl_crystal_grow.details         ? 
_exptl_crystal_grow.method          'BATCH MODE' 
_exptl_crystal_grow.method_ref      ? 
_exptl_crystal_grow.pH              ? 
_exptl_crystal_grow.pressure        ? 
_exptl_crystal_grow.pressure_esd    ? 
_exptl_crystal_grow.seeding         ? 
_exptl_crystal_grow.seeding_ref     ? 
_exptl_crystal_grow.temp            289.15 
_exptl_crystal_grow.temp_details    ? 
_exptl_crystal_grow.temp_esd        ? 
_exptl_crystal_grow.time            ? 
_exptl_crystal_grow.pdbx_details    '0.05 M citric acid, 0.05 M BIS-TRIS propane, pH 5.0, 16% (w/v) polyethylene glycol 3,350.' 
_exptl_crystal_grow.pdbx_pH_range   ? 
# 
_diffrn.ambient_environment              ? 
_diffrn.ambient_temp                     293.15 
_diffrn.ambient_temp_details             ? 
_diffrn.ambient_temp_esd                 ? 
_diffrn.crystal_id                       1 
_diffrn.crystal_support                  ? 
_diffrn.crystal_treatment                ? 
_diffrn.details                          ? 
_diffrn.id                               1 
_diffrn.ambient_pressure                 ? 
_diffrn.ambient_pressure_esd             ? 
_diffrn.ambient_pressure_gt              ? 
_diffrn.ambient_pressure_lt              ? 
_diffrn.ambient_temp_gt                  ? 
_diffrn.ambient_temp_lt                  ? 
_diffrn.pdbx_serial_crystal_experiment   N 
# 
_diffrn_detector.details                      ? 
_diffrn_detector.detector                     PIXEL 
_diffrn_detector.diffrn_id                    1 
_diffrn_detector.type                         'DECTRIS PILATUS 6M' 
_diffrn_detector.area_resol_mean              ? 
_diffrn_detector.dtime                        ? 
_diffrn_detector.pdbx_frames_total            ? 
_diffrn_detector.pdbx_collection_time_total   ? 
_diffrn_detector.pdbx_collection_date         2016-08-01 
_diffrn_detector.pdbx_frequency               ? 
# 
_diffrn_radiation.collimation                      ? 
_diffrn_radiation.diffrn_id                        1 
_diffrn_radiation.filter_edge                      ? 
_diffrn_radiation.inhomogeneity                    ? 
_diffrn_radiation.monochromator                    ? 
_diffrn_radiation.polarisn_norm                    ? 
_diffrn_radiation.polarisn_ratio                   ? 
_diffrn_radiation.probe                            ? 
_diffrn_radiation.type                             ? 
_diffrn_radiation.xray_symbol                      ? 
_diffrn_radiation.wavelength_id                    1 
_diffrn_radiation.pdbx_monochromatic_or_laue_m_l   M 
_diffrn_radiation.pdbx_wavelength_list             ? 
_diffrn_radiation.pdbx_wavelength                  ? 
_diffrn_radiation.pdbx_diffrn_protocol             'SINGLE WAVELENGTH' 
_diffrn_radiation.pdbx_analyzer                    ? 
_diffrn_radiation.pdbx_scattering_type             x-ray 
# 
_diffrn_radiation_wavelength.id           1 
_diffrn_radiation_wavelength.wavelength   0.998 
_diffrn_radiation_wavelength.wt           1.0 
# 
_diffrn_source.current                     ? 
_diffrn_source.details                     ? 
_diffrn_source.diffrn_id                   1 
_diffrn_source.power                       ? 
_diffrn_source.size                        ? 
_diffrn_source.source                      SYNCHROTRON 
_diffrn_source.target                      ? 
_diffrn_source.type                        'SSRF BEAMLINE BL19U1' 
_diffrn_source.voltage                     ? 
_diffrn_source.take-off_angle              ? 
_diffrn_source.pdbx_wavelength_list        0.998 
_diffrn_source.pdbx_wavelength             ? 
_diffrn_source.pdbx_synchrotron_beamline   BL19U1 
_diffrn_source.pdbx_synchrotron_site       SSRF 
# 
_reflns.B_iso_Wilson_estimate            ? 
_reflns.entry_id                         6KU8 
_reflns.data_reduction_details           ? 
_reflns.data_reduction_method            ? 
_reflns.d_resolution_high                2.05 
_reflns.d_resolution_low                 50 
_reflns.details                          ? 
_reflns.limit_h_max                      ? 
_reflns.limit_h_min                      ? 
_reflns.limit_k_max                      ? 
_reflns.limit_k_min                      ? 
_reflns.limit_l_max                      ? 
_reflns.limit_l_min                      ? 
_reflns.number_all                       ? 
_reflns.number_obs                       16114 
_reflns.observed_criterion               ? 
_reflns.observed_criterion_F_max         ? 
_reflns.observed_criterion_F_min         ? 
_reflns.observed_criterion_I_max         ? 
_reflns.observed_criterion_I_min         ? 
_reflns.observed_criterion_sigma_F       ? 
_reflns.observed_criterion_sigma_I       ? 
_reflns.percent_possible_obs             92.1 
_reflns.R_free_details                   ? 
_reflns.Rmerge_F_all                     ? 
_reflns.Rmerge_F_obs                     ? 
_reflns.Friedel_coverage                 ? 
_reflns.number_gt                        ? 
_reflns.threshold_expression             ? 
_reflns.pdbx_redundancy                  3.1 
_reflns.pdbx_Rmerge_I_obs                0.060 
_reflns.pdbx_Rmerge_I_all                ? 
_reflns.pdbx_Rsym_value                  ? 
_reflns.pdbx_netI_over_av_sigmaI         ? 
_reflns.pdbx_netI_over_sigmaI            22.8 
_reflns.pdbx_res_netI_over_av_sigmaI_2   ? 
_reflns.pdbx_res_netI_over_sigmaI_2      ? 
_reflns.pdbx_chi_squared                 ? 
_reflns.pdbx_scaling_rejects             ? 
_reflns.pdbx_d_res_high_opt              ? 
_reflns.pdbx_d_res_low_opt               ? 
_reflns.pdbx_d_res_opt_method            ? 
_reflns.phase_calculation_details        ? 
_reflns.pdbx_Rrim_I_all                  ? 
_reflns.pdbx_Rpim_I_all                  ? 
_reflns.pdbx_d_opt                       ? 
_reflns.pdbx_number_measured_all         ? 
_reflns.pdbx_diffrn_id                   1 
_reflns.pdbx_ordinal                     1 
_reflns.pdbx_CC_half                     ? 
_reflns.pdbx_R_split                     ? 
# 
_reflns_shell.d_res_high                  2.05 
_reflns_shell.d_res_low                   2.12 
_reflns_shell.meanI_over_sigI_all         ? 
_reflns_shell.meanI_over_sigI_obs         ? 
_reflns_shell.number_measured_all         ? 
_reflns_shell.number_measured_obs         ? 
_reflns_shell.number_possible             ? 
_reflns_shell.number_unique_all           ? 
_reflns_shell.number_unique_obs           1496 
_reflns_shell.percent_possible_all        ? 
_reflns_shell.percent_possible_obs        ? 
_reflns_shell.Rmerge_F_all                ? 
_reflns_shell.Rmerge_F_obs                ? 
_reflns_shell.Rmerge_I_all                ? 
_reflns_shell.Rmerge_I_obs                0.263 
_reflns_shell.meanI_over_sigI_gt          ? 
_reflns_shell.meanI_over_uI_all           ? 
_reflns_shell.meanI_over_uI_gt            ? 
_reflns_shell.number_measured_gt          ? 
_reflns_shell.number_unique_gt            ? 
_reflns_shell.percent_possible_gt         ? 
_reflns_shell.Rmerge_F_gt                 ? 
_reflns_shell.Rmerge_I_gt                 ? 
_reflns_shell.pdbx_redundancy             ? 
_reflns_shell.pdbx_Rsym_value             ? 
_reflns_shell.pdbx_chi_squared            ? 
_reflns_shell.pdbx_netI_over_sigmaI_all   ? 
_reflns_shell.pdbx_netI_over_sigmaI_obs   ? 
_reflns_shell.pdbx_Rrim_I_all             ? 
_reflns_shell.pdbx_Rpim_I_all             ? 
_reflns_shell.pdbx_rejects                ? 
_reflns_shell.pdbx_ordinal                1 
_reflns_shell.pdbx_diffrn_id              1 
_reflns_shell.pdbx_CC_half                ? 
_reflns_shell.pdbx_R_split                ? 
# 
_refine.aniso_B[1][1]                            ? 
_refine.aniso_B[1][2]                            ? 
_refine.aniso_B[1][3]                            ? 
_refine.aniso_B[2][2]                            ? 
_refine.aniso_B[2][3]                            ? 
_refine.aniso_B[3][3]                            ? 
_refine.B_iso_max                                ? 
_refine.B_iso_mean                               ? 
_refine.B_iso_min                                ? 
_refine.correlation_coeff_Fo_to_Fc               ? 
_refine.correlation_coeff_Fo_to_Fc_free          ? 
_refine.details                                  ? 
_refine.diff_density_max                         ? 
_refine.diff_density_max_esd                     ? 
_refine.diff_density_min                         ? 
_refine.diff_density_min_esd                     ? 
_refine.diff_density_rms                         ? 
_refine.diff_density_rms_esd                     ? 
_refine.entry_id                                 6KU8 
_refine.pdbx_refine_id                           'X-RAY DIFFRACTION' 
_refine.ls_abs_structure_details                 ? 
_refine.ls_abs_structure_Flack                   ? 
_refine.ls_abs_structure_Flack_esd               ? 
_refine.ls_abs_structure_Rogers                  ? 
_refine.ls_abs_structure_Rogers_esd              ? 
_refine.ls_d_res_high                            2.05 
_refine.ls_d_res_low                             50 
_refine.ls_extinction_coef                       ? 
_refine.ls_extinction_coef_esd                   ? 
_refine.ls_extinction_expression                 ? 
_refine.ls_extinction_method                     ? 
_refine.ls_goodness_of_fit_all                   ? 
_refine.ls_goodness_of_fit_all_esd               ? 
_refine.ls_goodness_of_fit_obs                   ? 
_refine.ls_goodness_of_fit_obs_esd               ? 
_refine.ls_hydrogen_treatment                    ? 
_refine.ls_matrix_type                           ? 
_refine.ls_number_constraints                    ? 
_refine.ls_number_parameters                     ? 
_refine.ls_number_reflns_all                     ? 
_refine.ls_number_reflns_obs                     14812 
_refine.ls_number_reflns_R_free                  746 
_refine.ls_number_reflns_R_work                  ? 
_refine.ls_number_restraints                     ? 
_refine.ls_percent_reflns_obs                    92.1 
_refine.ls_percent_reflns_R_free                 ? 
_refine.ls_R_factor_all                          ? 
_refine.ls_R_factor_obs                          ? 
_refine.ls_R_factor_R_free                       0.223 
_refine.ls_R_factor_R_free_error                 ? 
_refine.ls_R_factor_R_free_error_details         ? 
_refine.ls_R_factor_R_work                       0.184 
_refine.ls_R_Fsqd_factor_obs                     ? 
_refine.ls_R_I_factor_obs                        ? 
_refine.ls_redundancy_reflns_all                 ? 
_refine.ls_redundancy_reflns_obs                 ? 
_refine.ls_restrained_S_all                      ? 
_refine.ls_restrained_S_obs                      ? 
_refine.ls_shift_over_esd_max                    ? 
_refine.ls_shift_over_esd_mean                   ? 
_refine.ls_structure_factor_coef                 ? 
_refine.ls_weighting_details                     ? 
_refine.ls_weighting_scheme                      ? 
_refine.ls_wR_factor_all                         ? 
_refine.ls_wR_factor_obs                         ? 
_refine.ls_wR_factor_R_free                      ? 
_refine.ls_wR_factor_R_work                      ? 
_refine.occupancy_max                            ? 
_refine.occupancy_min                            ? 
_refine.solvent_model_details                    ? 
_refine.solvent_model_param_bsol                 ? 
_refine.solvent_model_param_ksol                 ? 
_refine.ls_R_factor_gt                           ? 
_refine.ls_goodness_of_fit_gt                    ? 
_refine.ls_goodness_of_fit_ref                   ? 
_refine.ls_shift_over_su_max                     ? 
_refine.ls_shift_over_su_max_lt                  ? 
_refine.ls_shift_over_su_mean                    ? 
_refine.ls_shift_over_su_mean_lt                 ? 
_refine.pdbx_ls_sigma_I                          ? 
_refine.pdbx_ls_sigma_F                          ? 
_refine.pdbx_ls_sigma_Fsqd                       ? 
_refine.pdbx_data_cutoff_high_absF               ? 
_refine.pdbx_data_cutoff_high_rms_absF           ? 
_refine.pdbx_data_cutoff_low_absF                ? 
_refine.pdbx_isotropic_thermal_model             ? 
_refine.pdbx_ls_cross_valid_method               'FREE R-VALUE' 
_refine.pdbx_method_to_determine_struct          'MOLECULAR REPLACEMENT' 
_refine.pdbx_starting_model                      3ZV8 
_refine.pdbx_stereochemistry_target_values       ? 
_refine.pdbx_R_Free_selection_details            ? 
_refine.pdbx_stereochem_target_val_spec_case     ? 
_refine.pdbx_overall_ESU_R                       ? 
_refine.pdbx_overall_ESU_R_Free                  ? 
_refine.pdbx_solvent_vdw_probe_radii             ? 
_refine.pdbx_solvent_ion_probe_radii             ? 
_refine.pdbx_solvent_shrinkage_radii             ? 
_refine.pdbx_real_space_R                        ? 
_refine.pdbx_density_correlation                 ? 
_refine.pdbx_pd_number_of_powder_patterns        ? 
_refine.pdbx_pd_number_of_points                 ? 
_refine.pdbx_pd_meas_number_of_points            ? 
_refine.pdbx_pd_proc_ls_prof_R_factor            ? 
_refine.pdbx_pd_proc_ls_prof_wR_factor           ? 
_refine.pdbx_pd_Marquardt_correlation_coeff      ? 
_refine.pdbx_pd_Fsqrd_R_factor                   ? 
_refine.pdbx_pd_ls_matrix_band_width             ? 
_refine.pdbx_overall_phase_error                 ? 
_refine.pdbx_overall_SU_R_free_Cruickshank_DPI   ? 
_refine.pdbx_overall_SU_R_free_Blow_DPI          ? 
_refine.pdbx_overall_SU_R_Blow_DPI               ? 
_refine.pdbx_TLS_residual_ADP_flag               ? 
_refine.pdbx_diffrn_id                           1 
_refine.overall_SU_B                             ? 
_refine.overall_SU_ML                            ? 
_refine.overall_SU_R_Cruickshank_DPI             ? 
_refine.overall_SU_R_free                        ? 
_refine.overall_FOM_free_R_set                   ? 
_refine.overall_FOM_work_R_set                   ? 
_refine.pdbx_average_fsc_overall                 ? 
_refine.pdbx_average_fsc_work                    ? 
_refine.pdbx_average_fsc_free                    ? 
# 
_refine_hist.pdbx_refine_id                   'X-RAY DIFFRACTION' 
_refine_hist.cycle_id                         LAST 
_refine_hist.pdbx_number_atoms_protein        1381 
_refine_hist.pdbx_number_atoms_nucleic_acid   0 
_refine_hist.pdbx_number_atoms_ligand         38 
_refine_hist.number_atoms_solvent             140 
_refine_hist.number_atoms_total               1559 
_refine_hist.d_res_high                       2.05 
_refine_hist.d_res_low                        50 
# 
_refine_ls_shell.R_factor_R_free                  0.2330 
_refine_ls_shell.R_factor_R_free_error            ? 
_refine_ls_shell.R_factor_R_work                  0.1859 
_refine_ls_shell.R_factor_all                     ? 
_refine_ls_shell.R_factor_obs                     ? 
_refine_ls_shell.d_res_high                       2.05 
_refine_ls_shell.d_res_low                        2.21 
_refine_ls_shell.number_reflns_R_free             ? 
_refine_ls_shell.number_reflns_R_work             ? 
_refine_ls_shell.number_reflns_all                ? 
_refine_ls_shell.number_reflns_obs                ? 
_refine_ls_shell.pdbx_fsc_free                    ? 
_refine_ls_shell.pdbx_fsc_work                    ? 
_refine_ls_shell.pdbx_phase_error                 ? 
_refine_ls_shell.pdbx_refine_id                   'X-RAY DIFFRACTION' 
_refine_ls_shell.pdbx_total_number_of_bins_used   ? 
_refine_ls_shell.percent_reflns_R_free            ? 
_refine_ls_shell.percent_reflns_obs               ? 
_refine_ls_shell.redundancy_reflns_all            ? 
_refine_ls_shell.redundancy_reflns_obs            ? 
_refine_ls_shell.wR_factor_R_free                 ? 
_refine_ls_shell.wR_factor_R_work                 ? 
_refine_ls_shell.wR_factor_all                    ? 
_refine_ls_shell.wR_factor_obs                    ? 
# 
_struct.entry_id                     6KU8 
_struct.title                        'structure of HRV-C 3C protein with rupintrivir' 
_struct.pdbx_model_details           ? 
_struct.pdbx_formula_weight          ? 
_struct.pdbx_formula_weight_method   ? 
_struct.pdbx_model_type_details      ? 
_struct.pdbx_CASP_flag               N 
# 
_struct_keywords.entry_id        6KU8 
_struct_keywords.text            'HRV, 3C, protease, rupintrivir, HYDROLASE' 
_struct_keywords.pdbx_keywords   HYDROLASE 
# 
loop_
_struct_asym.id 
_struct_asym.pdbx_blank_PDB_chainid_flag 
_struct_asym.pdbx_modified 
_struct_asym.entity_id 
_struct_asym.details 
A N N 1 ? 
B N N 2 ? 
C N N 3 ? 
# 
loop_
_struct_conf.conf_type_id 
_struct_conf.id 
_struct_conf.pdbx_PDB_helix_id 
_struct_conf.beg_label_comp_id 
_struct_conf.beg_label_asym_id 
_struct_conf.beg_label_seq_id 
_struct_conf.pdbx_beg_PDB_ins_code 
_struct_conf.end_label_comp_id 
_struct_conf.end_label_asym_id 
_struct_conf.end_label_seq_id 
_struct_conf.pdbx_end_PDB_ins_code 
_struct_conf.beg_auth_comp_id 
_struct_conf.beg_auth_asym_id 
_struct_conf.beg_auth_seq_id 
_struct_conf.end_auth_comp_id 
_struct_conf.end_auth_asym_id 
_struct_conf.end_auth_seq_id 
_struct_conf.pdbx_PDB_helix_class 
_struct_conf.details 
_struct_conf.pdbx_PDB_helix_length 
HELX_P HELX_P1 AA1 HIS A 7   ? ASN A 17  ? HIS A 4   ASN A 14  1 ? 11 
HELX_P HELX_P2 AA2 HIS A 43  ? GLU A 45  ? HIS A 40  GLU A 42  5 ? 3  
HELX_P HELX_P3 AA3 ILE A 89  ? ILE A 93  ? ILE A 86  ILE A 90  5 ? 5  
HELX_P HELX_P4 AA4 LEU A 178 ? ALA A 183 ? LEU A 175 ALA A 180 5 ? 6  
# 
_struct_conf_type.id          HELX_P 
_struct_conf_type.criteria    ? 
_struct_conf_type.reference   ? 
# 
loop_
_struct_sheet.id 
_struct_sheet.type 
_struct_sheet.number_strands 
_struct_sheet.details 
AA1 ? 7 ? 
AA2 ? 7 ? 
# 
loop_
_struct_sheet_order.sheet_id 
_struct_sheet_order.range_id_1 
_struct_sheet_order.range_id_2 
_struct_sheet_order.offset 
_struct_sheet_order.sense 
AA1 1 2 ? anti-parallel 
AA1 2 3 ? anti-parallel 
AA1 3 4 ? anti-parallel 
AA1 4 5 ? anti-parallel 
AA1 5 6 ? anti-parallel 
AA1 6 7 ? anti-parallel 
AA2 1 2 ? anti-parallel 
AA2 2 3 ? anti-parallel 
AA2 3 4 ? anti-parallel 
AA2 4 5 ? anti-parallel 
AA2 5 6 ? anti-parallel 
AA2 6 7 ? anti-parallel 
# 
loop_
_struct_sheet_range.sheet_id 
_struct_sheet_range.id 
_struct_sheet_range.beg_label_comp_id 
_struct_sheet_range.beg_label_asym_id 
_struct_sheet_range.beg_label_seq_id 
_struct_sheet_range.pdbx_beg_PDB_ins_code 
_struct_sheet_range.end_label_comp_id 
_struct_sheet_range.end_label_asym_id 
_struct_sheet_range.end_label_seq_id 
_struct_sheet_range.pdbx_end_PDB_ins_code 
_struct_sheet_range.beg_auth_comp_id 
_struct_sheet_range.beg_auth_asym_id 
_struct_sheet_range.beg_auth_seq_id 
_struct_sheet_range.end_auth_comp_id 
_struct_sheet_range.end_auth_asym_id 
_struct_sheet_range.end_auth_seq_id 
AA1 1 CYS A 18  ? THR A 23  ? CYS A 15  THR A 20  
AA1 2 GLY A 26  ? HIS A 34  ? GLY A 23  HIS A 31  
AA1 3 CYS A 37  ? PRO A 41  ? CYS A 34  PRO A 38  
AA1 4 ASP A 72  ? LEU A 80  ? ASP A 69  LEU A 77  
AA1 5 ARG A 55  ? THR A 66  ? ARG A 52  THR A 63  
AA1 6 SER A 49  ? ILE A 52  ? SER A 46  ILE A 49  
AA1 7 CYS A 18  ? THR A 23  ? CYS A 15  THR A 20  
AA2 1 TRP A 100 ? THR A 107 ? TRP A 97  THR A 104 
AA2 2 LEU A 115 ? LEU A 130 ? LEU A 112 LEU A 127 
AA2 3 ASN A 133 ? TYR A 141 ? ASN A 130 TYR A 138 
AA2 4 GLY A 172 ? ALA A 176 ? GLY A 169 ALA A 173 
AA2 5 ASN A 159 ? GLY A 167 ? ASN A 156 GLY A 164 
AA2 6 VAL A 153 ? ASN A 156 ? VAL A 150 ASN A 153 
AA2 7 TRP A 100 ? THR A 107 ? TRP A 97  THR A 104 
# 
loop_
_pdbx_struct_sheet_hbond.sheet_id 
_pdbx_struct_sheet_hbond.range_id_1 
_pdbx_struct_sheet_hbond.range_id_2 
_pdbx_struct_sheet_hbond.range_1_label_atom_id 
_pdbx_struct_sheet_hbond.range_1_label_comp_id 
_pdbx_struct_sheet_hbond.range_1_label_asym_id 
_pdbx_struct_sheet_hbond.range_1_label_seq_id 
_pdbx_struct_sheet_hbond.range_1_PDB_ins_code 
_pdbx_struct_sheet_hbond.range_1_auth_atom_id 
_pdbx_struct_sheet_hbond.range_1_auth_comp_id 
_pdbx_struct_sheet_hbond.range_1_auth_asym_id 
_pdbx_struct_sheet_hbond.range_1_auth_seq_id 
_pdbx_struct_sheet_hbond.range_2_label_atom_id 
_pdbx_struct_sheet_hbond.range_2_label_comp_id 
_pdbx_struct_sheet_hbond.range_2_label_asym_id 
_pdbx_struct_sheet_hbond.range_2_label_seq_id 
_pdbx_struct_sheet_hbond.range_2_PDB_ins_code 
_pdbx_struct_sheet_hbond.range_2_auth_atom_id 
_pdbx_struct_sheet_hbond.range_2_auth_comp_id 
_pdbx_struct_sheet_hbond.range_2_auth_asym_id 
_pdbx_struct_sheet_hbond.range_2_auth_seq_id 
AA1 1 2 N ILE A 21  ? N ILE A 18  O PHE A 28  ? O PHE A 25  
AA1 2 3 N HIS A 34  ? N HIS A 31  O CYS A 37  ? O CYS A 34  
AA1 3 4 N ALA A 38  ? N ALA A 35  O LEU A 78  ? O LEU A 75  
AA1 4 5 O TRP A 79  ? O TRP A 76  N LYS A 61  ? N LYS A 58  
AA1 5 6 O VAL A 57  ? O VAL A 54  N VAL A 50  ? N VAL A 47  
AA1 6 7 O THR A 51  ? O THR A 48  N THR A 22  ? N THR A 19  
AA2 1 2 N TRP A 100 ? N TRP A 97  O VAL A 122 ? O VAL A 119 
AA2 2 3 N TYR A 125 ? N TYR A 122 O LEU A 138 ? O LEU A 135 
AA2 3 4 N LEU A 139 ? N LEU A 136 O GLY A 174 ? O GLY A 171 
AA2 4 5 O TYR A 173 ? O TYR A 170 N GLY A 166 ? N GLY A 163 
AA2 5 6 O ALA A 162 ? O ALA A 159 N ILE A 154 ? N ILE A 151 
AA2 6 7 O VAL A 153 ? O VAL A 150 N ALA A 106 ? N ALA A 103 
# 
_struct_site.id                   AC1 
_struct_site.pdbx_evidence_code   Software 
_struct_site.pdbx_auth_asym_id    A 
_struct_site.pdbx_auth_comp_id    AG7 
_struct_site.pdbx_auth_seq_id     501 
_struct_site.pdbx_auth_ins_code   ? 
_struct_site.pdbx_num_residues    22 
_struct_site.details              'binding site for residue AG7 A 501' 
# 
loop_
_struct_site_gen.id 
_struct_site_gen.site_id 
_struct_site_gen.pdbx_num_res 
_struct_site_gen.label_comp_id 
_struct_site_gen.label_asym_id 
_struct_site_gen.label_seq_id 
_struct_site_gen.pdbx_auth_ins_code 
_struct_site_gen.auth_comp_id 
_struct_site_gen.auth_asym_id 
_struct_site_gen.auth_seq_id 
_struct_site_gen.label_atom_id 
_struct_site_gen.label_alt_id 
_struct_site_gen.symmetry 
_struct_site_gen.details 
1  AC1 22 ARG A 11  ? ARG A 8   . ? 8_455 ? 
2  AC1 22 LYS A 25  ? LYS A 22  . ? 1_555 ? 
3  AC1 22 HIS A 43  ? HIS A 40  . ? 1_555 ? 
4  AC1 22 GLU A 74  ? GLU A 71  . ? 1_555 ? 
5  AC1 22 PRO A 113 ? PRO A 110 . ? 8_455 ? 
6  AC1 22 MET A 114 ? MET A 111 . ? 8_455 ? 
7  AC1 22 LEU A 130 ? LEU A 127 . ? 1_555 ? 
8  AC1 22 SER A 131 ? SER A 128 . ? 1_555 ? 
9  AC1 22 ASN A 133 ? ASN A 130 . ? 1_555 ? 
10 AC1 22 THR A 135 ? THR A 132 . ? 1_555 ? 
11 AC1 22 THR A 145 ? THR A 142 . ? 1_555 ? 
12 AC1 22 LYS A 146 ? LYS A 143 . ? 1_555 ? 
13 AC1 22 PRO A 147 ? PRO A 144 . ? 1_555 ? 
14 AC1 22 GLY A 148 ? GLY A 145 . ? 1_555 ? 
15 AC1 22 CYS A 150 ? CYS A 147 . ? 1_555 ? 
16 AC1 22 HIS A 164 ? HIS A 161 . ? 1_555 ? 
17 AC1 22 VAL A 165 ? VAL A 162 . ? 1_555 ? 
18 AC1 22 GLY A 166 ? GLY A 163 . ? 1_555 ? 
19 AC1 22 GLY A 167 ? GLY A 164 . ? 1_555 ? 
20 AC1 22 HOH C .   ? HOH A 606 . ? 1_555 ? 
21 AC1 22 HOH C .   ? HOH A 663 . ? 1_555 ? 
22 AC1 22 HOH C .   ? HOH A 691 . ? 1_555 ? 
# 
_atom_sites.entry_id                    6KU8 
_atom_sites.Cartn_transf_matrix[1][1]   ? 
_atom_sites.Cartn_transf_matrix[1][2]   ? 
_atom_sites.Cartn_transf_matrix[1][3]   ? 
_atom_sites.Cartn_transf_matrix[2][1]   ? 
_atom_sites.Cartn_transf_matrix[2][2]   ? 
_atom_sites.Cartn_transf_matrix[2][3]   ? 
_atom_sites.Cartn_transf_matrix[3][1]   ? 
_atom_sites.Cartn_transf_matrix[3][2]   ? 
_atom_sites.Cartn_transf_matrix[3][3]   ? 
_atom_sites.Cartn_transf_vector[1]      ? 
_atom_sites.Cartn_transf_vector[2]      ? 
_atom_sites.Cartn_transf_vector[3]      ? 
_atom_sites.fract_transf_matrix[1][1]   0.01056337 
_atom_sites.fract_transf_matrix[1][2]   -0.00012864 
_atom_sites.fract_transf_matrix[1][3]   0.01567552 
_atom_sites.fract_transf_matrix[2][1]   0.00773761 
_atom_sites.fract_transf_matrix[2][2]   -0.00467851 
_atom_sites.fract_transf_matrix[2][3]   -0.00525259 
_atom_sites.fract_transf_matrix[3][1]   0.00378777 
_atom_sites.fract_transf_matrix[3][2]   0.00904680 
_atom_sites.fract_transf_matrix[3][3]   -0.00247825 
_atom_sites.fract_transf_vector[1]      0.220945 
_atom_sites.fract_transf_vector[2]      0.160669 
_atom_sites.fract_transf_vector[3]      -0.085741 
_atom_sites.solution_primary            ? 
_atom_sites.solution_secondary          ? 
_atom_sites.solution_hydrogens          ? 
_atom_sites.special_details             ? 
# 
loop_
_atom_type.symbol 
C 
F 
H 
N 
O 
S 
# 
loop_
_atom_site.group_PDB 
_atom_site.id 
_atom_site.type_symbol 
_atom_site.label_atom_id 
_atom_site.label_alt_id 
_atom_site.label_comp_id 
_atom_site.label_asym_id 
_atom_site.label_entity_id 
_atom_site.label_seq_id 
_atom_site.pdbx_PDB_ins_code 
_atom_site.Cartn_x 
_atom_site.Cartn_y 
_atom_site.Cartn_z 
_atom_site.occupancy 
_atom_site.B_iso_or_equiv 
_atom_site.pdbx_formal_charge 
_atom_site.auth_seq_id 
_atom_site.auth_comp_id 
_atom_site.auth_asym_id 
_atom_site.auth_atom_id 
_atom_site.pdbx_PDB_model_num 
ATOM   1    N N    . HIS A 1 7   ? 2.710   14.275  7.693   1.00 52.99 0  4   HIS A N    1 
ATOM   2    C CA   . HIS A 1 7   ? 3.874   15.082  8.044   1.00 57.43 0  4   HIS A CA   1 
ATOM   3    C C    . HIS A 1 7   ? 4.616   14.367  9.160   1.00 53.05 0  4   HIS A C    1 
ATOM   4    O O    . HIS A 1 7   ? 5.249   13.331  8.925   1.00 51.48 0  4   HIS A O    1 
ATOM   5    C CB   . HIS A 1 7   ? 3.454   16.493  8.471   1.00 62.92 0  4   HIS A CB   1 
ATOM   6    N N    . GLU A 1 8   ? 4.546   14.936  10.371  1.00 50.90 0  5   GLU A N    1 
ATOM   7    C CA   . GLU A 1 8   ? 4.748   14.132  11.573  1.00 41.18 0  5   GLU A CA   1 
ATOM   8    C C    . GLU A 1 8   ? 3.810   12.931  11.575  1.00 31.11 0  5   GLU A C    1 
ATOM   9    O O    . GLU A 1 8   ? 4.228   11.812  11.886  1.00 27.35 0  5   GLU A O    1 
ATOM   10   C CB   . GLU A 1 8   ? 4.523   14.979  12.824  1.00 44.70 0  5   GLU A CB   1 
ATOM   11   C CG   . GLU A 1 8   ? 4.324   14.168  14.096  1.00 41.49 0  5   GLU A CG   1 
ATOM   12   C CD   . GLU A 1 8   ? 4.285   15.039  15.349  1.00 62.97 0  5   GLU A CD   1 
ATOM   13   O OE1  . GLU A 1 8   ? 4.022   16.260  15.223  1.00 63.44 0  5   GLU A OE1  1 
ATOM   14   O OE2  . GLU A 1 8   ? 4.523   14.504  16.458  1.00 61.01 -1 5   GLU A OE2  1 
ATOM   15   N N    . PHE A 1 9   ? 2.537   13.146  11.215  1.00 28.13 0  6   PHE A N    1 
ATOM   16   C CA   . PHE A 1 9   ? 1.576   12.047  11.116  1.00 25.86 0  6   PHE A CA   1 
ATOM   17   C C    . PHE A 1 9   ? 2.102   10.925  10.221  1.00 26.62 0  6   PHE A C    1 
ATOM   18   O O    . PHE A 1 9   ? 2.076   9.748   10.596  1.00 23.43 0  6   PHE A O    1 
ATOM   19   C CB   . PHE A 1 9   ? 0.241   12.573  10.585  1.00 23.48 0  6   PHE A CB   1 
ATOM   20   C CG   . PHE A 1 9   ? -0.799  11.500  10.347  1.00 23.85 0  6   PHE A CG   1 
ATOM   21   C CD1  . PHE A 1 9   ? -1.756  11.233  11.306  1.00 23.08 0  6   PHE A CD1  1 
ATOM   22   C CD2  . PHE A 1 9   ? -0.842  10.791  9.144   1.00 21.17 0  6   PHE A CD2  1 
ATOM   23   C CE1  . PHE A 1 9   ? -2.745  10.255  11.091  1.00 25.18 0  6   PHE A CE1  1 
ATOM   24   C CE2  . PHE A 1 9   ? -1.814  9.808   8.916   1.00 20.11 0  6   PHE A CE2  1 
ATOM   25   C CZ   . PHE A 1 9   ? -2.769  9.541   9.898   1.00 25.55 0  6   PHE A CZ   1 
ATOM   26   N N    . VAL A 1 10  ? 2.574   11.269  9.024   1.00 21.79 0  7   VAL A N    1 
ATOM   27   C CA   . VAL A 1 10  ? 2.987   10.227  8.086   1.00 25.68 0  7   VAL A CA   1 
ATOM   28   C C    . VAL A 1 10  ? 4.218   9.495   8.604   1.00 26.89 0  7   VAL A C    1 
ATOM   29   O O    . VAL A 1 10  ? 4.286   8.260   8.559   1.00 23.58 0  7   VAL A O    1 
ATOM   30   C CB   . VAL A 1 10  ? 3.229   10.819  6.685   1.00 26.82 0  7   VAL A CB   1 
ATOM   31   C CG1  . VAL A 1 10  ? 3.657   9.720   5.729   1.00 20.27 0  7   VAL A CG1  1 
ATOM   32   C CG2  . VAL A 1 10  ? 1.968   11.480  6.174   1.00 22.25 0  7   VAL A CG2  1 
ATOM   33   N N    . ARG A 1 11  ? 5.213   10.232  9.107   1.00 25.06 0  8   ARG A N    1 
ATOM   34   C CA   . ARG A 1 11  ? 6.386   9.569   9.670   1.00 27.07 0  8   ARG A CA   1 
ATOM   35   C C    . ARG A 1 11  ? 5.998   8.625   10.804  1.00 27.35 0  8   ARG A C    1 
ATOM   36   O O    . ARG A 1 11  ? 6.509   7.500   10.890  1.00 25.69 0  8   ARG A O    1 
ATOM   37   C CB   . ARG A 1 11  ? 7.406   10.601  10.163  1.00 33.72 0  8   ARG A CB   1 
ATOM   38   C CG   . ARG A 1 11  ? 8.475   9.997   11.053  1.00 36.74 0  8   ARG A CG   1 
ATOM   39   C CD   . ARG A 1 11  ? 9.740   10.841  11.113  1.00 48.89 0  8   ARG A CD   1 
ATOM   40   N NE   . ARG A 1 11  ? 10.660  10.532  10.014  1.00 63.38 0  8   ARG A NE   1 
ATOM   41   C CZ   . ARG A 1 11  ? 11.861  11.088  9.864   1.00 66.15 0  8   ARG A CZ   1 
ATOM   42   N NH1  . ARG A 1 11  ? 12.293  11.983  10.744  1.00 67.69 1  8   ARG A NH1  1 
ATOM   43   N NH2  . ARG A 1 11  ? 12.634  10.749  8.836   1.00 55.27 0  8   ARG A NH2  1 
ATOM   44   N N    . ALA A 1 12  ? 5.115   9.070   11.701  1.00 24.48 0  9   ALA A N    1 
ATOM   45   C CA   . ALA A 1 12  ? 4.694   8.193   12.791  1.00 27.37 0  9   ALA A CA   1 
ATOM   46   C C    . ALA A 1 12  ? 3.991   6.950   12.255  1.00 26.37 0  9   ALA A C    1 
ATOM   47   O O    . ALA A 1 12  ? 4.147   5.850   12.803  1.00 25.39 0  9   ALA A O    1 
ATOM   48   C CB   . ALA A 1 12  ? 3.793   8.954   13.760  1.00 26.99 0  9   ALA A CB   1 
ATOM   49   N N    . LEU A 1 13  ? 3.220   7.106   11.178  1.00 22.58 0  10  LEU A N    1 
ATOM   50   C CA   . LEU A 1 13  ? 2.573   5.956   10.545  1.00 21.22 0  10  LEU A CA   1 
ATOM   51   C C    . LEU A 1 13  ? 3.604   4.939   10.069  1.00 20.28 0  10  LEU A C    1 
ATOM   52   O O    . LEU A 1 13  ? 3.505   3.740   10.370  1.00 21.72 0  10  LEU A O    1 
ATOM   53   C CB   . LEU A 1 13  ? 1.703   6.428   9.368   1.00 17.02 0  10  LEU A CB   1 
ATOM   54   C CG   . LEU A 1 13  ? 0.981   5.303   8.604   1.00 20.38 0  10  LEU A CG   1 
ATOM   55   C CD1  . LEU A 1 13  ? 0.066   4.542   9.526   1.00 21.49 0  10  LEU A CD1  1 
ATOM   56   C CD2  . LEU A 1 13  ? 0.203   5.858   7.403   1.00 18.69 0  10  LEU A CD2  1 
ATOM   57   N N    . ILE A 1 14  ? 4.607   5.399   9.319   1.00 22.02 0  11  ILE A N    1 
ATOM   58   C CA   . ILE A 1 14  ? 5.652   4.491   8.846   1.00 21.29 0  11  ILE A CA   1 
ATOM   59   C C    . ILE A 1 14  ? 6.319   3.782   10.025  1.00 22.52 0  11  ILE A C    1 
ATOM   60   O O    . ILE A 1 14  ? 6.476   2.555   10.026  1.00 21.08 0  11  ILE A O    1 
ATOM   61   C CB   . ILE A 1 14  ? 6.684   5.255   7.992   1.00 23.84 0  11  ILE A CB   1 
ATOM   62   C CG1  . ILE A 1 14  ? 6.014   5.949   6.797   1.00 20.19 0  11  ILE A CG1  1 
ATOM   63   C CG2  . ILE A 1 14  ? 7.797   4.316   7.509   1.00 23.38 0  11  ILE A CG2  1 
ATOM   64   C CD1  . ILE A 1 14  ? 5.339   5.000   5.802   1.00 23.44 0  11  ILE A CD1  1 
ATOM   65   N N    . LYS A 1 15  ? 6.742   4.550   11.037  1.00 23.01 0  12  LYS A N    1 
ATOM   66   C CA   . LYS A 1 15  ? 7.464   3.963   12.168  1.00 22.66 0  12  LYS A CA   1 
ATOM   67   C C    . LYS A 1 15  ? 6.612   2.952   12.929  1.00 24.28 0  12  LYS A C    1 
ATOM   68   O O    . LYS A 1 15  ? 7.124   1.928   13.403  1.00 23.69 0  12  LYS A O    1 
ATOM   69   C CB   . LYS A 1 15  ? 7.930   5.062   13.126  1.00 26.95 0  12  LYS A CB   1 
ATOM   70   C CG   . LYS A 1 15  ? 9.057   5.930   12.563  1.00 36.47 0  12  LYS A CG   1 
ATOM   71   C CD   . LYS A 1 15  ? 10.258  5.983   13.516  1.00 49.73 0  12  LYS A CD   1 
ATOM   72   C CE   . LYS A 1 15  ? 9.866   6.521   14.895  1.00 54.70 0  12  LYS A CE   1 
ATOM   73   N NZ   . LYS A 1 15  ? 11.056  6.864   15.750  1.00 52.10 1  12  LYS A NZ   1 
ATOM   74   N N    . ARG A 1 16  ? 5.317   3.231   13.083  1.00 21.72 0  13  ARG A N    1 
ATOM   75   C CA   . ARG A 1 16  ? 4.488   2.417   13.968  1.00 20.04 0  13  ARG A CA   1 
ATOM   76   C C    . ARG A 1 16  ? 3.920   1.196   13.248  1.00 24.27 0  13  ARG A C    1 
ATOM   77   O O    . ARG A 1 16  ? 3.828   0.115   13.840  1.00 20.56 0  13  ARG A O    1 
ATOM   78   C CB   . ARG A 1 16  ? 3.356   3.262   14.553  1.00 22.55 0  13  ARG A CB   1 
ATOM   79   C CG   . ARG A 1 16  ? 2.303   2.473   15.376  1.00 30.06 0  13  ARG A CG   1 
ATOM   80   C CD   . ARG A 1 16  ? 2.931   1.766   16.604  1.00 33.35 0  13  ARG A CD   1 
ATOM   81   N NE   . ARG A 1 16  ? 1.971   1.045   17.453  1.00 30.90 0  13  ARG A NE   1 
ATOM   82   C CZ   . ARG A 1 16  ? 1.495   -0.176  17.190  1.00 36.20 0  13  ARG A CZ   1 
ATOM   83   N NH1  . ARG A 1 16  ? 1.861   -0.821  16.084  1.00 35.17 1  13  ARG A NH1  1 
ATOM   84   N NH2  . ARG A 1 16  ? 0.636   -0.756  18.024  1.00 36.66 0  13  ARG A NH2  1 
ATOM   85   N N    . ASN A 1 17  ? 3.558   1.338   11.967  1.00 20.33 0  14  ASN A N    1 
ATOM   86   C CA   . ASN A 1 17  ? 2.763   0.323   11.288  1.00 22.25 0  14  ASN A CA   1 
ATOM   87   C C    . ASN A 1 17  ? 3.409   -0.297  10.052  1.00 20.43 0  14  ASN A C    1 
ATOM   88   O O    . ASN A 1 17  ? 2.856   -1.261  9.520   1.00 22.64 0  14  ASN A O    1 
ATOM   89   C CB   . ASN A 1 17  ? 1.397   0.904   10.884  1.00 23.60 0  14  ASN A CB   1 
ATOM   90   C CG   . ASN A 1 17  ? 0.263   0.540   11.867  1.00 30.07 0  14  ASN A CG   1 
ATOM   91   O OD1  . ASN A 1 17  ? 0.501   0.156   13.026  1.00 30.25 0  14  ASN A OD1  1 
ATOM   92   N ND2  . ASN A 1 17  ? -0.976  0.653   11.395  1.00 23.64 0  14  ASN A ND2  1 
ATOM   93   N N    . CYS A 1 18  ? 4.547   0.201   9.585   1.00 21.22 0  15  CYS A N    1 
ATOM   94   C CA   . CYS A 1 18  ? 5.121   -0.254  8.327   1.00 20.15 0  15  CYS A CA   1 
ATOM   95   C C    . CYS A 1 18  ? 6.383   -1.077  8.548   1.00 18.78 0  15  CYS A C    1 
ATOM   96   O O    . CYS A 1 18  ? 7.159   -0.824  9.473   1.00 20.82 0  15  CYS A O    1 
ATOM   97   C CB   . CYS A 1 18  ? 5.403   0.941   7.407   1.00 20.21 0  15  CYS A CB   1 
ATOM   98   S SG   . CYS A 1 18  ? 3.820   1.700   6.826   1.00 23.34 0  15  CYS A SG   1 
ATOM   99   N N    . HIS A 1 19  ? 6.580   -2.052  7.660   1.00 18.24 0  16  HIS A N    1 
ATOM   100  C CA   . HIS A 1 19  ? 7.660   -3.023  7.724   1.00 19.48 0  16  HIS A CA   1 
ATOM   101  C C    . HIS A 1 19  ? 8.137   -3.346  6.316   1.00 20.49 0  16  HIS A C    1 
ATOM   102  O O    . HIS A 1 19  ? 7.388   -3.218  5.338   1.00 22.52 0  16  HIS A O    1 
ATOM   103  C CB   . HIS A 1 19  ? 7.214   -4.301  8.443   1.00 17.38 0  16  HIS A CB   1 
ATOM   104  C CG   . HIS A 1 19  ? 6.680   -4.043  9.815   1.00 22.50 0  16  HIS A CG   1 
ATOM   105  N ND1  . HIS A 1 19  ? 7.465   -4.123  10.945  1.00 20.12 0  16  HIS A ND1  1 
ATOM   106  C CD2  . HIS A 1 19  ? 5.455   -3.642  10.234  1.00 17.49 0  16  HIS A CD2  1 
ATOM   107  C CE1  . HIS A 1 19  ? 6.739   -3.813  12.005  1.00 20.55 0  16  HIS A CE1  1 
ATOM   108  N NE2  . HIS A 1 19  ? 5.515   -3.517  11.601  1.00 20.52 0  16  HIS A NE2  1 
ATOM   109  N N    . VAL A 1 20  ? 9.393   -3.771  6.227   1.00 22.39 0  17  VAL A N    1 
ATOM   110  C CA   . VAL A 1 20  ? 9.988   -4.186  4.963   1.00 20.39 0  17  VAL A CA   1 
ATOM   111  C C    . VAL A 1 20  ? 9.615   -5.639  4.726   1.00 23.51 0  17  VAL A C    1 
ATOM   112  O O    . VAL A 1 20  ? 9.950   -6.511  5.530   1.00 26.26 0  17  VAL A O    1 
ATOM   113  C CB   . VAL A 1 20  ? 11.515  -4.020  4.981   1.00 23.63 0  17  VAL A CB   1 
ATOM   114  C CG1  . VAL A 1 20  ? 12.109  -4.506  3.679   1.00 20.75 0  17  VAL A CG1  1 
ATOM   115  C CG2  . VAL A 1 20  ? 11.922  -2.575  5.297   1.00 20.02 0  17  VAL A CG2  1 
ATOM   116  N N    . ILE A 1 21  ? 8.934   -5.903  3.622   1.00 21.32 0  18  ILE A N    1 
ATOM   117  C CA   . ILE A 1 21  ? 8.579   -7.259  3.227   1.00 27.92 0  18  ILE A CA   1 
ATOM   118  C C    . ILE A 1 21  ? 9.445   -7.620  2.033   1.00 27.71 0  18  ILE A C    1 
ATOM   119  O O    . ILE A 1 21  ? 9.582   -6.828  1.094   1.00 28.51 0  18  ILE A O    1 
ATOM   120  C CB   . ILE A 1 21  ? 7.076   -7.370  2.906   1.00 28.60 0  18  ILE A CB   1 
ATOM   121  C CG1  . ILE A 1 21  ? 6.570   -8.796  3.120   1.00 33.51 0  18  ILE A CG1  1 
ATOM   122  C CG2  . ILE A 1 21  ? 6.802   -6.930  1.488   1.00 27.60 0  18  ILE A CG2  1 
ATOM   123  C CD1  . ILE A 1 21  ? 5.044   -8.879  3.266   1.00 28.71 0  18  ILE A CD1  1 
ATOM   124  N N    . THR A 1 22  ? 10.071  -8.791  2.090   1.00 24.56 0  19  THR A N    1 
ATOM   125  C CA   . THR A 1 22  ? 11.001  -9.243  1.064   1.00 30.10 0  19  THR A CA   1 
ATOM   126  C C    . THR A 1 22  ? 10.413  -10.495 0.438   1.00 30.03 0  19  THR A C    1 
ATOM   127  O O    . THR A 1 22  ? 10.122  -11.460 1.150   1.00 29.46 0  19  THR A O    1 
ATOM   128  C CB   . THR A 1 22  ? 12.388  -9.537  1.650   1.00 29.86 0  19  THR A CB   1 
ATOM   129  O OG1  . THR A 1 22  ? 12.894  -8.369  2.303   1.00 32.15 0  19  THR A OG1  1 
ATOM   130  C CG2  . THR A 1 22  ? 13.377  -9.947  0.546   1.00 29.78 0  19  THR A CG2  1 
ATOM   131  N N    . THR A 1 23  ? 10.205  -10.465 -0.876  1.00 29.86 0  20  THR A N    1 
ATOM   132  C CA   . THR A 1 23  ? 9.796   -11.640 -1.639  1.00 32.79 0  20  THR A CA   1 
ATOM   133  C C    . THR A 1 23  ? 10.752  -11.813 -2.811  1.00 35.88 0  20  THR A C    1 
ATOM   134  O O    . THR A 1 23  ? 11.684  -11.028 -3.000  1.00 35.20 0  20  THR A O    1 
ATOM   135  C CB   . THR A 1 23  ? 8.344   -11.534 -2.140  1.00 35.13 0  20  THR A CB   1 
ATOM   136  O OG1  . THR A 1 23  ? 8.285   -10.686 -3.300  1.00 29.28 0  20  THR A OG1  1 
ATOM   137  C CG2  . THR A 1 23  ? 7.421   -10.988 -1.048  1.00 28.74 0  20  THR A CG2  1 
ATOM   138  N N    . SER A 1 24  ? 10.509  -12.843 -3.623  1.00 34.79 0  21  SER A N    1 
ATOM   139  C CA   . SER A 1 24  ? 11.291  -12.998 -4.840  1.00 35.67 0  21  SER A CA   1 
ATOM   140  C C    . SER A 1 24  ? 11.141  -11.797 -5.764  1.00 39.37 0  21  SER A C    1 
ATOM   141  O O    . SER A 1 24  ? 11.997  -11.583 -6.626  1.00 37.93 0  21  SER A O    1 
ATOM   142  C CB   . SER A 1 24  ? 10.886  -14.285 -5.564  1.00 40.21 0  21  SER A CB   1 
ATOM   143  O OG   . SER A 1 24  ? 9.506   -14.269 -5.884  1.00 46.02 0  21  SER A OG   1 
ATOM   144  N N    . LYS A 1 25  ? 10.090  -10.994 -5.594  1.00 35.50 0  22  LYS A N    1 
ATOM   145  C CA   . LYS A 1 25  ? 9.922   -9.787  -6.398  1.00 37.92 0  22  LYS A CA   1 
ATOM   146  C C    . LYS A 1 25  ? 10.662  -8.579  -5.825  1.00 38.25 0  22  LYS A C    1 
ATOM   147  O O    . LYS A 1 25  ? 10.510  -7.470  -6.354  1.00 40.33 0  22  LYS A O    1 
ATOM   148  C CB   . LYS A 1 25  ? 8.436   -9.451  -6.556  1.00 37.04 0  22  LYS A CB   1 
ATOM   149  C CG   . LYS A 1 25  ? 7.588   -10.601 -7.096  1.00 38.15 0  22  LYS A CG   1 
ATOM   150  C CD   . LYS A 1 25  ? 8.414   -11.541 -7.960  1.00 44.43 0  22  LYS A CD   1 
ATOM   151  C CE   . LYS A 1 25  ? 7.750   -11.806 -9.294  1.00 47.98 0  22  LYS A CE   1 
ATOM   152  N NZ   . LYS A 1 25  ? 7.880   -10.612 -10.173 1.00 53.20 1  22  LYS A NZ   1 
ATOM   153  N N    . GLY A 1 26  ? 11.446  -8.762  -4.772  1.00 33.32 0  23  GLY A N    1 
ATOM   154  C CA   . GLY A 1 26  ? 12.194  -7.676  -4.175  1.00 30.86 0  23  GLY A CA   1 
ATOM   155  C C    . GLY A 1 26  ? 11.598  -7.206  -2.861  1.00 27.57 0  23  GLY A C    1 
ATOM   156  O O    . GLY A 1 26  ? 10.806  -7.893  -2.212  1.00 25.75 0  23  GLY A O    1 
ATOM   157  N N    . GLU A 1 27  ? 11.994  -5.992  -2.476  1.00 24.45 0  24  GLU A N    1 
ATOM   158  C CA   . GLU A 1 27  ? 11.586  -5.375  -1.222  1.00 25.13 0  24  GLU A CA   1 
ATOM   159  C C    . GLU A 1 27  ? 10.379  -4.472  -1.444  1.00 24.63 0  24  GLU A C    1 
ATOM   160  O O    . GLU A 1 27  ? 10.357  -3.668  -2.377  1.00 22.49 0  24  GLU A O    1 
ATOM   161  C CB   . GLU A 1 27  ? 12.726  -4.552  -0.616  1.00 27.50 0  24  GLU A CB   1 
ATOM   162  C CG   . GLU A 1 27  ? 13.779  -5.352  0.114   1.00 30.28 0  24  GLU A CG   1 
ATOM   163  C CD   . GLU A 1 27  ? 14.757  -4.460  0.862   1.00 27.24 0  24  GLU A CD   1 
ATOM   164  O OE1  . GLU A 1 27  ? 14.828  -3.242  0.566   1.00 25.01 0  24  GLU A OE1  1 
ATOM   165  O OE2  . GLU A 1 27  ? 15.435  -4.984  1.765   1.00 25.89 -1 24  GLU A OE2  1 
ATOM   166  N N    . PHE A 1 28  ? 9.387   -4.608  -0.575  1.00 20.23 0  25  PHE A N    1 
ATOM   167  C CA   . PHE A 1 28  ? 8.174   -3.804  -0.617  1.00 21.88 0  25  PHE A CA   1 
ATOM   168  C C    . PHE A 1 28  ? 7.939   -3.219  0.763   1.00 22.04 0  25  PHE A C    1 
ATOM   169  O O    . PHE A 1 28  ? 8.447   -3.732  1.767   1.00 19.91 0  25  PHE A O    1 
ATOM   170  C CB   . PHE A 1 28  ? 6.940   -4.624  -1.024  1.00 22.36 0  25  PHE A CB   1 
ATOM   171  C CG   . PHE A 1 28  ? 7.052   -5.261  -2.376  1.00 26.27 0  25  PHE A CG   1 
ATOM   172  C CD1  . PHE A 1 28  ? 7.790   -6.426  -2.549  1.00 27.49 0  25  PHE A CD1  1 
ATOM   173  C CD2  . PHE A 1 28  ? 6.423   -4.693  -3.476  1.00 26.27 0  25  PHE A CD2  1 
ATOM   174  C CE1  . PHE A 1 28  ? 7.905   -7.006  -3.807  1.00 29.50 0  25  PHE A CE1  1 
ATOM   175  C CE2  . PHE A 1 28  ? 6.519   -5.273  -4.727  1.00 29.26 0  25  PHE A CE2  1 
ATOM   176  C CZ   . PHE A 1 28  ? 7.261   -6.420  -4.900  1.00 31.30 0  25  PHE A CZ   1 
ATOM   177  N N    . ASN A 1 29  ? 7.148   -2.146  0.801   1.00 19.01 0  26  ASN A N    1 
ATOM   178  C CA   . ASN A 1 29  ? 6.624   -1.634  2.059   1.00 16.94 0  26  ASN A CA   1 
ATOM   179  C C    . ASN A 1 29  ? 5.328   -2.361  2.384   1.00 21.73 0  26  ASN A C    1 
ATOM   180  O O    . ASN A 1 29  ? 4.462   -2.509  1.519   1.00 19.03 0  26  ASN A O    1 
ATOM   181  C CB   . ASN A 1 29  ? 6.373   -0.127  2.011   1.00 13.88 0  26  ASN A CB   1 
ATOM   182  C CG   . ASN A 1 29  ? 5.859   0.404   3.327   1.00 17.47 0  26  ASN A CG   1 
ATOM   183  O OD1  . ASN A 1 29  ? 6.515   0.278   4.354   1.00 22.53 0  26  ASN A OD1  1 
ATOM   184  N ND2  . ASN A 1 29  ? 4.677   1.002   3.305   1.00 18.18 0  26  ASN A ND2  1 
ATOM   185  N N    . MET A 1 30  ? 5.207   -2.808  3.632   1.00 18.64 0  27  MET A N    1 
ATOM   186  C CA   . MET A 1 30  ? 4.005   -3.436  4.150   1.00 19.22 0  27  MET A CA   1 
ATOM   187  C C    . MET A 1 30  ? 3.355   -2.500  5.160   1.00 19.40 0  27  MET A C    1 
ATOM   188  O O    . MET A 1 30  ? 4.025   -2.003  6.076   1.00 20.00 0  27  MET A O    1 
ATOM   189  C CB   . MET A 1 30  ? 4.328   -4.784  4.803   1.00 17.37 0  27  MET A CB   1 
ATOM   190  C CG   . MET A 1 30  ? 3.081   -5.556  5.302   1.00 19.83 0  27  MET A CG   1 
ATOM   191  S SD   . MET A 1 30  ? 3.498   -6.921  6.438   1.00 24.08 0  27  MET A SD   1 
ATOM   192  C CE   . MET A 1 30  ? 3.599   -6.022  7.993   1.00 18.04 0  27  MET A CE   1 
ATOM   193  N N    . LEU A 1 31  ? 2.059   -2.253  4.992   1.00 18.79 0  28  LEU A N    1 
ATOM   194  C CA   . LEU A 1 31  ? 1.320   -1.319  5.838   1.00 19.41 0  28  LEU A CA   1 
ATOM   195  C C    . LEU A 1 31  ? 0.365   -2.105  6.734   1.00 21.18 0  28  LEU A C    1 
ATOM   196  O O    . LEU A 1 31  ? -0.623  -2.667  6.257   1.00 20.71 0  28  LEU A O    1 
ATOM   197  C CB   . LEU A 1 31  ? 0.551   -0.306  4.991   1.00 18.58 0  28  LEU A CB   1 
ATOM   198  C CG   . LEU A 1 31  ? -0.496  0.504   5.761   1.00 22.70 0  28  LEU A CG   1 
ATOM   199  C CD1  . LEU A 1 31  ? 0.183   1.408   6.777   1.00 18.73 0  28  LEU A CD1  1 
ATOM   200  C CD2  . LEU A 1 31  ? -1.348  1.316   4.785   1.00 20.66 0  28  LEU A CD2  1 
ATOM   201  N N    . GLY A 1 32  ? 0.643   -2.127  8.036   1.00 22.96 0  29  GLY A N    1 
ATOM   202  C CA   . GLY A 1 32  ? -0.316  -2.691  8.969   1.00 22.67 0  29  GLY A CA   1 
ATOM   203  C C    . GLY A 1 32  ? -1.540  -1.800  9.087   1.00 22.39 0  29  GLY A C    1 
ATOM   204  O O    . GLY A 1 32  ? -1.444  -0.568  9.084   1.00 21.76 0  29  GLY A O    1 
ATOM   205  N N    . ILE A 1 33  ? -2.710  -2.432  9.184   1.00 20.51 0  30  ILE A N    1 
ATOM   206  C CA   . ILE A 1 33  ? -3.990  -1.726  9.207   1.00 18.27 0  30  ILE A CA   1 
ATOM   207  C C    . ILE A 1 33  ? -4.633  -1.796  10.589  1.00 23.90 0  30  ILE A C    1 
ATOM   208  O O    . ILE A 1 33  ? -5.090  -0.783  11.132  1.00 21.86 0  30  ILE A O    1 
ATOM   209  C CB   . ILE A 1 33  ? -4.950  -2.278  8.128   1.00 17.82 0  30  ILE A CB   1 
ATOM   210  C CG1  . ILE A 1 33  ? -4.323  -2.257  6.724   1.00 19.43 0  30  ILE A CG1  1 
ATOM   211  C CG2  . ILE A 1 33  ? -6.284  -1.518  8.156   1.00 20.25 0  30  ILE A CG2  1 
ATOM   212  C CD1  . ILE A 1 33  ? -4.203  -0.905  6.117   1.00 19.81 0  30  ILE A CD1  1 
ATOM   213  N N    . HIS A 1 34  ? -4.690  -2.992  11.169  1.00 19.78 0  31  HIS A N    1 
ATOM   214  C CA   . HIS A 1 34  ? -5.344  -3.240  12.452  1.00 21.43 0  31  HIS A CA   1 
ATOM   215  C C    . HIS A 1 34  ? -5.094  -4.687  12.820  1.00 24.98 0  31  HIS A C    1 
ATOM   216  O O    . HIS A 1 34  ? -4.903  -5.532  11.936  1.00 23.60 0  31  HIS A O    1 
ATOM   217  C CB   . HIS A 1 34  ? -6.856  -2.975  12.389  1.00 22.75 0  31  HIS A CB   1 
ATOM   218  C CG   . HIS A 1 34  ? -7.613  -4.018  11.618  1.00 23.25 0  31  HIS A CG   1 
ATOM   219  N ND1  . HIS A 1 34  ? -8.262  -5.072  12.228  1.00 25.36 0  31  HIS A ND1  1 
ATOM   220  C CD2  . HIS A 1 34  ? -7.804  -4.179  10.286  1.00 21.17 0  31  HIS A CD2  1 
ATOM   221  C CE1  . HIS A 1 34  ? -8.833  -5.828  11.306  1.00 23.12 0  31  HIS A CE1  1 
ATOM   222  N NE2  . HIS A 1 34  ? -8.565  -5.311  10.118  1.00 23.78 0  31  HIS A NE2  1 
ATOM   223  N N    . ASP A 1 35  ? -5.100  -4.961  14.130  1.00 27.93 0  32  ASP A N    1 
ATOM   224  C CA   . ASP A 1 35  ? -4.925  -6.312  14.662  1.00 24.35 0  32  ASP A CA   1 
ATOM   225  C C    . ASP A 1 35  ? -3.717  -6.955  13.974  1.00 23.61 0  32  ASP A C    1 
ATOM   226  O O    . ASP A 1 35  ? -2.618  -6.382  14.001  1.00 22.34 0  32  ASP A O    1 
ATOM   227  C CB   . ASP A 1 35  ? -6.243  -7.041  14.523  1.00 24.97 0  32  ASP A CB   1 
ATOM   228  C CG   . ASP A 1 35  ? -7.335  -6.395  15.345  1.00 28.13 0  32  ASP A CG   1 
ATOM   229  O OD1  . ASP A 1 35  ? -7.323  -6.611  16.573  1.00 28.08 0  32  ASP A OD1  1 
ATOM   230  O OD2  . ASP A 1 35  ? -8.176  -5.656  14.780  1.00 25.76 -1 32  ASP A OD2  1 
ATOM   231  N N    . ASN A 1 36  ? -3.855  -8.131  13.373  1.00 20.28 0  33  ASN A N    1 
ATOM   232  C CA   . ASN A 1 36  ? -2.756  -8.787  12.675  1.00 23.07 0  33  ASN A CA   1 
ATOM   233  C C    . ASN A 1 36  ? -2.911  -8.697  11.163  1.00 19.45 0  33  ASN A C    1 
ATOM   234  O O    . ASN A 1 36  ? -2.367  -9.535  10.441  1.00 23.62 0  33  ASN A O    1 
ATOM   235  C CB   . ASN A 1 36  ? -2.660  -10.247 13.119  1.00 22.01 0  33  ASN A CB   1 
ATOM   236  C CG   . ASN A 1 36  ? -3.930  -11.025 12.821  1.00 26.06 0  33  ASN A CG   1 
ATOM   237  O OD1  . ASN A 1 36  ? -5.032  -10.479 12.856  1.00 27.70 0  33  ASN A OD1  1 
ATOM   238  N ND2  . ASN A 1 36  ? -3.778  -12.307 12.489  1.00 23.66 0  33  ASN A ND2  1 
ATOM   239  N N    . CYS A 1 37  ? -3.656  -7.707  10.668  1.00 22.17 0  34  CYS A N    1 
ATOM   240  C CA   . CYS A 1 37  ? -3.983  -7.603  9.249   1.00 22.01 0  34  CYS A CA   1 
ATOM   241  C C    . CYS A 1 37  ? -3.171  -6.483  8.606   1.00 21.38 0  34  CYS A C    1 
ATOM   242  O O    . CYS A 1 37  ? -3.257  -5.327  9.036   1.00 21.01 0  34  CYS A O    1 
ATOM   243  C CB   . CYS A 1 37  ? -5.476  -7.347  9.048   1.00 26.20 0  34  CYS A CB   1 
ATOM   244  S SG   . CYS A 1 37  ? -5.940  -7.158  7.307   1.00 26.77 0  34  CYS A SG   1 
ATOM   245  N N    . ALA A 1 38  ? -2.409  -6.825  7.570   1.00 18.21 0  35  ALA A N    1 
ATOM   246  C CA   . ALA A 1 38  ? -1.595  -5.874  6.824   1.00 20.25 0  35  ALA A CA   1 
ATOM   247  C C    . ALA A 1 38  ? -1.980  -5.891  5.352   1.00 21.90 0  35  ALA A C    1 
ATOM   248  O O    . ALA A 1 38  ? -2.653  -6.798  4.858   1.00 23.05 0  35  ALA A O    1 
ATOM   249  C CB   . ALA A 1 38  ? -0.091  -6.163  6.955   1.00 18.18 0  35  ALA A CB   1 
ATOM   250  N N    . VAL A 1 39  ? -1.517  -4.874  4.646   1.00 18.13 0  36  VAL A N    1 
ATOM   251  C CA   . VAL A 1 39  ? -1.741  -4.737  3.219   1.00 16.08 0  36  VAL A CA   1 
ATOM   252  C C    . VAL A 1 39  ? -0.390  -4.780  2.512   1.00 23.51 0  36  VAL A C    1 
ATOM   253  O O    . VAL A 1 39  ? 0.608   -4.252  3.014   1.00 21.06 0  36  VAL A O    1 
ATOM   254  C CB   . VAL A 1 39  ? -2.526  -3.437  2.954   1.00 23.57 0  36  VAL A CB   1 
ATOM   255  C CG1  . VAL A 1 39  ? -1.774  -2.451  2.102   1.00 28.64 0  36  VAL A CG1  1 
ATOM   256  C CG2  . VAL A 1 39  ? -3.911  -3.745  2.448   1.00 27.55 0  36  VAL A CG2  1 
ATOM   257  N N    . VAL A 1 40  ? -0.348  -5.496  1.391   1.00 19.41 0  37  VAL A N    1 
ATOM   258  C CA   . VAL A 1 40  ? 0.819   -5.536  0.511   1.00 17.81 0  37  VAL A CA   1 
ATOM   259  C C    . VAL A 1 40  ? 0.347   -5.509  -0.924  1.00 21.85 0  37  VAL A C    1 
ATOM   260  O O    . VAL A 1 40  ? -0.785  -5.914  -1.239  1.00 23.39 0  37  VAL A O    1 
ATOM   261  C CB   . VAL A 1 40  ? 1.664   -6.801  0.740   1.00 19.82 0  37  VAL A CB   1 
ATOM   262  C CG1  . VAL A 1 40  ? 2.229   -6.837  2.153   1.00 31.69 0  37  VAL A CG1  1 
ATOM   263  C CG2  . VAL A 1 40  ? 0.809   -8.053  0.495   1.00 20.58 0  37  VAL A CG2  1 
ATOM   264  N N    . PRO A 1 41  ? 1.195   -5.068  -1.837  1.00 21.97 0  38  PRO A N    1 
ATOM   265  C CA   . PRO A 1 41  ? 0.805   -5.120  -3.246  1.00 22.35 0  38  PRO A CA   1 
ATOM   266  C C    . PRO A 1 41  ? 0.659   -6.569  -3.704  1.00 24.12 0  38  PRO A C    1 
ATOM   267  O O    . PRO A 1 41  ? 1.465   -7.436  -3.356  1.00 23.34 0  38  PRO A O    1 
ATOM   268  C CB   . PRO A 1 41  ? 1.950   -4.388  -3.960  1.00 24.38 0  38  PRO A CB   1 
ATOM   269  C CG   . PRO A 1 41  ? 2.587   -3.520  -2.839  1.00 19.77 0  38  PRO A CG   1 
ATOM   270  C CD   . PRO A 1 41  ? 2.510   -4.419  -1.653  1.00 19.44 0  38  PRO A CD   1 
ATOM   271  N N    . THR A 1 42  ? -0.400  -6.831  -4.471  1.00 22.12 0  39  THR A N    1 
ATOM   272  C CA   . THR A 1 42  ? -0.643  -8.192  -4.953  1.00 21.77 0  39  THR A CA   1 
ATOM   273  C C    . THR A 1 42  ? 0.533   -8.715  -5.772  1.00 26.80 0  39  THR A C    1 
ATOM   274  O O    . THR A 1 42  ? 0.877   -9.899  -5.681  1.00 25.57 0  39  THR A O    1 
ATOM   275  C CB   . THR A 1 42  ? -1.927  -8.241  -5.780  1.00 22.37 0  39  THR A CB   1 
ATOM   276  O OG1  . THR A 1 42  ? -3.032  -7.885  -4.945  1.00 23.33 0  39  THR A OG1  1 
ATOM   277  C CG2  . THR A 1 42  ? -2.160  -9.655  -6.342  1.00 23.63 0  39  THR A CG2  1 
ATOM   278  N N    . HIS A 1 43  ? 1.171   -7.850  -6.569  1.00 26.26 0  40  HIS A N    1 
ATOM   279  C CA   . HIS A 1 43  ? 2.272   -8.317  -7.414  1.00 30.33 0  40  HIS A CA   1 
ATOM   280  C C    . HIS A 1 43  ? 3.558   -8.582  -6.639  1.00 30.83 0  40  HIS A C    1 
ATOM   281  O O    . HIS A 1 43  ? 4.555   -8.978  -7.252  1.00 29.85 0  40  HIS A O    1 
ATOM   282  C CB   . HIS A 1 43  ? 2.537   -7.321  -8.548  1.00 34.52 0  40  HIS A CB   1 
ATOM   283  C CG   . HIS A 1 43  ? 3.139   -6.019  -8.099  1.00 47.22 0  40  HIS A CG   1 
ATOM   284  N ND1  . HIS A 1 43  ? 2.391   -4.869  -7.925  1.00 47.57 0  40  HIS A ND1  1 
ATOM   285  C CD2  . HIS A 1 43  ? 4.418   -5.683  -7.795  1.00 43.51 0  40  HIS A CD2  1 
ATOM   286  C CE1  . HIS A 1 43  ? 3.184   -3.882  -7.534  1.00 40.04 0  40  HIS A CE1  1 
ATOM   287  N NE2  . HIS A 1 43  ? 4.419   -4.349  -7.453  1.00 49.11 0  40  HIS A NE2  1 
ATOM   288  N N    . ALA A 1 44  ? 3.582   -8.364  -5.321  1.00 24.79 0  41  ALA A N    1 
ATOM   289  C CA   . ALA A 1 44  ? 4.696   -8.867  -4.529  1.00 28.03 0  41  ALA A CA   1 
ATOM   290  C C    . ALA A 1 44  ? 4.669   -10.386 -4.438  1.00 27.61 0  41  ALA A C    1 
ATOM   291  O O    . ALA A 1 44  ? 5.693   -10.997 -4.118  1.00 30.14 0  41  ALA A O    1 
ATOM   292  C CB   . ALA A 1 44  ? 4.687   -8.245  -3.126  1.00 25.67 0  41  ALA A CB   1 
ATOM   293  N N    . GLU A 1 45  ? 3.518   -11.001 -4.713  1.00 29.99 0  42  GLU A N    1 
ATOM   294  C CA   . GLU A 1 45  ? 3.370   -12.458 -4.774  1.00 31.83 0  42  GLU A CA   1 
ATOM   295  C C    . GLU A 1 45  ? 3.802   -13.136 -3.477  1.00 33.58 0  42  GLU A C    1 
ATOM   296  O O    . GLU A 1 45  ? 4.590   -14.087 -3.476  1.00 29.35 0  42  GLU A O    1 
ATOM   297  C CB   . GLU A 1 45  ? 4.130   -13.030 -5.972  1.00 30.11 0  42  GLU A CB   1 
ATOM   298  C CG   . GLU A 1 45  ? 3.514   -12.632 -7.304  1.00 38.87 0  42  GLU A CG   1 
ATOM   299  C CD   . GLU A 1 45  ? 4.335   -13.104 -8.491  1.00 55.38 0  42  GLU A CD   1 
ATOM   300  O OE1  . GLU A 1 45  ? 5.146   -14.047 -8.320  1.00 58.15 0  42  GLU A OE1  1 
ATOM   301  O OE2  . GLU A 1 45  ? 4.173   -12.526 -9.592  1.00 51.93 -1 42  GLU A OE2  1 
ATOM   302  N N    . CYS A 1 46  ? 3.255   -12.659 -2.361  1.00 28.93 0  43  CYS A N    1 
ATOM   303  C CA   . CYS A 1 46  ? 3.613   -13.235 -1.070  1.00 27.23 0  43  CYS A CA   1 
ATOM   304  C C    . CYS A 1 46  ? 3.187   -14.698 -0.997  1.00 33.57 0  43  CYS A C    1 
ATOM   305  O O    . CYS A 1 46  ? 2.148   -15.088 -1.534  1.00 31.01 0  43  CYS A O    1 
ATOM   306  C CB   . CYS A 1 46  ? 2.972   -12.437 0.064   1.00 27.75 0  43  CYS A CB   1 
ATOM   307  S SG   . CYS A 1 46  ? 3.548   -10.708 0.140   1.00 27.97 0  43  CYS A SG   1 
ATOM   308  N N    . GLY A 1 47  ? 4.009   -15.513 -0.335  1.00 33.14 0  44  GLY A N    1 
ATOM   309  C CA   . GLY A 1 47  ? 3.725   -16.920 -0.139  1.00 32.99 0  44  GLY A CA   1 
ATOM   310  C C    . GLY A 1 47  ? 3.042   -17.200 1.186   1.00 36.21 0  44  GLY A C    1 
ATOM   311  O O    . GLY A 1 47  ? 2.536   -16.299 1.863   1.00 33.45 0  44  GLY A O    1 
ATOM   312  N N    . ASP A 1 48  ? 3.018   -18.483 1.555   1.00 34.50 0  45  ASP A N    1 
ATOM   313  C CA   . ASP A 1 48  ? 2.377   -18.877 2.803   1.00 34.15 0  45  ASP A CA   1 
ATOM   314  C C    . ASP A 1 48  ? 3.163   -18.405 4.012   1.00 30.93 0  45  ASP A C    1 
ATOM   315  O O    . ASP A 1 48  ? 2.606   -18.316 5.109   1.00 31.31 0  45  ASP A O    1 
ATOM   316  C CB   . ASP A 1 48  ? 2.187   -20.392 2.849   1.00 41.03 0  45  ASP A CB   1 
ATOM   317  C CG   . ASP A 1 48  ? 1.157   -20.877 1.846   1.00 44.52 0  45  ASP A CG   1 
ATOM   318  O OD1  . ASP A 1 48  ? 1.329   -21.996 1.322   1.00 52.83 0  45  ASP A OD1  1 
ATOM   319  O OD2  . ASP A 1 48  ? 0.186   -20.136 1.577   1.00 44.35 -1 45  ASP A OD2  1 
ATOM   320  N N    . SER A 1 49  ? 4.436   -18.095 3.842   1.00 31.81 0  46  SER A N    1 
ATOM   321  C CA   . SER A 1 49  ? 5.145   -17.298 4.824   1.00 30.97 0  46  SER A CA   1 
ATOM   322  C C    . SER A 1 49  ? 5.932   -16.234 4.081   1.00 33.51 0  46  SER A C    1 
ATOM   323  O O    . SER A 1 49  ? 6.355   -16.430 2.934   1.00 31.90 0  46  SER A O    1 
ATOM   324  C CB   . SER A 1 49  ? 6.059   -18.157 5.733   1.00 36.24 0  46  SER A CB   1 
ATOM   325  O OG   . SER A 1 49  ? 7.323   -18.363 5.151   1.00 41.03 0  46  SER A OG   1 
ATOM   326  N N    . VAL A 1 50  ? 6.088   -15.090 4.742   1.00 30.44 0  47  VAL A N    1 
ATOM   327  C CA   . VAL A 1 50  ? 6.694   -13.911 4.150   1.00 30.16 0  47  VAL A CA   1 
ATOM   328  C C    . VAL A 1 50  ? 7.828   -13.455 5.052   1.00 27.95 0  47  VAL A C    1 
ATOM   329  O O    . VAL A 1 50  ? 7.787   -13.630 6.276   1.00 27.28 0  47  VAL A O    1 
ATOM   330  C CB   . VAL A 1 50  ? 5.661   -12.775 3.946   1.00 28.67 0  47  VAL A CB   1 
ATOM   331  C CG1  . VAL A 1 50  ? 4.603   -13.189 2.921   1.00 29.80 0  47  VAL A CG1  1 
ATOM   332  C CG2  . VAL A 1 50  ? 4.993   -12.424 5.269   1.00 28.89 0  47  VAL A CG2  1 
ATOM   333  N N    . THR A 1 51  ? 8.852   -12.882 4.433   1.00 26.08 0  48  THR A N    1 
ATOM   334  C CA   . THR A 1 51  ? 9.962   -12.272 5.154   1.00 28.98 0  48  THR A CA   1 
ATOM   335  C C    . THR A 1 51  ? 9.586   -10.840 5.512   1.00 30.15 0  48  THR A C    1 
ATOM   336  O O    . THR A 1 51  ? 9.451   -9.986  4.628   1.00 27.86 0  48  THR A O    1 
ATOM   337  C CB   . THR A 1 51  ? 11.228  -12.296 4.308   1.00 29.58 0  48  THR A CB   1 
ATOM   338  O OG1  . THR A 1 51  ? 11.438  -13.624 3.821   1.00 32.72 0  48  THR A OG1  1 
ATOM   339  C CG2  . THR A 1 51  ? 12.429  -11.872 5.147   1.00 26.43 0  48  THR A CG2  1 
ATOM   340  N N    . ILE A 1 52  ? 9.423   -10.580 6.807   1.00 26.46 0  49  ILE A N    1 
ATOM   341  C CA   . ILE A 1 52  ? 9.126   -9.254  7.328   1.00 24.63 0  49  ILE A CA   1 
ATOM   342  C C    . ILE A 1 52  ? 10.287  -8.831  8.218   1.00 25.25 0  49  ILE A C    1 
ATOM   343  O O    . ILE A 1 52  ? 10.639  -9.549  9.162   1.00 24.27 0  49  ILE A O    1 
ATOM   344  C CB   . ILE A 1 52  ? 7.808   -9.244  8.105   1.00 24.20 0  49  ILE A CB   1 
ATOM   345  C CG1  . ILE A 1 52  ? 6.662   -9.682  7.183   1.00 21.56 0  49  ILE A CG1  1 
ATOM   346  C CG2  . ILE A 1 52  ? 7.551   -7.872  8.692   1.00 20.93 0  49  ILE A CG2  1 
ATOM   347  C CD1  . ILE A 1 52  ? 5.354   -9.848  7.906   1.00 19.10 0  49  ILE A CD1  1 
ATOM   348  N N    . ASP A 1 53  ? 10.879  -7.674  7.915   1.00 21.56 0  50  ASP A N    1 
ATOM   349  C CA   . ASP A 1 53  ? 12.044  -7.168  8.647   1.00 24.51 0  50  ASP A CA   1 
ATOM   350  C C    . ASP A 1 53  ? 13.079  -8.279  8.853   1.00 26.57 0  50  ASP A C    1 
ATOM   351  O O    . ASP A 1 53  ? 13.650  -8.440  9.933   1.00 25.52 0  50  ASP A O    1 
ATOM   352  C CB   . ASP A 1 53  ? 11.633  -6.540  9.990   1.00 22.93 0  50  ASP A CB   1 
ATOM   353  C CG   . ASP A 1 53  ? 10.716  -5.324  9.828   1.00 25.42 0  50  ASP A CG   1 
ATOM   354  O OD1  . ASP A 1 53  ? 10.777  -4.674  8.764   1.00 22.66 0  50  ASP A OD1  1 
ATOM   355  O OD2  . ASP A 1 53  ? 9.927   -5.015  10.764  1.00 22.76 -1 50  ASP A OD2  1 
ATOM   356  N N    . GLY A 1 54  ? 13.307  -9.066  7.807   1.00 25.03 0  51  GLY A N    1 
ATOM   357  C CA   . GLY A 1 54  ? 14.330  -10.091 7.835   1.00 25.92 0  51  GLY A CA   1 
ATOM   358  C C    . GLY A 1 54  ? 13.969  -11.372 8.553   1.00 32.83 0  51  GLY A C    1 
ATOM   359  O O    . GLY A 1 54  ? 14.844  -12.228 8.728   1.00 36.14 0  51  GLY A O    1 
ATOM   360  N N    . ARG A 1 55  ? 12.721  -11.552 8.970   1.00 25.73 0  52  ARG A N    1 
ATOM   361  C CA   . ARG A 1 55  ? 12.309  -12.773 9.654   1.00 31.47 0  52  ARG A CA   1 
ATOM   362  C C    . ARG A 1 55  ? 11.132  -13.412 8.930   1.00 31.81 0  52  ARG A C    1 
ATOM   363  O O    . ARG A 1 55  ? 10.283  -12.717 8.367   1.00 28.43 0  52  ARG A O    1 
ATOM   364  C CB   . ARG A 1 55  ? 11.912  -12.492 11.106  1.00 32.41 0  52  ARG A CB   1 
ATOM   365  C CG   . ARG A 1 55  ? 13.038  -11.987 11.995  1.00 39.03 0  52  ARG A CG   1 
ATOM   366  C CD   . ARG A 1 55  ? 12.468  -11.262 13.196  1.00 43.00 0  52  ARG A CD   1 
ATOM   367  N NE   . ARG A 1 55  ? 11.141  -11.761 13.547  1.00 48.29 0  52  ARG A NE   1 
ATOM   368  C CZ   . ARG A 1 55  ? 9.990   -11.273 13.077  1.00 50.00 0  52  ARG A CZ   1 
ATOM   369  N NH1  . ARG A 1 55  ? 9.983   -10.256 12.209  1.00 48.95 1  52  ARG A NH1  1 
ATOM   370  N NH2  . ARG A 1 55  ? 8.840   -11.813 13.468  1.00 41.25 0  52  ARG A NH2  1 
ATOM   371  N N    . GLU A 1 56  ? 11.062  -14.745 8.973   1.00 30.03 0  53  GLU A N    1 
ATOM   372  C CA   . GLU A 1 56  ? 9.935   -15.444 8.361   1.00 29.67 0  53  GLU A CA   1 
ATOM   373  C C    . GLU A 1 56  ? 8.717   -15.347 9.267   1.00 28.00 0  53  GLU A C    1 
ATOM   374  O O    . GLU A 1 56  ? 8.783   -15.671 10.455  1.00 28.11 0  53  GLU A O    1 
ATOM   375  C CB   . GLU A 1 56  ? 10.261  -16.913 8.074   1.00 33.08 0  53  GLU A CB   1 
ATOM   376  C CG   . GLU A 1 56  ? 11.390  -17.117 7.070   1.00 36.62 0  53  GLU A CG   1 
ATOM   377  C CD   . GLU A 1 56  ? 11.101  -16.481 5.722   1.00 37.45 0  53  GLU A CD   1 
ATOM   378  O OE1  . GLU A 1 56  ? 10.130  -16.896 5.046   1.00 37.60 0  53  GLU A OE1  1 
ATOM   379  O OE2  . GLU A 1 56  ? 11.841  -15.547 5.349   1.00 36.03 -1 53  GLU A OE2  1 
ATOM   380  N N    . VAL A 1 57  ? 7.607   -14.884 8.702   1.00 29.36 0  54  VAL A N    1 
ATOM   381  C CA   . VAL A 1 57  ? 6.341   -14.759 9.408   1.00 23.28 0  54  VAL A CA   1 
ATOM   382  C C    . VAL A 1 57  ? 5.304   -15.597 8.667   1.00 28.07 0  54  VAL A C    1 
ATOM   383  O O    . VAL A 1 57  ? 5.137   -15.448 7.450   1.00 25.13 0  54  VAL A O    1 
ATOM   384  C CB   . VAL A 1 57  ? 5.891   -13.288 9.505   1.00 25.92 0  54  VAL A CB   1 
ATOM   385  C CG1  . VAL A 1 57  ? 4.535   -13.190 10.199  1.00 21.11 0  54  VAL A CG1  1 
ATOM   386  C CG2  . VAL A 1 57  ? 6.961   -12.445 10.233  1.00 28.28 0  54  VAL A CG2  1 
ATOM   387  N N    . ARG A 1 58  ? 4.608   -16.466 9.399   1.00 24.80 0  55  ARG A N    1 
ATOM   388  C CA   . ARG A 1 58  ? 3.583   -17.301 8.787   1.00 22.84 0  55  ARG A CA   1 
ATOM   389  C C    . ARG A 1 58  ? 2.333   -16.487 8.485   1.00 23.26 0  55  ARG A C    1 
ATOM   390  O O    . ARG A 1 58  ? 1.849   -15.733 9.340   1.00 25.93 0  55  ARG A O    1 
ATOM   391  C CB   . ARG A 1 58  ? 3.231   -18.479 9.697   1.00 30.23 0  55  ARG A CB   1 
ATOM   392  C CG   . ARG A 1 58  ? 2.024   -19.263 9.201   1.00 32.64 0  55  ARG A CG   1 
ATOM   393  C CD   . ARG A 1 58  ? 2.010   -20.690 9.730   1.00 42.78 0  55  ARG A CD   1 
ATOM   394  N NE   . ARG A 1 58  ? 1.579   -20.766 11.118  1.00 38.43 0  55  ARG A NE   1 
ATOM   395  C CZ   . ARG A 1 58  ? 0.516   -21.451 11.522  1.00 43.37 0  55  ARG A CZ   1 
ATOM   396  N NH1  . ARG A 1 58  ? -0.207  -22.125 10.636  1.00 44.42 1  55  ARG A NH1  1 
ATOM   397  N NH2  . ARG A 1 58  ? 0.186   -21.477 12.806  1.00 38.41 0  55  ARG A NH2  1 
ATOM   398  N N    . VAL A 1 59  ? 1.814   -16.643 7.268   1.00 28.78 0  56  VAL A N    1 
ATOM   399  C CA   . VAL A 1 59  ? 0.565   -16.007 6.846   1.00 24.00 0  56  VAL A CA   1 
ATOM   400  C C    . VAL A 1 59  ? -0.587  -16.956 7.163   1.00 26.36 0  56  VAL A C    1 
ATOM   401  O O    . VAL A 1 59  ? -0.695  -18.029 6.570   1.00 24.95 0  56  VAL A O    1 
ATOM   402  C CB   . VAL A 1 59  ? 0.579   -15.656 5.353   1.00 24.05 0  56  VAL A CB   1 
ATOM   403  C CG1  . VAL A 1 59  ? -0.804  -15.145 4.907   1.00 23.15 0  56  VAL A CG1  1 
ATOM   404  C CG2  . VAL A 1 59  ? 1.649   -14.610 5.061   1.00 24.35 0  56  VAL A CG2  1 
ATOM   405  N N    . LEU A 1 60  ? -1.468  -16.546 8.079   1.00 22.86 0  57  LEU A N    1 
ATOM   406  C CA   . LEU A 1 60  ? -2.610  -17.386 8.430   1.00 24.95 0  57  LEU A CA   1 
ATOM   407  C C    . LEU A 1 60  ? -3.644  -17.403 7.312   1.00 31.68 0  57  LEU A C    1 
ATOM   408  O O    . LEU A 1 60  ? -4.245  -18.445 7.027   1.00 31.50 0  57  LEU A O    1 
ATOM   409  C CB   . LEU A 1 60  ? -3.242  -16.900 9.729   1.00 23.90 0  57  LEU A CB   1 
ATOM   410  C CG   . LEU A 1 60  ? -2.371  -16.952 10.987  1.00 25.26 0  57  LEU A CG   1 
ATOM   411  C CD1  . LEU A 1 60  ? -3.063  -16.216 12.127  1.00 28.60 0  57  LEU A CD1  1 
ATOM   412  C CD2  . LEU A 1 60  ? -2.035  -18.390 11.373  1.00 27.69 0  57  LEU A CD2  1 
ATOM   413  N N    . LYS A 1 61  ? -3.857  -16.262 6.663   1.00 26.43 0  58  LYS A N    1 
ATOM   414  C CA   . LYS A 1 61  ? -4.813  -16.141 5.576   1.00 23.58 0  58  LYS A CA   1 
ATOM   415  C C    . LYS A 1 61  ? -4.384  -14.981 4.690   1.00 28.79 0  58  LYS A C    1 
ATOM   416  O O    . LYS A 1 61  ? -3.864  -13.973 5.180   1.00 24.84 0  58  LYS A O    1 
ATOM   417  C CB   . LYS A 1 61  ? -6.238  -15.912 6.096   1.00 23.49 0  58  LYS A CB   1 
ATOM   418  C CG   . LYS A 1 61  ? -7.284  -15.649 5.006   1.00 34.21 0  58  LYS A CG   1 
ATOM   419  C CD   . LYS A 1 61  ? -8.693  -15.521 5.600   1.00 36.46 0  58  LYS A CD   1 
ATOM   420  C CE   . LYS A 1 61  ? -9.772  -15.545 4.515   1.00 48.95 0  58  LYS A CE   1 
ATOM   421  N NZ   . LYS A 1 61  ? -11.133 -15.833 5.077   1.00 53.54 1  58  LYS A NZ   1 
ATOM   422  N N    . GLN A 1 62  ? -4.590  -15.150 3.382   1.00 26.83 0  59  GLN A N    1 
ATOM   423  C CA   . GLN A 1 62  ? -4.273  -14.144 2.372   1.00 25.94 0  59  GLN A CA   1 
ATOM   424  C C    . GLN A 1 62  ? -5.541  -13.863 1.573   1.00 31.88 0  59  GLN A C    1 
ATOM   425  O O    . GLN A 1 62  ? -6.232  -14.803 1.165   1.00 30.37 0  59  GLN A O    1 
ATOM   426  C CB   . GLN A 1 62  ? -3.128  -14.649 1.475   1.00 30.34 0  59  GLN A CB   1 
ATOM   427  C CG   . GLN A 1 62  ? -2.808  -13.794 0.250   1.00 35.95 0  59  GLN A CG   1 
ATOM   428  C CD   . GLN A 1 62  ? -1.518  -14.223 -0.453  1.00 37.29 0  59  GLN A CD   1 
ATOM   429  O OE1  . GLN A 1 62  ? -0.758  -15.046 0.061   1.00 38.55 0  59  GLN A OE1  1 
ATOM   430  N NE2  . GLN A 1 62  ? -1.265  -13.658 -1.634  1.00 36.76 0  59  GLN A NE2  1 
ATOM   431  N N    . CYS A 1 63  ? -5.889  -12.584 1.398   1.00 25.49 0  60  CYS A N    1 
ATOM   432  C CA   . CYS A 1 63  ? -7.064  -12.200 0.609   1.00 25.84 0  60  CYS A CA   1 
ATOM   433  C C    . CYS A 1 63  ? -6.634  -11.260 -0.508  1.00 28.30 0  60  CYS A C    1 
ATOM   434  O O    . CYS A 1 63  ? -6.231  -10.122 -0.248  1.00 22.09 0  60  CYS A O    1 
ATOM   435  C CB   . CYS A 1 63  ? -8.141  -11.531 1.465   1.00 27.24 0  60  CYS A CB   1 
ATOM   436  S SG   . CYS A 1 63  ? -8.581  -12.419 2.962   1.00 41.09 0  60  CYS A SG   1 
ATOM   437  N N    . ILE A 1 64  ? -6.743  -11.720 -1.747  1.00 27.82 0  61  ILE A N    1 
ATOM   438  C CA   . ILE A 1 64  ? -6.410  -10.903 -2.907  1.00 25.94 0  61  ILE A CA   1 
ATOM   439  C C    . ILE A 1 64  ? -7.679  -10.149 -3.286  1.00 29.26 0  61  ILE A C    1 
ATOM   440  O O    . ILE A 1 64  ? -8.660  -10.750 -3.722  1.00 26.28 0  61  ILE A O    1 
ATOM   441  C CB   . ILE A 1 64  ? -5.880  -11.766 -4.057  1.00 26.97 0  61  ILE A CB   1 
ATOM   442  C CG1  . ILE A 1 64  ? -4.606  -12.491 -3.612  1.00 29.68 0  61  ILE A CG1  1 
ATOM   443  C CG2  . ILE A 1 64  ? -5.627  -10.938 -5.305  1.00 25.44 0  61  ILE A CG2  1 
ATOM   444  C CD1  . ILE A 1 64  ? -4.123  -13.579 -4.557  1.00 31.78 0  61  ILE A CD1  1 
ATOM   445  N N    . LEU A 1 65  ? -7.677  -8.835  -3.084  1.00 23.69 0  62  LEU A N    1 
ATOM   446  C CA   . LEU A 1 65  ? -8.895  -8.057  -3.225  1.00 23.16 0  62  LEU A CA   1 
ATOM   447  C C    . LEU A 1 65  ? -9.194  -7.741  -4.681  1.00 26.99 0  62  LEU A C    1 
ATOM   448  O O    . LEU A 1 65  ? -8.309  -7.374  -5.465  1.00 24.20 0  62  LEU A O    1 
ATOM   449  C CB   . LEU A 1 65  ? -8.801  -6.756  -2.429  1.00 24.38 0  62  LEU A CB   1 
ATOM   450  C CG   . LEU A 1 65  ? -8.725  -6.944  -0.911  1.00 29.56 0  62  LEU A CG   1 
ATOM   451  C CD1  . LEU A 1 65  ? -8.617  -5.592  -0.197  1.00 27.75 0  62  LEU A CD1  1 
ATOM   452  C CD2  . LEU A 1 65  ? -9.926  -7.755  -0.402  1.00 32.65 0  62  LEU A CD2  1 
ATOM   453  N N    . THR A 1 66  ? -10.475 -7.818  -5.007  1.00 24.55 0  63  THR A N    1 
ATOM   454  C CA   . THR A 1 66  ? -10.984 -7.698  -6.356  1.00 32.31 0  63  THR A CA   1 
ATOM   455  C C    . THR A 1 66  ? -12.211 -6.795  -6.294  1.00 28.24 0  63  THR A C    1 
ATOM   456  O O    . THR A 1 66  ? -12.811 -6.631  -5.230  1.00 33.21 0  63  THR A O    1 
ATOM   457  C CB   . THR A 1 66  ? -11.292 -9.111  -6.887  1.00 32.94 0  63  THR A CB   1 
ATOM   458  O OG1  . THR A 1 66  ? -10.572 -9.347  -8.097  1.00 39.79 0  63  THR A OG1  1 
ATOM   459  C CG2  . THR A 1 66  ? -12.775 -9.333  -7.078  1.00 34.13 0  63  THR A CG2  1 
ATOM   460  N N    . ASP A 1 67  ? -12.573 -6.180  -7.419  1.00 31.80 0  64  ASP A N    1 
ATOM   461  C CA   . ASP A 1 67  ? -13.854 -5.482  -7.464  1.00 31.86 0  64  ASP A CA   1 
ATOM   462  C C    . ASP A 1 67  ? -14.959 -6.498  -7.786  1.00 35.99 0  64  ASP A C    1 
ATOM   463  O O    . ASP A 1 67  ? -14.698 -7.693  -7.928  1.00 32.22 0  64  ASP A O    1 
ATOM   464  C CB   . ASP A 1 67  ? -13.797 -4.308  -8.448  1.00 31.15 0  64  ASP A CB   1 
ATOM   465  C CG   . ASP A 1 67  ? -13.770 -4.738  -9.913  1.00 34.66 0  64  ASP A CG   1 
ATOM   466  O OD1  . ASP A 1 67  ? -13.689 -5.940  -10.220 1.00 37.85 0  64  ASP A OD1  1 
ATOM   467  O OD2  . ASP A 1 67  ? -13.822 -3.841  -10.779 1.00 37.04 -1 64  ASP A OD2  1 
ATOM   468  N N    . THR A 1 68  ? -16.212 -6.036  -7.897  1.00 39.78 0  65  THR A N    1 
ATOM   469  C CA   . THR A 1 68  ? -17.309 -6.980  -8.132  1.00 46.89 0  65  THR A CA   1 
ATOM   470  C C    . THR A 1 68  ? -17.267 -7.611  -9.517  1.00 45.84 0  65  THR A C    1 
ATOM   471  O O    . THR A 1 68  ? -18.125 -8.443  -9.824  1.00 48.95 0  65  THR A O    1 
ATOM   472  C CB   . THR A 1 68  ? -18.681 -6.317  -7.926  1.00 44.09 0  65  THR A CB   1 
ATOM   473  O OG1  . THR A 1 68  ? -18.924 -5.359  -8.961  1.00 45.83 0  65  THR A OG1  1 
ATOM   474  C CG2  . THR A 1 68  ? -18.764 -5.630  -6.566  1.00 44.64 0  65  THR A CG2  1 
ATOM   475  N N    . ASN A 1 69  ? -16.311 -7.237  -10.365 1.00 45.66 0  66  ASN A N    1 
ATOM   476  C CA   . ASN A 1 69  ? -16.090 -7.918  -11.632 1.00 42.35 0  66  ASN A CA   1 
ATOM   477  C C    . ASN A 1 69  ? -14.797 -8.717  -11.617 1.00 40.99 0  66  ASN A C    1 
ATOM   478  O O    . ASN A 1 69  ? -14.250 -9.030  -12.676 1.00 40.58 0  66  ASN A O    1 
ATOM   479  C CB   . ASN A 1 69  ? -16.100 -6.915  -12.786 1.00 49.53 0  66  ASN A CB   1 
ATOM   480  C CG   . ASN A 1 69  ? -17.494 -6.401  -13.090 1.00 57.50 0  66  ASN A CG   1 
ATOM   481  O OD1  . ASN A 1 69  ? -18.447 -7.181  -13.215 1.00 63.63 0  66  ASN A OD1  1 
ATOM   482  N ND2  . ASN A 1 69  ? -17.629 -5.085  -13.186 1.00 55.36 0  66  ASN A ND2  1 
ATOM   483  N N    . ASP A 1 70  ? -14.300 -9.052  -10.426 1.00 40.30 0  67  ASP A N    1 
ATOM   484  C CA   . ASP A 1 70  ? -13.119 -9.896  -10.261 1.00 37.66 0  67  ASP A CA   1 
ATOM   485  C C    . ASP A 1 70  ? -11.875 -9.289  -10.903 1.00 35.69 0  67  ASP A C    1 
ATOM   486  O O    . ASP A 1 70  ? -10.956 -10.013 -11.292 1.00 30.54 0  67  ASP A O    1 
ATOM   487  C CB   . ASP A 1 70  ? -13.367 -11.308 -10.803 1.00 42.61 0  67  ASP A CB   1 
ATOM   488  C CG   . ASP A 1 70  ? -14.339 -12.097 -9.942  1.00 52.44 0  67  ASP A CG   1 
ATOM   489  O OD1  . ASP A 1 70  ? -14.630 -11.641 -8.815  1.00 50.96 0  67  ASP A OD1  1 
ATOM   490  O OD2  . ASP A 1 70  ? -14.814 -13.168 -10.385 1.00 59.67 -1 67  ASP A OD2  1 
ATOM   491  N N    . THR A 1 71  ? -11.826 -7.958  -11.004 1.00 30.76 0  68  THR A N    1 
ATOM   492  C CA   . THR A 1 71  ? -10.622 -7.264  -11.447 1.00 32.48 0  68  THR A CA   1 
ATOM   493  C C    . THR A 1 71  ? -9.737  -6.953  -10.244 1.00 26.42 0  68  THR A C    1 
ATOM   494  O O    . THR A 1 71  ? -10.219 -6.449  -9.227  1.00 26.52 0  68  THR A O    1 
ATOM   495  C CB   . THR A 1 71  ? -10.976 -5.972  -12.187 1.00 32.64 0  68  THR A CB   1 
ATOM   496  O OG1  . THR A 1 71  ? -11.832 -6.278  -13.300 1.00 35.45 0  68  THR A OG1  1 
ATOM   497  C CG2  . THR A 1 71  ? -9.710  -5.270  -12.688 1.00 27.57 0  68  THR A CG2  1 
ATOM   498  N N    . ASP A 1 72  ? -8.446  -7.251  -10.370 1.00 25.92 0  69  ASP A N    1 
ATOM   499  C CA   . ASP A 1 72  ? -7.492  -6.973  -9.303  1.00 27.56 0  69  ASP A CA   1 
ATOM   500  C C    . ASP A 1 72  ? -7.539  -5.517  -8.866  1.00 23.33 0  69  ASP A C    1 
ATOM   501  O O    . ASP A 1 72  ? -7.551  -4.605  -9.692  1.00 21.03 0  69  ASP A O    1 
ATOM   502  C CB   . ASP A 1 72  ? -6.082  -7.303  -9.776  1.00 25.90 0  69  ASP A CB   1 
ATOM   503  C CG   . ASP A 1 72  ? -5.784  -8.771  -9.719  1.00 31.11 0  69  ASP A CG   1 
ATOM   504  O OD1  . ASP A 1 72  ? -6.160  -9.396  -8.710  1.00 34.30 0  69  ASP A OD1  1 
ATOM   505  O OD2  . ASP A 1 72  ? -5.168  -9.291  -10.673 1.00 31.99 -1 69  ASP A OD2  1 
ATOM   506  N N    . THR A 1 73  ? -7.553  -5.298  -7.553  1.00 25.01 0  70  THR A N    1 
ATOM   507  C CA   . THR A 1 73  ? -7.269  -3.976  -7.014  1.00 21.67 0  70  THR A CA   1 
ATOM   508  C C    . THR A 1 73  ? -5.772  -3.737  -6.828  1.00 22.20 0  70  THR A C    1 
ATOM   509  O O    . THR A 1 73  ? -5.374  -2.596  -6.567  1.00 20.43 0  70  THR A O    1 
ATOM   510  C CB   . THR A 1 73  ? -7.960  -3.770  -5.659  1.00 22.85 0  70  THR A CB   1 
ATOM   511  O OG1  . THR A 1 73  ? -7.361  -4.645  -4.689  1.00 21.83 0  70  THR A OG1  1 
ATOM   512  C CG2  . THR A 1 73  ? -9.450  -4.041  -5.753  1.00 23.72 0  70  THR A CG2  1 
ATOM   513  N N    . GLU A 1 74  ? -4.945  -4.776  -6.927  1.00 21.18 0  71  GLU A N    1 
ATOM   514  C CA   . GLU A 1 74  ? -3.514  -4.773  -6.621  1.00 22.92 0  71  GLU A CA   1 
ATOM   515  C C    . GLU A 1 74  ? -3.279  -4.761  -5.111  1.00 21.16 0  71  GLU A C    1 
ATOM   516  O O    . GLU A 1 74  ? -2.115  -4.678  -4.671  1.00 21.20 0  71  GLU A O    1 
ATOM   517  C CB   . GLU A 1 74  ? -2.769  -3.579  -7.245  1.00 22.54 0  71  GLU A CB   1 
ATOM   518  C CG   . GLU A 1 74  ? -1.681  -3.906  -8.253  1.00 28.75 0  71  GLU A CG   1 
ATOM   519  C CD   . GLU A 1 74  ? -0.981  -5.248  -8.030  1.00 29.94 0  71  GLU A CD   1 
ATOM   520  O OE1  . GLU A 1 74  ? -1.489  -6.264  -8.525  1.00 27.29 0  71  GLU A OE1  1 
ATOM   521  O OE2  . GLU A 1 74  ? 0.097   -5.282  -7.411  1.00 30.40 -1 71  GLU A OE2  1 
ATOM   522  N N    . ILE A 1 75  ? -4.331  -4.828  -4.302  1.00 23.87 0  72  ILE A N    1 
ATOM   523  C CA   . ILE A 1 75  ? -4.214  -4.915  -2.856  1.00 21.63 0  72  ILE A CA   1 
ATOM   524  C C    . ILE A 1 75  ? -4.449  -6.349  -2.406  1.00 23.05 0  72  ILE A C    1 
ATOM   525  O O    . ILE A 1 75  ? -5.476  -6.960  -2.733  1.00 22.52 0  72  ILE A O    1 
ATOM   526  C CB   . ILE A 1 75  ? -5.194  -3.966  -2.153  1.00 22.16 0  72  ILE A CB   1 
ATOM   527  C CG1  . ILE A 1 75  ? -4.764  -2.517  -2.363  1.00 24.73 0  72  ILE A CG1  1 
ATOM   528  C CG2  . ILE A 1 75  ? -5.271  -4.311  -0.674  1.00 21.15 0  72  ILE A CG2  1 
ATOM   529  C CD1  . ILE A 1 75  ? -5.834  -1.551  -2.058  1.00 22.38 0  72  ILE A CD1  1 
ATOM   530  N N    . THR A 1 76  ? -3.510  -6.870  -1.625  1.00 23.52 0  73  THR A N    1 
ATOM   531  C CA   . THR A 1 76  ? -3.655  -8.144  -0.944  1.00 23.40 0  73  THR A CA   1 
ATOM   532  C C    . THR A 1 76  ? -3.602  -7.900  0.557   1.00 24.49 0  73  THR A C    1 
ATOM   533  O O    . THR A 1 76  ? -2.740  -7.152  1.033   1.00 21.42 0  73  THR A O    1 
ATOM   534  C CB   . THR A 1 76  ? -2.552  -9.108  -1.377  1.00 24.72 0  73  THR A CB   1 
ATOM   535  O OG1  . THR A 1 76  ? -2.785  -9.497  -2.736  1.00 23.18 0  73  THR A OG1  1 
ATOM   536  C CG2  . THR A 1 76  ? -2.525  -10.327 -0.486  1.00 24.76 0  73  THR A CG2  1 
ATOM   537  N N    . LEU A 1 77  ? -4.552  -8.497  1.291   1.00 22.86 0  74  LEU A N    1 
ATOM   538  C CA   . LEU A 1 77  ? -4.549  -8.475  2.748   1.00 20.73 0  74  LEU A CA   1 
ATOM   539  C C    . LEU A 1 77  ? -3.812  -9.702  3.260   1.00 22.29 0  74  LEU A C    1 
ATOM   540  O O    . LEU A 1 77  ? -4.064  -10.817 2.790   1.00 20.74 0  74  LEU A O    1 
ATOM   541  C CB   . LEU A 1 77  ? -5.977  -8.473  3.317   1.00 26.91 0  74  LEU A CB   1 
ATOM   542  C CG   . LEU A 1 77  ? -7.021  -7.435  2.889   1.00 27.55 0  74  LEU A CG   1 
ATOM   543  C CD1  . LEU A 1 77  ? -8.232  -7.488  3.804   1.00 27.70 0  74  LEU A CD1  1 
ATOM   544  C CD2  . LEU A 1 77  ? -6.433  -6.036  2.875   1.00 29.90 0  74  LEU A CD2  1 
ATOM   545  N N    . LEU A 1 78  ? -2.901  -9.504  4.206   1.00 21.69 0  75  LEU A N    1 
ATOM   546  C CA   . LEU A 1 78  ? -2.257  -10.612 4.903   1.00 21.91 0  75  LEU A CA   1 
ATOM   547  C C    . LEU A 1 78  ? -2.722  -10.613 6.348   1.00 23.15 0  75  LEU A C    1 
ATOM   548  O O    . LEU A 1 78  ? -2.676  -9.575  7.018   1.00 23.16 0  75  LEU A O    1 
ATOM   549  C CB   . LEU A 1 78  ? -0.734  -10.516 4.861   1.00 18.82 0  75  LEU A CB   1 
ATOM   550  C CG   . LEU A 1 78  ? -0.050  -10.334 3.510   1.00 24.33 0  75  LEU A CG   1 
ATOM   551  C CD1  . LEU A 1 78  ? 1.449   -10.189 3.736   1.00 26.40 0  75  LEU A CD1  1 
ATOM   552  C CD2  . LEU A 1 78  ? -0.385  -11.496 2.583   1.00 26.13 0  75  LEU A CD2  1 
ATOM   553  N N    . TRP A 1 79  ? -3.184  -11.762 6.822   1.00 22.62 0  76  TRP A N    1 
ATOM   554  C CA   . TRP A 1 79  ? -3.450  -11.956 8.244   1.00 22.46 0  76  TRP A CA   1 
ATOM   555  C C    . TRP A 1 79  ? -2.283  -12.774 8.779   1.00 22.72 0  76  TRP A C    1 
ATOM   556  O O    . TRP A 1 79  ? -2.085  -13.927 8.379   1.00 24.26 0  76  TRP A O    1 
ATOM   557  C CB   . TRP A 1 79  ? -4.791  -12.648 8.487   1.00 24.60 0  76  TRP A CB   1 
ATOM   558  C CG   . TRP A 1 79  ? -5.981  -11.911 7.922   1.00 24.96 0  76  TRP A CG   1 
ATOM   559  C CD1  . TRP A 1 79  ? -6.430  -11.947 6.632   1.00 24.68 0  76  TRP A CD1  1 
ATOM   560  C CD2  . TRP A 1 79  ? -6.891  -11.062 8.638   1.00 25.62 0  76  TRP A CD2  1 
ATOM   561  N NE1  . TRP A 1 79  ? -7.547  -11.161 6.495   1.00 25.15 0  76  TRP A NE1  1 
ATOM   562  C CE2  . TRP A 1 79  ? -7.853  -10.609 7.714   1.00 24.06 0  76  TRP A CE2  1 
ATOM   563  C CE3  . TRP A 1 79  ? -6.982  -10.642 9.966   1.00 25.12 0  76  TRP A CE3  1 
ATOM   564  C CZ2  . TRP A 1 79  ? -8.899  -9.762  8.079   1.00 27.06 0  76  TRP A CZ2  1 
ATOM   565  C CZ3  . TRP A 1 79  ? -8.019  -9.791  10.330  1.00 29.71 0  76  TRP A CZ3  1 
ATOM   566  C CH2  . TRP A 1 79  ? -8.966  -9.361  9.388   1.00 29.67 0  76  TRP A CH2  1 
ATOM   567  N N    . LEU A 1 80  ? -1.504  -12.165 9.663   1.00 18.50 0  77  LEU A N    1 
ATOM   568  C CA   . LEU A 1 80  ? -0.191  -12.653 10.057  1.00 23.20 0  77  LEU A CA   1 
ATOM   569  C C    . LEU A 1 80  ? -0.231  -13.365 11.400  1.00 22.96 0  77  LEU A C    1 
ATOM   570  O O    . LEU A 1 80  ? -0.982  -12.991 12.302  1.00 26.38 0  77  LEU A O    1 
ATOM   571  C CB   . LEU A 1 80  ? 0.796   -11.488 10.130  1.00 20.98 0  77  LEU A CB   1 
ATOM   572  C CG   . LEU A 1 80  ? 0.882   -10.708 8.820   1.00 19.61 0  77  LEU A CG   1 
ATOM   573  C CD1  . LEU A 1 80  ? 1.650   -9.398  9.017   1.00 22.36 0  77  LEU A CD1  1 
ATOM   574  C CD2  . LEU A 1 80  ? 1.571   -11.565 7.787   1.00 22.31 0  77  LEU A CD2  1 
ATOM   575  N N    . ASP A 1 81  ? 0.611   -14.389 11.531  1.00 26.26 0  78  ASP A N    1 
ATOM   576  C CA   . ASP A 1 81  ? 0.704   -15.162 12.771  1.00 25.48 0  78  ASP A CA   1 
ATOM   577  C C    . ASP A 1 81  ? 1.719   -14.493 13.693  1.00 23.91 0  78  ASP A C    1 
ATOM   578  O O    . ASP A 1 81  ? 2.875   -14.898 13.802  1.00 28.71 0  78  ASP A O    1 
ATOM   579  C CB   . ASP A 1 81  ? 1.072   -16.609 12.472  1.00 25.72 0  78  ASP A CB   1 
ATOM   580  C CG   . ASP A 1 81  ? 0.948   -17.503 13.697  1.00 30.97 0  78  ASP A CG   1 
ATOM   581  O OD1  . ASP A 1 81  ? 0.246   -17.112 14.656  1.00 26.80 0  78  ASP A OD1  1 
ATOM   582  O OD2  . ASP A 1 81  ? 1.551   -18.586 13.699  1.00 30.24 -1 78  ASP A OD2  1 
ATOM   583  N N    . GLN A 1 82  ? 1.263   -13.440 14.366  1.00 23.76 0  79  GLN A N    1 
ATOM   584  C CA   . GLN A 1 82  ? 2.101   -12.620 15.233  1.00 28.60 0  79  GLN A CA   1 
ATOM   585  C C    . GLN A 1 82  ? 1.287   -12.233 16.457  1.00 27.38 0  79  GLN A C    1 
ATOM   586  O O    . GLN A 1 82  ? 0.052   -12.213 16.420  1.00 24.59 0  79  GLN A O    1 
ATOM   587  C CB   . GLN A 1 82  ? 2.593   -11.340 14.522  1.00 29.00 0  79  GLN A CB   1 
ATOM   588  C CG   . GLN A 1 82  ? 1.479   -10.299 14.360  1.00 28.59 0  79  GLN A CG   1 
ATOM   589  C CD   . GLN A 1 82  ? 1.831   -9.122  13.453  1.00 30.95 0  79  GLN A CD   1 
ATOM   590  O OE1  . GLN A 1 82  ? 2.764   -9.189  12.648  1.00 27.97 0  79  GLN A OE1  1 
ATOM   591  N NE2  . GLN A 1 82  ? 1.057   -8.037  13.574  1.00 30.73 0  79  GLN A NE2  1 
ATOM   592  N N    . ASN A 1 83  ? 1.999   -11.923 17.548  1.00 25.85 0  80  ASN A N    1 
ATOM   593  C CA   . ASN A 1 83  ? 1.366   -11.419 18.762  1.00 25.88 0  80  ASN A CA   1 
ATOM   594  C C    . ASN A 1 83  ? 1.071   -9.932  18.669  1.00 28.89 0  80  ASN A C    1 
ATOM   595  O O    . ASN A 1 83  ? 0.085   -9.462  19.240  1.00 26.66 0  80  ASN A O    1 
ATOM   596  C CB   . ASN A 1 83  ? 2.262   -11.681 19.982  1.00 24.40 0  80  ASN A CB   1 
ATOM   597  C CG   . ASN A 1 83  ? 1.611   -11.262 21.290  1.00 29.71 0  80  ASN A CG   1 
ATOM   598  O OD1  . ASN A 1 83  ? 0.518   -11.710 21.621  1.00 29.29 0  80  ASN A OD1  1 
ATOM   599  N ND2  . ASN A 1 83  ? 2.289   -10.416 22.048  1.00 30.59 0  80  ASN A ND2  1 
ATOM   600  N N    . GLU A 1 84  ? 1.909   -9.184  17.958  1.00 28.77 0  81  GLU A N    1 
ATOM   601  C CA   . GLU A 1 84  ? 1.725   -7.745  17.874  1.00 33.17 0  81  GLU A CA   1 
ATOM   602  C C    . GLU A 1 84  ? 0.402   -7.391  17.208  1.00 28.04 0  81  GLU A C    1 
ATOM   603  O O    . GLU A 1 84  ? -0.053  -8.065  16.279  1.00 26.42 0  81  GLU A O    1 
ATOM   604  C CB   . GLU A 1 84  ? 2.874   -7.096  17.100  1.00 35.65 0  81  GLU A CB   1 
ATOM   605  C CG   . GLU A 1 84  ? 2.642   -5.605  16.897  1.00 34.62 0  81  GLU A CG   1 
ATOM   606  C CD   . GLU A 1 84  ? 3.619   -4.974  15.936  1.00 36.01 0  81  GLU A CD   1 
ATOM   607  O OE1  . GLU A 1 84  ? 3.489   -3.748  15.696  1.00 36.39 0  81  GLU A OE1  1 
ATOM   608  O OE2  . GLU A 1 84  ? 4.505   -5.699  15.417  1.00 36.41 -1 81  GLU A OE2  1 
ATOM   609  N N    . LYS A 1 85  ? -0.205  -6.312  17.688  1.00 26.89 0  82  LYS A N    1 
ATOM   610  C CA   . LYS A 1 85  ? -1.377  -5.702  17.082  1.00 29.70 0  82  LYS A CA   1 
ATOM   611  C C    . LYS A 1 85  ? -0.977  -4.378  16.448  1.00 28.68 0  82  LYS A C    1 
ATOM   612  O O    . LYS A 1 85  ? -0.400  -3.507  17.112  1.00 26.58 0  82  LYS A O    1 
ATOM   613  C CB   . LYS A 1 85  ? -2.478  -5.459  18.115  1.00 27.42 0  82  LYS A CB   1 
ATOM   614  C CG   . LYS A 1 85  ? -2.852  -6.680  18.945  1.00 36.14 0  82  LYS A CG   1 
ATOM   615  C CD   . LYS A 1 85  ? -4.006  -7.456  18.318  1.00 45.27 0  82  LYS A CD   1 
ATOM   616  C CE   . LYS A 1 85  ? -4.490  -8.575  19.231  1.00 52.89 0  82  LYS A CE   1 
ATOM   617  N NZ   . LYS A 1 85  ? -3.409  -9.581  19.489  1.00 54.66 1  82  LYS A NZ   1 
ATOM   618  N N    . PHE A 1 86  ? -1.291  -4.225  15.172  1.00 26.27 0  83  PHE A N    1 
ATOM   619  C CA   . PHE A 1 86  ? -1.081  -2.942  14.528  1.00 26.90 0  83  PHE A CA   1 
ATOM   620  C C    . PHE A 1 86  ? -1.953  -1.881  15.195  1.00 23.21 0  83  PHE A C    1 
ATOM   621  O O    . PHE A 1 86  ? -3.058  -2.163  15.669  1.00 23.26 0  83  PHE A O    1 
ATOM   622  C CB   . PHE A 1 86  ? -1.395  -3.052  13.032  1.00 21.25 0  83  PHE A CB   1 
ATOM   623  C CG   . PHE A 1 86  ? -0.500  -4.033  12.291  1.00 24.53 0  83  PHE A CG   1 
ATOM   624  C CD1  . PHE A 1 86  ? 0.881   -3.875  12.293  1.00 21.82 0  83  PHE A CD1  1 
ATOM   625  C CD2  . PHE A 1 86  ? -1.044  -5.107  11.605  1.00 20.54 0  83  PHE A CD2  1 
ATOM   626  C CE1  . PHE A 1 86  ? 1.713   -4.775  11.621  1.00 24.38 0  83  PHE A CE1  1 
ATOM   627  C CE2  . PHE A 1 86  ? -0.229  -6.014  10.933  1.00 21.73 0  83  PHE A CE2  1 
ATOM   628  C CZ   . PHE A 1 86  ? 1.154   -5.851  10.938  1.00 20.72 0  83  PHE A CZ   1 
ATOM   629  N N    . ARG A 1 87  ? -1.433  -0.665  15.264  1.00 21.79 0  84  ARG A N    1 
ATOM   630  C CA   . ARG A 1 87  ? -2.275  0.482   15.563  1.00 24.60 0  84  ARG A CA   1 
ATOM   631  C C    . ARG A 1 87  ? -3.407  0.555   14.547  1.00 24.18 0  84  ARG A C    1 
ATOM   632  O O    . ARG A 1 87  ? -3.173  0.531   13.335  1.00 23.70 0  84  ARG A O    1 
ATOM   633  C CB   . ARG A 1 87  ? -1.435  1.752   15.531  1.00 28.62 0  84  ARG A CB   1 
ATOM   634  C CG   . ARG A 1 87  ? -2.199  3.039   15.730  1.00 35.48 0  84  ARG A CG   1 
ATOM   635  C CD   . ARG A 1 87  ? -1.217  4.185   15.651  1.00 40.17 0  84  ARG A CD   1 
ATOM   636  N NE   . ARG A 1 87  ? -1.802  5.399   15.082  1.00 54.95 0  84  ARG A NE   1 
ATOM   637  C CZ   . ARG A 1 87  ? -1.140  6.244   14.293  1.00 53.60 0  84  ARG A CZ   1 
ATOM   638  N NH1  . ARG A 1 87  ? -1.750  7.330   13.837  1.00 47.71 1  84  ARG A NH1  1 
ATOM   639  N NH2  . ARG A 1 87  ? 0.127   5.997   13.944  1.00 41.36 0  84  ARG A NH2  1 
ATOM   640  N N    . ASP A 1 88  ? -4.639  0.611   15.044  1.00 21.30 0  85  ASP A N    1 
ATOM   641  C CA   . ASP A 1 88  ? -5.801  0.591   14.163  1.00 24.42 0  85  ASP A CA   1 
ATOM   642  C C    . ASP A 1 88  ? -5.919  1.930   13.451  1.00 23.29 0  85  ASP A C    1 
ATOM   643  O O    . ASP A 1 88  ? -6.346  2.916   14.048  1.00 24.37 0  85  ASP A O    1 
ATOM   644  C CB   . ASP A 1 88  ? -7.071  0.293   14.954  1.00 28.25 0  85  ASP A CB   1 
ATOM   645  C CG   . ASP A 1 88  ? -8.284  0.151   14.062  1.00 25.75 0  85  ASP A CG   1 
ATOM   646  O OD1  . ASP A 1 88  ? -8.160  0.340   12.829  1.00 24.19 0  85  ASP A OD1  1 
ATOM   647  O OD2  . ASP A 1 88  ? -9.375  -0.139  14.593  1.00 28.65 -1 85  ASP A OD2  1 
ATOM   648  N N    . ILE A 1 89  ? -5.583  1.973   12.162  1.00 22.60 0  86  ILE A N    1 
ATOM   649  C CA   . ILE A 1 89  ? -5.613  3.231   11.415  1.00 21.68 0  86  ILE A CA   1 
ATOM   650  C C    . ILE A 1 89  ? -6.849  3.341   10.525  1.00 21.74 0  86  ILE A C    1 
ATOM   651  O O    . ILE A 1 89  ? -6.930  4.249   9.689   1.00 22.38 0  86  ILE A O    1 
ATOM   652  C CB   . ILE A 1 89  ? -4.322  3.397   10.605  1.00 23.45 0  86  ILE A CB   1 
ATOM   653  C CG1  . ILE A 1 89  ? -4.141  2.164   9.703   1.00 20.39 0  86  ILE A CG1  1 
ATOM   654  C CG2  . ILE A 1 89  ? -3.159  3.562   11.562  1.00 22.28 0  86  ILE A CG2  1 
ATOM   655  C CD1  . ILE A 1 89  ? -3.307  2.376   8.446   1.00 27.42 0  86  ILE A CD1  1 
ATOM   656  N N    . ARG A 1 90  ? -7.833  2.458   10.710  1.00 19.07 0  87  ARG A N    1 
ATOM   657  C CA   . ARG A 1 90  ? -8.977  2.409   9.799   1.00 21.90 0  87  ARG A CA   1 
ATOM   658  C C    . ARG A 1 90  ? -9.758  3.721   9.769   1.00 21.41 0  87  ARG A C    1 
ATOM   659  O O    . ARG A 1 90  ? -10.358 4.058   8.745   1.00 22.14 0  87  ARG A O    1 
ATOM   660  C CB   . ARG A 1 90  ? -9.900  1.254   10.187  1.00 21.04 0  87  ARG A CB   1 
ATOM   661  C CG   . ARG A 1 90  ? -9.418  -0.107  9.689   1.00 21.14 0  87  ARG A CG   1 
ATOM   662  C CD   . ARG A 1 90  ? -10.306 -1.239  10.209  1.00 22.22 0  87  ARG A CD   1 
ATOM   663  N NE   . ARG A 1 90  ? -10.173 -1.419  11.657  1.00 23.10 0  87  ARG A NE   1 
ATOM   664  C CZ   . ARG A 1 90  ? -10.665 -2.460  12.320  1.00 22.44 0  87  ARG A CZ   1 
ATOM   665  N NH1  . ARG A 1 90  ? -11.316 -3.413  11.661  1.00 24.60 1  87  ARG A NH1  1 
ATOM   666  N NH2  . ARG A 1 90  ? -10.504 -2.555  13.630  1.00 23.34 0  87  ARG A NH2  1 
ATOM   667  N N    . ARG A 1 91  ? -9.758  4.478   10.867  1.00 23.29 0  88  ARG A N    1 
ATOM   668  C CA   . ARG A 1 91  ? -10.543 5.711   10.906  1.00 28.36 0  88  ARG A CA   1 
ATOM   669  C C    . ARG A 1 91  ? -9.982  6.796   9.981   1.00 27.24 0  88  ARG A C    1 
ATOM   670  O O    . ARG A 1 91  ? -10.683 7.780   9.697   1.00 23.49 0  88  ARG A O    1 
ATOM   671  C CB   . ARG A 1 91  ? -10.627 6.217   12.355  1.00 27.89 0  88  ARG A CB   1 
ATOM   672  C CG   . ARG A 1 91  ? -9.772  7.430   12.647  1.00 33.93 0  88  ARG A CG   1 
ATOM   673  C CD   . ARG A 1 91  ? -9.638  7.713   14.157  1.00 42.84 0  88  ARG A CD   1 
ATOM   674  N NE   . ARG A 1 91  ? -8.459  7.063   14.724  1.00 47.71 0  88  ARG A NE   1 
ATOM   675  C CZ   . ARG A 1 91  ? -8.141  7.065   16.013  1.00 52.48 0  88  ARG A CZ   1 
ATOM   676  N NH1  . ARG A 1 91  ? -8.919  7.687   16.890  1.00 68.04 1  88  ARG A NH1  1 
ATOM   677  N NH2  . ARG A 1 91  ? -7.049  6.437   16.431  1.00 51.78 0  88  ARG A NH2  1 
ATOM   678  N N    . PHE A 1 92  ? -8.740  6.648   9.515   1.00 21.68 0  89  PHE A N    1 
ATOM   679  C CA   . PHE A 1 92  ? -8.126  7.588   8.579   1.00 23.22 0  89  PHE A CA   1 
ATOM   680  C C    . PHE A 1 92  ? -8.234  7.129   7.137   1.00 19.24 0  89  PHE A C    1 
ATOM   681  O O    . PHE A 1 92  ? -7.840  7.871   6.230   1.00 20.02 0  89  PHE A O    1 
ATOM   682  C CB   . PHE A 1 92  ? -6.646  7.805   8.929   1.00 19.82 0  89  PHE A CB   1 
ATOM   683  C CG   . PHE A 1 92  ? -6.399  8.077   10.383  1.00 22.20 0  89  PHE A CG   1 
ATOM   684  C CD1  . PHE A 1 92  ? -6.929  9.200   10.993  1.00 25.96 0  89  PHE A CD1  1 
ATOM   685  C CD2  . PHE A 1 92  ? -5.619  7.210   11.137  1.00 23.50 0  89  PHE A CD2  1 
ATOM   686  C CE1  . PHE A 1 92  ? -6.691  9.454   12.335  1.00 28.92 0  89  PHE A CE1  1 
ATOM   687  C CE2  . PHE A 1 92  ? -5.374  7.454   12.469  1.00 26.37 0  89  PHE A CE2  1 
ATOM   688  C CZ   . PHE A 1 92  ? -5.907  8.576   13.075  1.00 29.07 0  89  PHE A CZ   1 
ATOM   689  N N    . ILE A 1 93  ? -8.757  5.927   6.894   1.00 18.78 0  90  ILE A N    1 
ATOM   690  C CA   . ILE A 1 93  ? -8.900  5.373   5.571   1.00 22.00 0  90  ILE A CA   1 
ATOM   691  C C    . ILE A 1 93  ? -10.233 5.837   4.991   1.00 23.65 0  90  ILE A C    1 
ATOM   692  O O    . ILE A 1 93  ? -11.274 5.637   5.655   1.00 25.66 0  90  ILE A O    1 
ATOM   693  C CB   . ILE A 1 93  ? -8.804  3.839   5.588   1.00 22.50 0  90  ILE A CB   1 
ATOM   694  C CG1  . ILE A 1 93  ? -7.428  3.412   6.126   1.00 20.87 0  90  ILE A CG1  1 
ATOM   695  C CG2  . ILE A 1 93  ? -9.056  3.245   4.213   1.00 20.19 0  90  ILE A CG2  1 
ATOM   696  C CD1  . ILE A 1 93  ? -7.170  1.906   6.066   1.00 21.60 0  90  ILE A CD1  1 
ATOM   697  N N    . PRO A 1 94  ? -10.271 6.451   3.813   1.00 24.40 0  91  PRO A N    1 
ATOM   698  C CA   . PRO A 1 94  ? -11.529 7.004   3.299   1.00 21.62 0  91  PRO A CA   1 
ATOM   699  C C    . PRO A 1 94  ? -12.553 5.913   3.056   1.00 24.48 0  91  PRO A C    1 
ATOM   700  O O    . PRO A 1 94  ? -12.212 4.743   2.862   1.00 20.65 0  91  PRO A O    1 
ATOM   701  C CB   . PRO A 1 94  ? -11.122 7.663   1.975   1.00 22.51 0  91  PRO A CB   1 
ATOM   702  C CG   . PRO A 1 94  ? -9.635  7.880   2.093   1.00 25.14 0  91  PRO A CG   1 
ATOM   703  C CD   . PRO A 1 94  ? -9.151  6.688   2.882   1.00 22.91 0  91  PRO A CD   1 
ATOM   704  N N    . GLU A 1 95  ? -13.826 6.323   3.016   1.00 22.67 0  92  GLU A N    1 
ATOM   705  C CA   . GLU A 1 95  ? -14.881 5.383   2.659   1.00 26.74 0  92  GLU A CA   1 
ATOM   706  C C    . GLU A 1 95  ? -15.088 5.258   1.155   1.00 25.14 0  92  GLU A C    1 
ATOM   707  O O    . GLU A 1 95  ? -15.541 4.206   0.690   1.00 25.29 0  92  GLU A O    1 
ATOM   708  C CB   . GLU A 1 95  ? -16.199 5.780   3.339   1.00 28.60 0  92  GLU A CB   1 
ATOM   709  C CG   . GLU A 1 95  ? -16.212 5.400   4.817   1.00 31.25 0  92  GLU A CG   1 
ATOM   710  C CD   . GLU A 1 95  ? -17.562 5.596   5.465   1.00 44.36 0  92  GLU A CD   1 
ATOM   711  O OE1  . GLU A 1 95  ? -18.139 6.697   5.337   1.00 43.96 0  92  GLU A OE1  1 
ATOM   712  O OE2  . GLU A 1 95  ? -18.043 4.641   6.102   1.00 48.35 -1 92  GLU A OE2  1 
ATOM   713  N N    . HIS A 1 96  ? -14.760 6.290   0.380   1.00 25.57 0  93  HIS A N    1 
ATOM   714  C CA   . HIS A 1 96  ? -14.952 6.255   -1.060  1.00 26.11 0  93  HIS A CA   1 
ATOM   715  C C    . HIS A 1 96  ? -13.729 6.837   -1.754  1.00 24.56 0  93  HIS A C    1 
ATOM   716  O O    . HIS A 1 96  ? -12.868 7.470   -1.134  1.00 27.00 0  93  HIS A O    1 
ATOM   717  C CB   . HIS A 1 96  ? -16.220 7.023   -1.483  1.00 32.14 0  93  HIS A CB   1 
ATOM   718  C CG   . HIS A 1 96  ? -17.483 6.478   -0.892  1.00 33.67 0  93  HIS A CG   1 
ATOM   719  N ND1  . HIS A 1 96  ? -18.064 5.305   -1.326  1.00 35.77 0  93  HIS A ND1  1 
ATOM   720  C CD2  . HIS A 1 96  ? -18.277 6.946   0.101   1.00 34.62 0  93  HIS A CD2  1 
ATOM   721  C CE1  . HIS A 1 96  ? -19.162 5.073   -0.628  1.00 34.94 0  93  HIS A CE1  1 
ATOM   722  N NE2  . HIS A 1 96  ? -19.313 6.052   0.248   1.00 38.55 0  93  HIS A NE2  1 
ATOM   723  N N    . GLN A 1 97  ? -13.668 6.631   -3.065  1.00 23.88 0  94  GLN A N    1 
ATOM   724  C CA   . GLN A 1 97  ? -12.657 7.294   -3.870  1.00 29.18 0  94  GLN A CA   1 
ATOM   725  C C    . GLN A 1 97  ? -12.961 8.780   -3.950  1.00 26.94 0  94  GLN A C    1 
ATOM   726  O O    . GLN A 1 97  ? -14.115 9.173   -4.138  1.00 27.60 0  94  GLN A O    1 
ATOM   727  C CB   . GLN A 1 97  ? -12.617 6.685   -5.265  1.00 29.31 0  94  GLN A CB   1 
ATOM   728  C CG   . GLN A 1 97  ? -12.033 5.293   -5.308  1.00 28.80 0  94  GLN A CG   1 
ATOM   729  C CD   . GLN A 1 97  ? -11.978 4.760   -6.721  1.00 31.76 0  94  GLN A CD   1 
ATOM   730  O OE1  . GLN A 1 97  ? -12.715 3.834   -7.077  1.00 33.74 0  94  GLN A OE1  1 
ATOM   731  N NE2  . GLN A 1 97  ? -11.119 5.358   -7.543  1.00 28.89 0  94  GLN A NE2  1 
ATOM   732  N N    . ARG A 1 98  ? -11.928 9.606   -3.788  1.00 27.82 0  95  ARG A N    1 
ATOM   733  C CA   . ARG A 1 98  ? -12.069 11.055  -3.844  1.00 28.81 0  95  ARG A CA   1 
ATOM   734  C C    . ARG A 1 98  ? -10.740 11.655  -4.295  1.00 28.21 0  95  ARG A C    1 
ATOM   735  O O    . ARG A 1 98  ? -9.693  11.010  -4.233  1.00 21.28 0  95  ARG A O    1 
ATOM   736  C CB   . ARG A 1 98  ? -12.526 11.639  -2.482  1.00 34.67 0  95  ARG A CB   1 
ATOM   737  C CG   . ARG A 1 98  ? -12.732 10.619  -1.332  1.00 38.65 0  95  ARG A CG   1 
ATOM   738  C CD   . ARG A 1 98  ? -14.091 10.734  -0.529  1.00 67.35 0  95  ARG A CD   1 
ATOM   739  N NE   . ARG A 1 98  ? -13.936 11.256  0.846   1.00 65.56 0  95  ARG A NE   1 
ATOM   740  C CZ   . ARG A 1 98  ? -14.187 10.609  1.999   1.00 47.84 0  95  ARG A CZ   1 
ATOM   741  N NH1  . ARG A 1 98  ? -14.640 9.356   2.037   1.00 28.81 1  95  ARG A NH1  1 
ATOM   742  N NH2  . ARG A 1 98  ? -13.977 11.249  3.153   1.00 44.96 0  95  ARG A NH2  1 
ATOM   743  N N    . GLU A 1 99  ? -10.790 12.895  -4.773  1.00 27.10 0  96  GLU A N    1 
ATOM   744  C CA   . GLU A 1 99  ? -9.564  13.640  -5.046  1.00 27.78 0  96  GLU A CA   1 
ATOM   745  C C    . GLU A 1 99  ? -8.974  14.196  -3.748  1.00 26.10 0  96  GLU A C    1 
ATOM   746  O O    . GLU A 1 99  ? -9.701  14.657  -2.866  1.00 28.87 0  96  GLU A O    1 
ATOM   747  C CB   . GLU A 1 99  ? -9.848  14.770  -6.041  1.00 27.45 0  96  GLU A CB   1 
ATOM   748  C CG   . GLU A 1 99  ? -8.703  15.762  -6.221  1.00 31.36 0  96  GLU A CG   1 
ATOM   749  C CD   . GLU A 1 99  ? -8.973  16.767  -7.326  1.00 33.35 0  96  GLU A CD   1 
ATOM   750  O OE1  . GLU A 1 99  ? -9.760  16.441  -8.238  1.00 37.30 0  96  GLU A OE1  1 
ATOM   751  O OE2  . GLU A 1 99  ? -8.401  17.878  -7.277  1.00 39.04 -1 96  GLU A OE2  1 
ATOM   752  N N    . TRP A 1 100 ? -7.647  14.149  -3.629  1.00 25.56 0  97  TRP A N    1 
ATOM   753  C CA   . TRP A 1 100 ? -6.935  14.628  -2.446  1.00 23.67 0  97  TRP A CA   1 
ATOM   754  C C    . TRP A 1 100 ? -5.835  15.578  -2.880  1.00 27.72 0  97  TRP A C    1 
ATOM   755  O O    . TRP A 1 100 ? -5.165  15.334  -3.889  1.00 27.03 0  97  TRP A O    1 
ATOM   756  C CB   . TRP A 1 100 ? -6.314  13.477  -1.627  1.00 21.49 0  97  TRP A CB   1 
ATOM   757  C CG   . TRP A 1 100 ? -7.346  12.522  -1.159  1.00 22.43 0  97  TRP A CG   1 
ATOM   758  C CD1  . TRP A 1 100 ? -7.838  11.458  -1.843  1.00 23.78 0  97  TRP A CD1  1 
ATOM   759  C CD2  . TRP A 1 100 ? -8.056  12.568  0.088   1.00 20.78 0  97  TRP A CD2  1 
ATOM   760  N NE1  . TRP A 1 100 ? -8.822  10.829  -1.103  1.00 23.18 0  97  TRP A NE1  1 
ATOM   761  C CE2  . TRP A 1 100 ? -8.971  11.496  0.087   1.00 25.49 0  97  TRP A CE2  1 
ATOM   762  C CE3  . TRP A 1 100 ? -8.015  13.424  1.198   1.00 19.02 0  97  TRP A CE3  1 
ATOM   763  C CZ2  . TRP A 1 100 ? -9.829  11.241  1.161   1.00 26.11 0  97  TRP A CZ2  1 
ATOM   764  C CZ3  . TRP A 1 100 ? -8.864  13.171  2.266   1.00 19.77 0  97  TRP A CZ3  1 
ATOM   765  C CH2  . TRP A 1 100 ? -9.766  12.092  2.235   1.00 22.48 0  97  TRP A CH2  1 
ATOM   766  N N    . SER A 1 101 ? -5.652  16.662  -2.130  1.00 22.92 0  98  SER A N    1 
ATOM   767  C CA   . SER A 1 101 ? -4.549  17.571  -2.406  1.00 24.98 0  98  SER A CA   1 
ATOM   768  C C    . SER A 1 101 ? -3.416  17.357  -1.403  1.00 24.15 0  98  SER A C    1 
ATOM   769  O O    . SER A 1 101 ? -3.608  16.813  -0.306  1.00 25.97 0  98  SER A O    1 
ATOM   770  C CB   . SER A 1 101 ? -5.023  19.037  -2.390  1.00 30.99 0  98  SER A CB   1 
ATOM   771  O OG   . SER A 1 101 ? -5.569  19.390  -1.137  1.00 31.66 0  98  SER A OG   1 
ATOM   772  N N    . ASN A 1 102 ? -2.214  17.748  -1.822  1.00 22.24 0  99  ASN A N    1 
ATOM   773  C CA   . ASN A 1 102 ? -1.044  17.796  -0.945  1.00 24.98 0  99  ASN A CA   1 
ATOM   774  C C    . ASN A 1 102 ? -0.771  16.445  -0.280  1.00 24.72 0  99  ASN A C    1 
ATOM   775  O O    . ASN A 1 102 ? -0.473  16.356  0.916   1.00 21.96 0  99  ASN A O    1 
ATOM   776  C CB   . ASN A 1 102 ? -1.207  18.904  0.100   1.00 24.68 0  99  ASN A CB   1 
ATOM   777  C CG   . ASN A 1 102 ? -1.493  20.258  -0.529  1.00 28.86 0  99  ASN A CG   1 
ATOM   778  O OD1  . ASN A 1 102 ? -2.612  20.762  -0.470  1.00 30.69 0  99  ASN A OD1  1 
ATOM   779  N ND2  . ASN A 1 102 ? -0.480  20.849  -1.138  1.00 29.96 0  99  ASN A ND2  1 
ATOM   780  N N    . MET A 1 103 ? -0.853  15.385  -1.079  1.00 21.88 0  100 MET A N    1 
ATOM   781  C CA   . MET A 1 103 ? -0.530  14.044  -0.620  1.00 20.15 0  100 MET A CA   1 
ATOM   782  C C    . MET A 1 103 ? 0.973   13.782  -0.672  1.00 23.75 0  100 MET A C    1 
ATOM   783  O O    . MET A 1 103 ? 1.717   14.390  -1.448  1.00 23.39 0  100 MET A O    1 
ATOM   784  C CB   . MET A 1 103 ? -1.264  13.000  -1.462  1.00 21.78 0  100 MET A CB   1 
ATOM   785  C CG   . MET A 1 103 ? -2.694  12.759  -1.008  1.00 19.73 0  100 MET A CG   1 
ATOM   786  S SD   . MET A 1 103 ? -2.665  11.939  0.598   1.00 22.12 0  100 MET A SD   1 
ATOM   787  C CE   . MET A 1 103 ? -4.296  12.363  1.232   1.00 18.46 0  100 MET A CE   1 
ATOM   788  N N    . HIS A 1 104 ? 1.409   12.833  0.151   1.00 18.04 0  101 HIS A N    1 
ATOM   789  C CA   . HIS A 1 104 ? 2.797   12.404  0.213   1.00 22.04 0  101 HIS A CA   1 
ATOM   790  C C    . HIS A 1 104 ? 2.897   10.919  -0.118  1.00 19.91 0  101 HIS A C    1 
ATOM   791  O O    . HIS A 1 104 ? 1.958   10.150  0.109   1.00 22.46 0  101 HIS A O    1 
ATOM   792  C CB   . HIS A 1 104 ? 3.395   12.654  1.614   1.00 22.60 0  101 HIS A CB   1 
ATOM   793  C CG   . HIS A 1 104 ? 3.621   14.102  1.930   1.00 25.24 0  101 HIS A CG   1 
ATOM   794  N ND1  . HIS A 1 104 ? 4.847   14.593  2.328   1.00 26.40 0  101 HIS A ND1  1 
ATOM   795  C CD2  . HIS A 1 104 ? 2.786   15.169  1.885   1.00 24.50 0  101 HIS A CD2  1 
ATOM   796  C CE1  . HIS A 1 104 ? 4.754   15.897  2.523   1.00 32.24 0  101 HIS A CE1  1 
ATOM   797  N NE2  . HIS A 1 104 ? 3.516   16.271  2.261   1.00 26.19 0  101 HIS A NE2  1 
ATOM   798  N N    . LEU A 1 105 ? 4.038   10.518  -0.666  1.00 18.07 0  102 LEU A N    1 
ATOM   799  C CA   . LEU A 1 105 ? 4.399   9.107   -0.751  1.00 19.46 0  102 LEU A CA   1 
ATOM   800  C C    . LEU A 1 105 ? 5.486   8.850   0.280   1.00 21.03 0  102 LEU A C    1 
ATOM   801  O O    . LEU A 1 105 ? 6.486   9.576   0.322   1.00 20.28 0  102 LEU A O    1 
ATOM   802  C CB   . LEU A 1 105 ? 4.882   8.729   -2.154  1.00 17.70 0  102 LEU A CB   1 
ATOM   803  C CG   . LEU A 1 105 ? 5.488   7.320   -2.345  1.00 20.94 0  102 LEU A CG   1 
ATOM   804  C CD1  . LEU A 1 105 ? 4.547   6.288   -1.849  1.00 24.63 0  102 LEU A CD1  1 
ATOM   805  C CD2  . LEU A 1 105 ? 5.810   7.055   -3.816  1.00 25.96 0  102 LEU A CD2  1 
ATOM   806  N N    . ALA A 1 106 ? 5.280   7.844   1.131   1.00 17.47 0  103 ALA A N    1 
ATOM   807  C CA   . ALA A 1 106 ? 6.249   7.524   2.174   1.00 19.06 0  103 ALA A CA   1 
ATOM   808  C C    . ALA A 1 106 ? 6.489   6.025   2.181   1.00 20.56 0  103 ALA A C    1 
ATOM   809  O O    . ALA A 1 106 ? 5.542   5.238   2.088   1.00 20.98 0  103 ALA A O    1 
ATOM   810  C CB   . ALA A 1 106 ? 5.780   7.994   3.559   1.00 18.97 0  103 ALA A CB   1 
ATOM   811  N N    . THR A 1 107 ? 7.754   5.640   2.270   1.00 20.81 0  104 THR A N    1 
ATOM   812  C CA   . THR A 1 107 ? 8.106   4.239   2.368   1.00 20.09 0  104 THR A CA   1 
ATOM   813  C C    . THR A 1 107 ? 9.402   4.136   3.150   1.00 22.70 0  104 THR A C    1 
ATOM   814  O O    . THR A 1 107 ? 10.039  5.147   3.480   1.00 22.15 0  104 THR A O    1 
ATOM   815  C CB   . THR A 1 107 ? 8.237   3.607   0.979   1.00 18.60 0  104 THR A CB   1 
ATOM   816  O OG1  . THR A 1 107 ? 8.277   2.180   1.103   1.00 18.41 0  104 THR A OG1  1 
ATOM   817  C CG2  . THR A 1 107 ? 9.489   4.125   0.279   1.00 19.39 0  104 THR A CG2  1 
ATOM   818  N N    . ASN A 1 108 ? 9.791   2.902   3.460   1.00 17.43 0  105 ASN A N    1 
ATOM   819  C CA   . ASN A 1 108 ? 11.070  2.665   4.125   1.00 17.54 0  105 ASN A CA   1 
ATOM   820  C C    . ASN A 1 108 ? 11.637  1.355   3.621   1.00 18.93 0  105 ASN A C    1 
ATOM   821  O O    . ASN A 1 108 ? 11.190  0.280   4.020   1.00 19.26 0  105 ASN A O    1 
ATOM   822  C CB   . ASN A 1 108 ? 10.960  2.625   5.638   1.00 19.21 0  105 ASN A CB   1 
ATOM   823  C CG   . ASN A 1 108 ? 12.315  2.524   6.280   1.00 23.74 0  105 ASN A CG   1 
ATOM   824  O OD1  . ASN A 1 108 ? 13.260  3.170   5.821   1.00 22.01 0  105 ASN A OD1  1 
ATOM   825  N ND2  . ASN A 1 108 ? 12.446  1.687   7.299   1.00 18.13 0  105 ASN A ND2  1 
ATOM   826  N N    . VAL A 1 109 ? 12.677  1.460   2.804   1.00 17.68 0  106 VAL A N    1 
ATOM   827  C CA   . VAL A 1 109 ? 13.148  0.340   2.016   1.00 21.19 0  106 VAL A CA   1 
ATOM   828  C C    . VAL A 1 109 ? 14.614  0.634   1.720   1.00 20.48 0  106 VAL A C    1 
ATOM   829  O O    . VAL A 1 109 ? 15.080  1.762   1.907   1.00 20.43 0  106 VAL A O    1 
ATOM   830  C CB   . VAL A 1 109 ? 12.210  0.224   0.781   1.00 27.83 0  106 VAL A CB   1 
ATOM   831  C CG1  . VAL A 1 109 ? 12.853  0.551   -0.544  1.00 24.81 0  106 VAL A CG1  1 
ATOM   832  C CG2  . VAL A 1 109 ? 11.380  -1.061  0.825   1.00 19.90 0  106 VAL A CG2  1 
ATOM   833  N N    . THR A 1 110 ? 15.379  -0.402  1.360   1.00 19.05 0  107 THR A N    1 
ATOM   834  C CA   . THR A 1 110 ? 16.831  -0.221  1.278   1.00 21.63 0  107 THR A CA   1 
ATOM   835  C C    . THR A 1 110 ? 17.199  0.882   0.287   1.00 21.80 0  107 THR A C    1 
ATOM   836  O O    . THR A 1 110 ? 18.096  1.698   0.551   1.00 22.95 0  107 THR A O    1 
ATOM   837  C CB   . THR A 1 110 ? 17.533  -1.527  0.887   1.00 19.90 0  107 THR A CB   1 
ATOM   838  O OG1  . THR A 1 110 ? 17.180  -2.569  1.805   1.00 22.91 0  107 THR A OG1  1 
ATOM   839  C CG2  . THR A 1 110 ? 19.059  -1.329  0.915   1.00 21.06 0  107 THR A CG2  1 
ATOM   840  N N    . LYS A 1 111 ? 16.519  0.920   -0.860  1.00 19.52 0  108 LYS A N    1 
ATOM   841  C CA   . LYS A 1 111 ? 16.786  1.935   -1.878  1.00 23.84 0  108 LYS A CA   1 
ATOM   842  C C    . LYS A 1 111 ? 16.246  3.298   -1.485  1.00 21.26 0  108 LYS A C    1 
ATOM   843  O O    . LYS A 1 111 ? 16.767  4.321   -1.939  1.00 20.92 0  108 LYS A O    1 
ATOM   844  C CB   . LYS A 1 111 ? 16.148  1.536   -3.215  1.00 25.37 0  108 LYS A CB   1 
ATOM   845  C CG   . LYS A 1 111 ? 16.880  0.448   -3.983  1.00 33.70 0  108 LYS A CG   1 
ATOM   846  C CD   . LYS A 1 111 ? 15.892  -0.401  -4.774  1.00 40.61 0  108 LYS A CD   1 
ATOM   847  C CE   . LYS A 1 111 ? 16.574  -1.142  -5.918  1.00 50.16 0  108 LYS A CE   1 
ATOM   848  N NZ   . LYS A 1 111 ? 15.705  -2.237  -6.427  1.00 52.91 1  108 LYS A NZ   1 
ATOM   849  N N    . PHE A 1 112 ? 15.190  3.333   -0.676  1.00 17.66 0  109 PHE A N    1 
ATOM   850  C CA   . PHE A 1 112 ? 14.488  4.570   -0.339  1.00 21.36 0  109 PHE A CA   1 
ATOM   851  C C    . PHE A 1 112 ? 14.252  4.567   1.157   1.00 22.11 0  109 PHE A C    1 
ATOM   852  O O    . PHE A 1 112 ? 13.142  4.304   1.633   1.00 18.70 0  109 PHE A O    1 
ATOM   853  C CB   . PHE A 1 112 ? 13.179  4.689   -1.116  1.00 22.23 0  109 PHE A CB   1 
ATOM   854  C CG   . PHE A 1 112 ? 13.380  4.627   -2.582  1.00 22.35 0  109 PHE A CG   1 
ATOM   855  C CD1  . PHE A 1 112 ? 13.059  3.479   -3.290  1.00 22.55 0  109 PHE A CD1  1 
ATOM   856  C CD2  . PHE A 1 112 ? 13.950  5.709   -3.249  1.00 22.65 0  109 PHE A CD2  1 
ATOM   857  C CE1  . PHE A 1 112 ? 13.264  3.424   -4.661  1.00 23.20 0  109 PHE A CE1  1 
ATOM   858  C CE2  . PHE A 1 112 ? 14.166  5.662   -4.613  1.00 22.09 0  109 PHE A CE2  1 
ATOM   859  C CZ   . PHE A 1 112 ? 13.830  4.520   -5.318  1.00 21.93 0  109 PHE A CZ   1 
ATOM   860  N N    . PRO A 1 113 ? 15.293  4.830   1.933   1.00 20.80 0  110 PRO A N    1 
ATOM   861  C CA   . PRO A 1 113 ? 15.166  4.706   3.381   1.00 21.91 0  110 PRO A CA   1 
ATOM   862  C C    . PRO A 1 113 ? 14.474  5.937   3.967   1.00 27.55 0  110 PRO A C    1 
ATOM   863  O O    . PRO A 1 113 ? 14.833  7.079   3.659   1.00 22.19 0  110 PRO A O    1 
ATOM   864  C CB   . PRO A 1 113 ? 16.621  4.553   3.832   1.00 27.72 0  110 PRO A CB   1 
ATOM   865  C CG   . PRO A 1 113 ? 17.401  5.357   2.800   1.00 27.40 0  110 PRO A CG   1 
ATOM   866  C CD   . PRO A 1 113 ? 16.684  5.066   1.501   1.00 19.56 0  110 PRO A CD   1 
ATOM   867  N N    . MET A 1 114 ? 13.433  5.687   4.769   1.00 21.24 0  111 MET A N    1 
ATOM   868  C CA   . MET A 1 114 ? 12.578  6.726   5.364   1.00 24.48 0  111 MET A CA   1 
ATOM   869  C C    . MET A 1 114 ? 12.268  7.841   4.368   1.00 22.46 0  111 MET A C    1 
ATOM   870  O O    . MET A 1 114 ? 12.410  9.033   4.649   1.00 23.13 0  111 MET A O    1 
ATOM   871  C CB   . MET A 1 114 ? 13.197  7.291   6.645   1.00 27.38 0  111 MET A CB   1 
ATOM   872  C CG   . MET A 1 114 ? 13.376  6.237   7.742   1.00 30.63 0  111 MET A CG   1 
ATOM   873  S SD   . MET A 1 114 ? 11.819  5.413   8.218   1.00 36.27 0  111 MET A SD   1 
ATOM   874  C CE   . MET A 1 114 ? 12.402  4.516   9.668   1.00 41.20 0  111 MET A CE   1 
ATOM   875  N N    . LEU A 1 115 ? 11.811  7.438   3.194   1.00 23.76 0  112 LEU A N    1 
ATOM   876  C CA   . LEU A 1 115 ? 11.445  8.394   2.165   1.00 20.51 0  112 LEU A CA   1 
ATOM   877  C C    . LEU A 1 115 ? 10.092  9.014   2.476   1.00 25.47 0  112 LEU A C    1 
ATOM   878  O O    . LEU A 1 115 ? 9.149   8.321   2.870   1.00 22.65 0  112 LEU A O    1 
ATOM   879  C CB   . LEU A 1 115 ? 11.402  7.713   0.798   1.00 21.89 0  112 LEU A CB   1 
ATOM   880  C CG   . LEU A 1 115 ? 10.989  8.580   -0.386  1.00 23.85 0  112 LEU A CG   1 
ATOM   881  C CD1  . LEU A 1 115 ? 11.958  9.731   -0.559  1.00 31.42 0  112 LEU A CD1  1 
ATOM   882  C CD2  . LEU A 1 115 ? 10.935  7.745   -1.645  1.00 26.62 0  112 LEU A CD2  1 
ATOM   883  N N    . ASP A 1 116 ? 10.011  10.328  2.298   1.00 22.16 0  113 ASP A N    1 
ATOM   884  C CA   . ASP A 1 116 ? 8.746   11.044  2.241   1.00 23.89 0  113 ASP A CA   1 
ATOM   885  C C    . ASP A 1 116 ? 8.877   12.086  1.148   1.00 27.12 0  113 ASP A C    1 
ATOM   886  O O    . ASP A 1 116 ? 9.787   12.921  1.196   1.00 23.98 0  113 ASP A O    1 
ATOM   887  C CB   . ASP A 1 116 ? 8.400   11.712  3.575   1.00 26.15 0  113 ASP A CB   1 
ATOM   888  C CG   . ASP A 1 116 ? 7.071   12.483  3.516   1.00 28.82 0  113 ASP A CG   1 
ATOM   889  O OD1  . ASP A 1 116 ? 6.200   12.213  4.356   1.00 33.75 0  113 ASP A OD1  1 
ATOM   890  O OD2  . ASP A 1 116 ? 6.888   13.343  2.629   1.00 28.72 -1 113 ASP A OD2  1 
ATOM   891  N N    . VAL A 1 117 ? 7.987   12.038  0.163   1.00 21.32 0  114 VAL A N    1 
ATOM   892  C CA   . VAL A 1 117 ? 8.018   13.007  -0.923  1.00 24.88 0  114 VAL A CA   1 
ATOM   893  C C    . VAL A 1 117 ? 6.590   13.466  -1.186  1.00 26.89 0  114 VAL A C    1 
ATOM   894  O O    . VAL A 1 117 ? 5.632   12.705  -1.007  1.00 21.71 0  114 VAL A O    1 
ATOM   895  C CB   . VAL A 1 117 ? 8.675   12.410  -2.194  1.00 23.30 0  114 VAL A CB   1 
ATOM   896  C CG1  . VAL A 1 117 ? 7.835   11.274  -2.749  1.00 24.03 0  114 VAL A CG1  1 
ATOM   897  C CG2  . VAL A 1 117 ? 8.886   13.473  -3.229  1.00 30.63 0  114 VAL A CG2  1 
ATOM   898  N N    . GLU A 1 118 ? 6.438   14.727  -1.584  1.00 24.36 0  115 GLU A N    1 
ATOM   899  C CA   . GLU A 1 118 ? 5.106   15.226  -1.912  1.00 27.18 0  115 GLU A CA   1 
ATOM   900  C C    . GLU A 1 118 ? 4.756   14.827  -3.342  1.00 23.69 0  115 GLU A C    1 
ATOM   901  O O    . GLU A 1 118 ? 5.445   15.223  -4.289  1.00 25.11 0  115 GLU A O    1 
ATOM   902  C CB   . GLU A 1 118 ? 5.013   16.741  -1.740  1.00 29.39 0  115 GLU A CB   1 
ATOM   903  C CG   . GLU A 1 118 ? 3.566   17.231  -1.933  1.00 36.37 0  115 GLU A CG   1 
ATOM   904  C CD   . GLU A 1 118 ? 3.344   18.655  -1.468  1.00 46.44 0  115 GLU A CD   1 
ATOM   905  O OE1  . GLU A 1 118 ? 4.290   19.249  -0.888  1.00 46.21 0  115 GLU A OE1  1 
ATOM   906  O OE2  . GLU A 1 118 ? 2.220   19.167  -1.684  1.00 42.31 -1 115 GLU A OE2  1 
ATOM   907  N N    . VAL A 1 119 ? 3.697   14.029  -3.515  1.00 22.16 0  116 VAL A N    1 
ATOM   908  C CA   . VAL A 1 119 ? 3.264   13.718  -4.881  1.00 20.07 0  116 VAL A CA   1 
ATOM   909  C C    . VAL A 1 119 ? 2.197   14.683  -5.373  1.00 25.45 0  116 VAL A C    1 
ATOM   910  O O    . VAL A 1 119 ? 1.845   14.652  -6.561  1.00 24.61 0  116 VAL A O    1 
ATOM   911  C CB   . VAL A 1 119 ? 2.755   12.269  -5.012  1.00 21.12 0  116 VAL A CB   1 
ATOM   912  C CG1  . VAL A 1 119 ? 3.843   11.288  -4.557  1.00 20.28 0  116 VAL A CG1  1 
ATOM   913  C CG2  . VAL A 1 119 ? 1.474   12.071  -4.201  1.00 21.39 0  116 VAL A CG2  1 
ATOM   914  N N    . GLY A 1 120 ? 1.678   15.547  -4.504  1.00 23.87 0  117 GLY A N    1 
ATOM   915  C CA   . GLY A 1 120 ? 0.713   16.533  -4.937  1.00 23.33 0  117 GLY A CA   1 
ATOM   916  C C    . GLY A 1 120 ? -0.710  16.019  -4.925  1.00 21.41 0  117 GLY A C    1 
ATOM   917  O O    . GLY A 1 120 ? -1.115  15.292  -4.011  1.00 21.53 0  117 GLY A O    1 
ATOM   918  N N    . THR A 1 121 ? -1.478  16.390  -5.942  1.00 21.17 0  118 THR A N    1 
ATOM   919  C CA   . THR A 1 121 ? -2.884  16.018  -6.011  1.00 23.03 0  118 THR A CA   1 
ATOM   920  C C    . THR A 1 121 ? -3.029  14.576  -6.478  1.00 25.99 0  118 THR A C    1 
ATOM   921  O O    . THR A 1 121 ? -2.314  14.116  -7.376  1.00 22.91 0  118 THR A O    1 
ATOM   922  C CB   . THR A 1 121 ? -3.642  16.953  -6.958  1.00 26.95 0  118 THR A CB   1 
ATOM   923  O OG1  . THR A 1 121 ? -3.595  18.279  -6.437  1.00 26.05 0  118 THR A OG1  1 
ATOM   924  C CG2  . THR A 1 121 ? -5.103  16.530  -7.105  1.00 25.89 0  118 THR A CG2  1 
ATOM   925  N N    . VAL A 1 122 ? -3.949  13.861  -5.841  1.00 20.82 0  119 VAL A N    1 
ATOM   926  C CA   . VAL A 1 122 ? -4.238  12.474  -6.146  1.00 20.71 0  119 VAL A CA   1 
ATOM   927  C C    . VAL A 1 122 ? -5.682  12.424  -6.631  1.00 20.46 0  119 VAL A C    1 
ATOM   928  O O    . VAL A 1 122 ? -6.588  12.888  -5.929  1.00 24.77 0  119 VAL A O    1 
ATOM   929  C CB   . VAL A 1 122 ? -4.018  11.580  -4.912  1.00 20.59 0  119 VAL A CB   1 
ATOM   930  C CG1  . VAL A 1 122 ? -4.547  10.178  -5.145  1.00 19.24 0  119 VAL A CG1  1 
ATOM   931  C CG2  . VAL A 1 122 ? -2.538  11.590  -4.468  1.00 20.55 0  119 VAL A CG2  1 
ATOM   932  N N    . ILE A 1 123 ? -5.899  11.861  -7.816  1.00 23.88 0  120 ILE A N    1 
ATOM   933  C CA   . ILE A 1 123 ? -7.230  11.867  -8.421  1.00 23.67 0  120 ILE A CA   1 
ATOM   934  C C    . ILE A 1 123 ? -7.692  10.450  -8.732  1.00 21.83 0  120 ILE A C    1 
ATOM   935  O O    . ILE A 1 123 ? -6.901  9.632   -9.230  1.00 22.05 0  120 ILE A O    1 
ATOM   936  C CB   . ILE A 1 123 ? -7.266  12.720  -9.705  1.00 23.72 0  120 ILE A CB   1 
ATOM   937  C CG1  . ILE A 1 123 ? -6.487  12.015  -10.819 1.00 29.22 0  120 ILE A CG1  1 
ATOM   938  C CG2  . ILE A 1 123 ? -6.737  14.124  -9.437  1.00 29.39 0  120 ILE A CG2  1 
ATOM   939  C CD1  . ILE A 1 123 ? -6.489  12.733  -12.160 1.00 31.52 0  120 ILE A CD1  1 
ATOM   940  N N    . PRO A 1 124 ? -8.962  10.122  -8.493  1.00 23.80 0  121 PRO A N    1 
ATOM   941  C CA   . PRO A 1 124 ? -9.467  8.820   -8.935  1.00 22.96 0  121 PRO A CA   1 
ATOM   942  C C    . PRO A 1 124 ? -9.305  8.705   -10.438 1.00 25.85 0  121 PRO A C    1 
ATOM   943  O O    . PRO A 1 124 ? -9.608  9.635   -11.187 1.00 23.06 0  121 PRO A O    1 
ATOM   944  C CB   . PRO A 1 124 ? -10.943 8.838   -8.512  1.00 24.38 0  121 PRO A CB   1 
ATOM   945  C CG   . PRO A 1 124 ? -10.964 9.777   -7.331  1.00 24.93 0  121 PRO A CG   1 
ATOM   946  C CD   . PRO A 1 124 ? -9.977  10.870  -7.730  1.00 26.36 0  121 PRO A CD   1 
ATOM   947  N N    . TYR A 1 125 ? -8.789  7.567   -10.876 1.00 24.39 0  122 TYR A N    1 
ATOM   948  C CA   . TYR A 1 125 ? -8.421  7.421   -12.270 1.00 24.97 0  122 TYR A CA   1 
ATOM   949  C C    . TYR A 1 125 ? -9.007  6.187   -12.932 1.00 24.72 0  122 TYR A C    1 
ATOM   950  O O    . TYR A 1 125 ? -8.979  6.097   -14.163 1.00 29.96 0  122 TYR A O    1 
ATOM   951  C CB   . TYR A 1 125 ? -6.888  7.415   -12.407 1.00 26.23 0  122 TYR A CB   1 
ATOM   952  C CG   . TYR A 1 125 ? -6.398  7.608   -13.832 1.00 26.76 0  122 TYR A CG   1 
ATOM   953  C CD1  . TYR A 1 125 ? -6.484  8.846   -14.459 1.00 26.17 0  122 TYR A CD1  1 
ATOM   954  C CD2  . TYR A 1 125 ? -5.837  6.552   -14.537 1.00 25.94 0  122 TYR A CD2  1 
ATOM   955  C CE1  . TYR A 1 125 ? -6.025  9.023   -15.772 1.00 23.70 0  122 TYR A CE1  1 
ATOM   956  C CE2  . TYR A 1 125 ? -5.383  6.711   -15.837 1.00 22.14 0  122 TYR A CE2  1 
ATOM   957  C CZ   . TYR A 1 125 ? -5.482  7.944   -16.450 1.00 27.73 0  122 TYR A CZ   1 
ATOM   958  O OH   . TYR A 1 125 ? -5.020  8.081   -17.741 1.00 24.87 0  122 TYR A OH   1 
ATOM   959  N N    . GLY A 1 126 ? -9.548  5.246   -12.177 1.00 27.06 0  123 GLY A N    1 
ATOM   960  C CA   . GLY A 1 126 ? -10.211 4.121   -12.791 1.00 26.06 0  123 GLY A CA   1 
ATOM   961  C C    . GLY A 1 126 ? -9.302  2.937   -13.023 1.00 29.82 0  123 GLY A C    1 
ATOM   962  O O    . GLY A 1 126 ? -8.410  2.648   -12.215 1.00 28.92 0  123 GLY A O    1 
ATOM   963  N N    . GLU A 1 127 ? -9.524  2.254   -14.139 1.00 23.84 0  124 GLU A N    1 
ATOM   964  C CA   . GLU A 1 127 ? -8.851  1.009   -14.465 1.00 28.50 0  124 GLU A CA   1 
ATOM   965  C C    . GLU A 1 127 ? -7.728  1.251   -15.467 1.00 29.39 0  124 GLU A C    1 
ATOM   966  O O    . GLU A 1 127 ? -7.890  1.988   -16.442 1.00 29.66 0  124 GLU A O    1 
ATOM   967  C CB   . GLU A 1 127 ? -9.858  0.002   -15.022 1.00 27.13 0  124 GLU A CB   1 
ATOM   968  C CG   . GLU A 1 127 ? -9.287  -1.359  -15.365 1.00 34.61 0  124 GLU A CG   1 
ATOM   969  C CD   . GLU A 1 127 ? -10.377 -2.383  -15.669 1.00 37.41 0  124 GLU A CD   1 
ATOM   970  O OE1  . GLU A 1 127 ? -11.485 -2.257  -15.104 1.00 42.23 0  124 GLU A OE1  1 
ATOM   971  O OE2  . GLU A 1 127 ? -10.122 -3.308  -16.467 1.00 40.35 -1 124 GLU A OE2  1 
ATOM   972  N N    . VAL A 1 128 ? -6.573  0.656   -15.194 1.00 24.17 0  125 VAL A N    1 
ATOM   973  C CA   . VAL A 1 128 ? -5.401  0.743   -16.056 1.00 22.22 0  125 VAL A CA   1 
ATOM   974  C C    . VAL A 1 128 ? -4.790  -0.645  -16.094 1.00 26.04 0  125 VAL A C    1 
ATOM   975  O O    . VAL A 1 128 ? -4.808  -1.371  -15.095 1.00 26.38 0  125 VAL A O    1 
ATOM   976  C CB   . VAL A 1 128 ? -4.358  1.768   -15.546 1.00 25.95 0  125 VAL A CB   1 
ATOM   977  C CG1  . VAL A 1 128 ? -3.181  1.891   -16.541 1.00 24.43 0  125 VAL A CG1  1 
ATOM   978  C CG2  . VAL A 1 128 ? -5.004  3.105   -15.293 1.00 23.21 0  125 VAL A CG2  1 
ATOM   979  N N    . ASN A 1 129 ? -4.259  -1.024  -17.256 1.00 25.55 0  126 ASN A N    1 
ATOM   980  C CA   . ASN A 1 129 ? -3.496  -2.263  -17.375 1.00 27.71 0  126 ASN A CA   1 
ATOM   981  C C    . ASN A 1 129 ? -2.066  -1.996  -16.920 1.00 31.94 0  126 ASN A C    1 
ATOM   982  O O    . ASN A 1 129 ? -1.332  -1.234  -17.559 1.00 29.09 0  126 ASN A O    1 
ATOM   983  C CB   . ASN A 1 129 ? -3.531  -2.805  -18.799 1.00 31.88 0  126 ASN A CB   1 
ATOM   984  C CG   . ASN A 1 129 ? -4.842  -3.481  -19.121 1.00 38.59 0  126 ASN A CG   1 
ATOM   985  O OD1  . ASN A 1 129 ? -5.888  -3.152  -18.550 1.00 37.29 0  126 ASN A OD1  1 
ATOM   986  N ND2  . ASN A 1 129 ? -4.794  -4.447  -20.034 1.00 46.41 0  126 ASN A ND2  1 
ATOM   987  N N    . LEU A 1 130 ? -1.680  -2.614  -15.809 1.00 28.32 0  127 LEU A N    1 
ATOM   988  C CA   . LEU A 1 130 ? -0.332  -2.521  -15.270 1.00 31.82 0  127 LEU A CA   1 
ATOM   989  C C    . LEU A 1 130 ? 0.382   -3.827  -15.598 1.00 36.86 0  127 LEU A C    1 
ATOM   990  O O    . LEU A 1 130 ? -0.008  -4.890  -15.106 1.00 33.28 0  127 LEU A O    1 
ATOM   991  C CB   . LEU A 1 130 ? -0.372  -2.272  -13.764 1.00 32.54 0  127 LEU A CB   1 
ATOM   992  C CG   . LEU A 1 130 ? -1.179  -1.057  -13.303 1.00 27.82 0  127 LEU A CG   1 
ATOM   993  C CD1  . LEU A 1 130 ? -1.172  -0.940  -11.780 1.00 25.58 0  127 LEU A CD1  1 
ATOM   994  C CD2  . LEU A 1 130 ? -0.621  0.202   -13.940 1.00 29.17 0  127 LEU A CD2  1 
ATOM   995  N N    . SER A 1 131 ? 1.406   -3.749  -16.447 1.00 38.57 0  128 SER A N    1 
ATOM   996  C CA   . SER A 1 131 ? 2.171   -4.923  -16.873 1.00 39.50 0  128 SER A CA   1 
ATOM   997  C C    . SER A 1 131 ? 1.251   -6.023  -17.403 1.00 36.86 0  128 SER A C    1 
ATOM   998  O O    . SER A 1 131 ? 1.381   -7.199  -17.062 1.00 38.28 0  128 SER A O    1 
ATOM   999  C CB   . SER A 1 131 ? 3.041   -5.450  -15.732 1.00 41.66 0  128 SER A CB   1 
ATOM   1000 O OG   . SER A 1 131 ? 3.961   -4.466  -15.294 1.00 44.88 0  128 SER A OG   1 
ATOM   1001 N N    . GLY A 1 132 ? 0.296   -5.624  -18.240 1.00 35.93 0  129 GLY A N    1 
ATOM   1002 C CA   . GLY A 1 132 ? -0.626  -6.558  -18.850 1.00 35.80 0  129 GLY A CA   1 
ATOM   1003 C C    . GLY A 1 132 ? -1.790  -6.999  -17.988 1.00 40.49 0  129 GLY A C    1 
ATOM   1004 O O    . GLY A 1 132 ? -2.680  -7.702  -18.495 1.00 35.08 0  129 GLY A O    1 
ATOM   1005 N N    . ASN A 1 133 ? -1.841  -6.602  -16.715 1.00 32.86 0  130 ASN A N    1 
ATOM   1006 C CA   . ASN A 1 133 ? -2.914  -7.044  -15.832 1.00 30.09 0  130 ASN A CA   1 
ATOM   1007 C C    . ASN A 1 133 ? -3.886  -5.900  -15.554 1.00 31.12 0  130 ASN A C    1 
ATOM   1008 O O    . ASN A 1 133 ? -3.485  -4.869  -14.987 1.00 26.60 0  130 ASN A O    1 
ATOM   1009 C CB   . ASN A 1 133 ? -2.342  -7.588  -14.524 1.00 30.51 0  130 ASN A CB   1 
ATOM   1010 C CG   . ASN A 1 133 ? -3.384  -8.311  -13.699 1.00 30.78 0  130 ASN A CG   1 
ATOM   1011 O OD1  . ASN A 1 133 ? -4.105  -9.153  -14.215 1.00 31.85 0  130 ASN A OD1  1 
ATOM   1012 N ND2  . ASN A 1 133 ? -3.500  -7.953  -12.428 1.00 30.29 0  130 ASN A ND2  1 
ATOM   1013 N N    . PRO A 1 134 ? -5.156  -6.032  -15.934 1.00 31.00 0  131 PRO A N    1 
ATOM   1014 C CA   . PRO A 1 134 ? -6.143  -4.998  -15.588 1.00 29.65 0  131 PRO A CA   1 
ATOM   1015 C C    . PRO A 1 134 ? -6.216  -4.776  -14.080 1.00 28.78 0  131 PRO A C    1 
ATOM   1016 O O    . PRO A 1 134 ? -6.303  -5.724  -13.295 1.00 27.80 0  131 PRO A O    1 
ATOM   1017 C CB   . PRO A 1 134 ? -7.456  -5.562  -16.147 1.00 33.28 0  131 PRO A CB   1 
ATOM   1018 C CG   . PRO A 1 134 ? -7.037  -6.542  -17.213 1.00 30.13 0  131 PRO A CG   1 
ATOM   1019 C CD   . PRO A 1 134 ? -5.738  -7.127  -16.734 1.00 28.92 0  131 PRO A CD   1 
ATOM   1020 N N    . THR A 1 135 ? -6.173  -3.509  -13.681 1.00 24.88 0  132 THR A N    1 
ATOM   1021 C CA   . THR A 1 135 ? -6.146  -3.136  -12.273 1.00 26.89 0  132 THR A CA   1 
ATOM   1022 C C    . THR A 1 135 ? -7.136  -2.002  -12.063 1.00 25.58 0  132 THR A C    1 
ATOM   1023 O O    . THR A 1 135 ? -7.054  -0.983  -12.751 1.00 24.57 0  132 THR A O    1 
ATOM   1024 C CB   . THR A 1 135 ? -4.729  -2.711  -11.847 1.00 28.41 0  132 THR A CB   1 
ATOM   1025 O OG1  . THR A 1 135 ? -3.781  -3.721  -12.235 1.00 27.64 0  132 THR A OG1  1 
ATOM   1026 C CG2  . THR A 1 135 ? -4.658  -2.507  -10.343 1.00 23.00 0  132 THR A CG2  1 
ATOM   1027 N N    . CYS A 1 136 ? -8.071  -2.168  -11.125 1.00 21.58 0  133 CYS A N    1 
ATOM   1028 C CA   . CYS A 1 136 ? -9.154  -1.207  -10.961 1.00 20.53 0  133 CYS A CA   1 
ATOM   1029 C C    . CYS A 1 136 ? -8.904  -0.273  -9.775  1.00 24.55 0  133 CYS A C    1 
ATOM   1030 O O    . CYS A 1 136 ? -7.969  -0.445  -8.994  1.00 22.40 0  133 CYS A O    1 
ATOM   1031 C CB   . CYS A 1 136 ? -10.487 -1.944  -10.780 1.00 23.17 0  133 CYS A CB   1 
ATOM   1032 S SG   . CYS A 1 136 ? -10.572 -2.865  -9.231  1.00 27.09 0  133 CYS A SG   1 
ATOM   1033 N N    . ARG A 1 137 ? -9.767  0.739   -9.656  1.00 20.61 0  134 ARG A N    1 
ATOM   1034 C CA   . ARG A 1 137 ? -9.817  1.600   -8.472  1.00 22.50 0  134 ARG A CA   1 
ATOM   1035 C C    . ARG A 1 137 ? -8.472  2.257   -8.172  1.00 21.42 0  134 ARG A C    1 
ATOM   1036 O O    . ARG A 1 137 ? -8.087  2.418   -7.010  1.00 20.99 0  134 ARG A O    1 
ATOM   1037 C CB   . ARG A 1 137 ? -10.311 0.822   -7.256  1.00 19.11 0  134 ARG A CB   1 
ATOM   1038 C CG   . ARG A 1 137 ? -11.713 0.206   -7.444  1.00 22.63 0  134 ARG A CG   1 
ATOM   1039 C CD   . ARG A 1 137 ? -12.165 -0.557  -6.209  1.00 26.75 0  134 ARG A CD   1 
ATOM   1040 N NE   . ARG A 1 137 ? -13.533 -1.045  -6.352  1.00 29.01 0  134 ARG A NE   1 
ATOM   1041 C CZ   . ARG A 1 137 ? -14.095 -1.972  -5.584  1.00 31.07 0  134 ARG A CZ   1 
ATOM   1042 N NH1  . ARG A 1 137 ? -13.414 -2.519  -4.585  1.00 22.91 1  134 ARG A NH1  1 
ATOM   1043 N NH2  . ARG A 1 137 ? -15.344 -2.361  -5.828  1.00 32.76 0  134 ARG A NH2  1 
ATOM   1044 N N    . LEU A 1 138 ? -7.754  2.654   -9.219  1.00 22.61 0  135 LEU A N    1 
ATOM   1045 C CA   . LEU A 1 138 ? -6.472  3.329   -9.051  1.00 21.30 0  135 LEU A CA   1 
ATOM   1046 C C    . LEU A 1 138 ? -6.669  4.824   -8.852  1.00 21.67 0  135 LEU A C    1 
ATOM   1047 O O    . LEU A 1 138 ? -7.572  5.426   -9.441  1.00 20.80 0  135 LEU A O    1 
ATOM   1048 C CB   . LEU A 1 138 ? -5.577  3.093   -10.266 1.00 16.52 0  135 LEU A CB   1 
ATOM   1049 C CG   . LEU A 1 138 ? -5.023  1.674   -10.362 1.00 23.01 0  135 LEU A CG   1 
ATOM   1050 C CD1  . LEU A 1 138 ? -4.324  1.521   -11.705 1.00 18.96 0  135 LEU A CD1  1 
ATOM   1051 C CD2  . LEU A 1 138 ? -4.075  1.408   -9.191  1.00 21.55 0  135 LEU A CD2  1 
ATOM   1052 N N    . LEU A 1 139 ? -5.820  5.412   -8.006  1.00 19.37 0  136 LEU A N    1 
ATOM   1053 C CA   . LEU A 1 139 ? -5.653  6.855   -7.892  1.00 18.22 0  136 LEU A CA   1 
ATOM   1054 C C    . LEU A 1 139 ? -4.334  7.221   -8.579  1.00 17.56 0  136 LEU A C    1 
ATOM   1055 O O    . LEU A 1 139 ? -3.358  6.472   -8.483  1.00 21.79 0  136 LEU A O    1 
ATOM   1056 C CB   . LEU A 1 139 ? -5.643  7.293   -6.420  1.00 20.74 0  136 LEU A CB   1 
ATOM   1057 C CG   . LEU A 1 139 ? -6.751  6.745   -5.507  1.00 18.55 0  136 LEU A CG   1 
ATOM   1058 C CD1  . LEU A 1 139 ? -6.588  7.217   -4.053  1.00 17.48 0  136 LEU A CD1  1 
ATOM   1059 C CD2  . LEU A 1 139 ? -8.109  7.122   -6.073  1.00 19.80 0  136 LEU A CD2  1 
ATOM   1060 N N    . LYS A 1 140 ? -4.310  8.345   -9.307  1.00 18.63 0  137 LYS A N    1 
ATOM   1061 C CA   . LYS A 1 140 ? -3.125  8.720   -10.073 1.00 16.96 0  137 LYS A CA   1 
ATOM   1062 C C    . LYS A 1 140 ? -2.535  10.021  -9.545  1.00 19.86 0  137 LYS A C    1 
ATOM   1063 O O    . LYS A 1 140 ? -3.266  10.924  -9.125  1.00 20.89 0  137 LYS A O    1 
ATOM   1064 C CB   . LYS A 1 140 ? -3.439  8.863   -11.571 1.00 24.33 0  137 LYS A CB   1 
ATOM   1065 C CG   . LYS A 1 140 ? -2.177  9.037   -12.456 1.00 24.64 0  137 LYS A CG   1 
ATOM   1066 C CD   . LYS A 1 140 ? -2.141  10.337  -13.244 1.00 23.87 0  137 LYS A CD   1 
ATOM   1067 C CE   . LYS A 1 140 ? -2.925  11.446  -12.604 1.00 31.78 0  137 LYS A CE   1 
ATOM   1068 N NZ   . LYS A 1 140 ? -3.131  12.602  -13.532 1.00 25.28 1  137 LYS A NZ   1 
ATOM   1069 N N    . TYR A 1 141 ? -1.197  10.107  -9.553  1.00 17.33 0  138 TYR A N    1 
ATOM   1070 C CA   . TYR A 1 141 ? -0.515  11.327  -9.145  1.00 19.88 0  138 TYR A CA   1 
ATOM   1071 C C    . TYR A 1 141 ? 0.576   11.651  -10.157 1.00 22.72 0  138 TYR A C    1 
ATOM   1072 O O    . TYR A 1 141 ? 1.245   10.750  -10.678 1.00 20.97 0  138 TYR A O    1 
ATOM   1073 C CB   . TYR A 1 141 ? 0.071   11.222  -7.706  1.00 18.07 0  138 TYR A CB   1 
ATOM   1074 C CG   . TYR A 1 141 ? 0.285   9.792   -7.226  1.00 17.03 0  138 TYR A CG   1 
ATOM   1075 C CD1  . TYR A 1 141 ? 1.550   9.224   -7.185  1.00 17.55 0  138 TYR A CD1  1 
ATOM   1076 C CD2  . TYR A 1 141 ? -0.789  9.015   -6.820  1.00 16.18 0  138 TYR A CD2  1 
ATOM   1077 C CE1  . TYR A 1 141 ? 1.735   7.905   -6.755  1.00 16.55 0  138 TYR A CE1  1 
ATOM   1078 C CE2  . TYR A 1 141 ? -0.620  7.708   -6.406  1.00 16.95 0  138 TYR A CE2  1 
ATOM   1079 C CZ   . TYR A 1 141 ? 0.640   7.159   -6.375  1.00 16.05 0  138 TYR A CZ   1 
ATOM   1080 O OH   . TYR A 1 141 ? 0.801   5.863   -5.949  1.00 17.57 0  138 TYR A OH   1 
ATOM   1081 N N    . ASN A 1 142 ? 0.734   12.944  -10.449 1.00 21.51 0  139 ASN A N    1 
ATOM   1082 C CA   . ASN A 1 142 ? 1.741   13.416  -11.405 1.00 21.34 0  139 ASN A CA   1 
ATOM   1083 C C    . ASN A 1 142 ? 3.084   13.545  -10.690 1.00 20.84 0  139 ASN A C    1 
ATOM   1084 O O    . ASN A 1 142 ? 3.550   14.634  -10.360 1.00 25.68 0  139 ASN A O    1 
ATOM   1085 C CB   . ASN A 1 142 ? 1.315   14.740  -12.032 1.00 19.03 0  139 ASN A CB   1 
ATOM   1086 C CG   . ASN A 1 142 ? 0.010   14.622  -12.813 1.00 25.95 0  139 ASN A CG   1 
ATOM   1087 O OD1  . ASN A 1 142 ? -0.216  13.637  -13.520 1.00 29.58 0  139 ASN A OD1  1 
ATOM   1088 N ND2  . ASN A 1 142 ? -0.857  15.618  -12.683 1.00 29.61 0  139 ASN A ND2  1 
ATOM   1089 N N    . TYR A 1 143 ? 3.699   12.391  -10.428 1.00 19.47 0  140 TYR A N    1 
ATOM   1090 C CA   . TYR A 1 143 ? 5.008   12.331  -9.809  1.00 22.22 0  140 TYR A CA   1 
ATOM   1091 C C    . TYR A 1 143 ? 5.756   11.141  -10.397 1.00 21.59 0  140 TYR A C    1 
ATOM   1092 O O    . TYR A 1 143 ? 5.158   10.071  -10.567 1.00 21.16 0  140 TYR A O    1 
ATOM   1093 C CB   . TYR A 1 143 ? 4.904   12.197  -8.284  1.00 21.66 0  140 TYR A CB   1 
ATOM   1094 C CG   . TYR A 1 143 ? 6.243   12.192  -7.600  1.00 21.24 0  140 TYR A CG   1 
ATOM   1095 C CD1  . TYR A 1 143 ? 6.828   13.373  -7.145  1.00 24.05 0  140 TYR A CD1  1 
ATOM   1096 C CD2  . TYR A 1 143 ? 6.940   11.010  -7.435  1.00 20.81 0  140 TYR A CD2  1 
ATOM   1097 C CE1  . TYR A 1 143 ? 8.072   13.361  -6.526  1.00 27.71 0  140 TYR A CE1  1 
ATOM   1098 C CE2  . TYR A 1 143 ? 8.184   10.985  -6.836  1.00 25.80 0  140 TYR A CE2  1 
ATOM   1099 C CZ   . TYR A 1 143 ? 8.749   12.157  -6.379  1.00 31.00 0  140 TYR A CZ   1 
ATOM   1100 O OH   . TYR A 1 143 ? 9.986   12.102  -5.769  1.00 32.65 0  140 TYR A OH   1 
ATOM   1101 N N    . PRO A 1 144 ? 7.074   11.290  -10.727 1.00 25.05 0  141 PRO A N    1 
ATOM   1102 C CA   . PRO A 1 144 ? 7.811   10.177  -11.373 1.00 23.65 0  141 PRO A CA   1 
ATOM   1103 C C    . PRO A 1 144 ? 8.307   9.142   -10.371 1.00 25.25 0  141 PRO A C    1 
ATOM   1104 O O    . PRO A 1 144 ? 9.501   9.011   -10.067 1.00 25.47 0  141 PRO A O    1 
ATOM   1105 C CB   . PRO A 1 144 ? 8.953   10.913  -12.093 1.00 26.63 0  141 PRO A CB   1 
ATOM   1106 C CG   . PRO A 1 144 ? 9.191   12.148  -11.251 1.00 23.54 0  141 PRO A CG   1 
ATOM   1107 C CD   . PRO A 1 144 ? 7.827   12.560  -10.759 1.00 25.32 0  141 PRO A CD   1 
ATOM   1108 N N    . THR A 1 145 ? 7.359   8.380   -9.831  1.00 21.64 0  142 THR A N    1 
ATOM   1109 C CA   . THR A 1 145 ? 7.685   7.327   -8.889  1.00 21.66 0  142 THR A CA   1 
ATOM   1110 C C    . THR A 1 145 ? 8.598   6.294   -9.549  1.00 27.91 0  142 THR A C    1 
ATOM   1111 O O    . THR A 1 145 ? 8.608   6.126   -10.771 1.00 22.60 0  142 THR A O    1 
ATOM   1112 C CB   . THR A 1 145 ? 6.402   6.662   -8.390  1.00 20.55 0  142 THR A CB   1 
ATOM   1113 O OG1  . THR A 1 145 ? 5.658   6.195   -9.517  1.00 18.36 0  142 THR A OG1  1 
ATOM   1114 C CG2  . THR A 1 145 ? 5.535   7.671   -7.606  1.00 19.53 0  142 THR A CG2  1 
ATOM   1115 N N    . LYS A 1 146 ? 9.341   5.569   -8.714  1.00 25.21 0  143 LYS A N    1 
ATOM   1116 C CA   . LYS A 1 146 ? 10.425  4.709   -9.168  1.00 26.69 0  143 LYS A CA   1 
ATOM   1117 C C    . LYS A 1 146 ? 10.220  3.262   -8.744  1.00 26.28 0  143 LYS A C    1 
ATOM   1118 O O    . LYS A 1 146 ? 9.550   2.990   -7.742  1.00 24.04 0  143 LYS A O    1 
ATOM   1119 C CB   . LYS A 1 146 ? 11.771  5.193   -8.619  1.00 28.01 0  143 LYS A CB   1 
ATOM   1120 C CG   . LYS A 1 146 ? 12.202  6.550   -9.153  1.00 33.01 0  143 LYS A CG   1 
ATOM   1121 C CD   . LYS A 1 146 ? 13.601  6.923   -8.689  1.00 39.64 0  143 LYS A CD   1 
ATOM   1122 C CE   . LYS A 1 146 ? 14.054  8.236   -9.330  1.00 44.51 0  143 LYS A CE   1 
ATOM   1123 N NZ   . LYS A 1 146 ? 14.042  8.142   -10.829 1.00 48.85 1  143 LYS A NZ   1 
ATOM   1124 N N    . PRO A 1 147 ? 10.798  2.308   -9.480  1.00 30.71 0  144 PRO A N    1 
ATOM   1125 C CA   . PRO A 1 147 ? 10.814  0.924   -8.993  1.00 30.47 0  144 PRO A CA   1 
ATOM   1126 C C    . PRO A 1 147 ? 11.390  0.877   -7.583  1.00 27.78 0  144 PRO A C    1 
ATOM   1127 O O    . PRO A 1 147 ? 12.309  1.627   -7.246  1.00 23.42 0  144 PRO A O    1 
ATOM   1128 C CB   . PRO A 1 147 ? 11.714  0.200   -10.002 1.00 32.37 0  144 PRO A CB   1 
ATOM   1129 C CG   . PRO A 1 147 ? 11.619  1.031   -11.255 1.00 33.29 0  144 PRO A CG   1 
ATOM   1130 C CD   . PRO A 1 147 ? 11.439  2.452   -10.805 1.00 25.52 0  144 PRO A CD   1 
ATOM   1131 N N    . GLY A 1 148 ? 10.829  -0.002  -6.749  1.00 23.60 0  145 GLY A N    1 
ATOM   1132 C CA   . GLY A 1 148 ? 11.218  -0.120  -5.363  1.00 24.48 0  145 GLY A CA   1 
ATOM   1133 C C    . GLY A 1 148 ? 10.373  0.681   -4.385  1.00 22.21 0  145 GLY A C    1 
ATOM   1134 O O    . GLY A 1 148 ? 10.496  0.478   -3.175  1.00 23.06 0  145 GLY A O    1 
ATOM   1135 N N    . GLN A 1 149 ? 9.508   1.567   -4.869  1.00 20.97 0  146 GLN A N    1 
ATOM   1136 C CA   . GLN A 1 149 ? 8.633   2.333   -4.001  1.00 20.35 0  146 GLN A CA   1 
ATOM   1137 C C    . GLN A 1 149 ? 7.265   1.682   -3.820  1.00 18.95 0  146 GLN A C    1 
ATOM   1138 O O    . GLN A 1 149 ? 6.407   2.258   -3.151  1.00 19.41 0  146 GLN A O    1 
ATOM   1139 C CB   . GLN A 1 149 ? 8.480   3.754   -4.545  1.00 19.19 0  146 GLN A CB   1 
ATOM   1140 C CG   . GLN A 1 149 ? 9.795   4.507   -4.557  1.00 20.07 0  146 GLN A CG   1 
ATOM   1141 C CD   . GLN A 1 149 ? 9.677   5.857   -5.197  1.00 24.74 0  146 GLN A CD   1 
ATOM   1142 O OE1  . GLN A 1 149 ? 8.724   6.128   -5.932  1.00 22.39 0  146 GLN A OE1  1 
ATOM   1143 N NE2  . GLN A 1 149 ? 10.642  6.734   -4.911  1.00 22.89 0  146 GLN A NE2  1 
ATOM   1144 N N    . CYS A 1 150 ? 7.043   0.497   -4.386  1.00 16.86 0  147 CYS A N    1 
ATOM   1145 C CA   . CYS A 1 150 ? 5.737   -0.124  -4.235  1.00 16.99 0  147 CYS A CA   1 
ATOM   1146 C C    . CYS A 1 150 ? 5.460   -0.458  -2.776  1.00 17.98 0  147 CYS A C    1 
ATOM   1147 O O    . CYS A 1 150 ? 6.369   -0.768  -1.997  1.00 19.58 0  147 CYS A O    1 
ATOM   1148 C CB   . CYS A 1 150 ? 5.618   -1.374  -5.099  1.00 25.86 0  147 CYS A CB   1 
ATOM   1149 S SG   . CYS A 1 150 ? 5.151   -0.937  -6.790  1.00 29.87 0  147 CYS A SG   1 
ATOM   1150 N N    . GLY A 1 151 ? 4.175   -0.429  -2.430  1.00 15.95 0  148 GLY A N    1 
ATOM   1151 C CA   . GLY A 1 151 ? 3.727   -0.531  -1.069  1.00 16.74 0  148 GLY A CA   1 
ATOM   1152 C C    . GLY A 1 151 ? 3.805   0.764   -0.306  1.00 16.66 0  148 GLY A C    1 
ATOM   1153 O O    . GLY A 1 151 ? 3.124   0.904   0.715   1.00 19.23 0  148 GLY A O    1 
ATOM   1154 N N    . GLY A 1 152 ? 4.590   1.730   -0.778  1.00 17.16 0  149 GLY A N    1 
ATOM   1155 C CA   . GLY A 1 152 ? 4.658   3.017   -0.119  1.00 16.09 0  149 GLY A CA   1 
ATOM   1156 C C    . GLY A 1 152 ? 3.264   3.535   0.170   1.00 17.62 0  149 GLY A C    1 
ATOM   1157 O O    . GLY A 1 152 ? 2.348   3.317   -0.625  1.00 18.73 0  149 GLY A O    1 
ATOM   1158 N N    . VAL A 1 153 ? 3.100   4.222   1.259   1.00 16.67 0  150 VAL A N    1 
ATOM   1159 C CA   . VAL A 1 153 ? 1.838   4.779   1.642   1.00 19.62 0  150 VAL A CA   1 
ATOM   1160 C C    . VAL A 1 153 ? 1.586   6.146   0.986   1.00 20.31 0  150 VAL A C    1 
ATOM   1161 O O    . VAL A 1 153 ? 2.451   6.945   0.938   1.00 18.60 0  150 VAL A O    1 
ATOM   1162 C CB   . VAL A 1 153 ? 1.736   4.947   3.167   1.00 20.86 0  150 VAL A CB   1 
ATOM   1163 C CG1  . VAL A 1 153 ? 0.355   5.375   3.545   1.00 21.69 0  150 VAL A CG1  1 
ATOM   1164 C CG2  . VAL A 1 153 ? 2.122   3.696   3.928   1.00 18.94 0  150 VAL A CG2  1 
ATOM   1165 N N    . ILE A 1 154 ? 0.397   6.357   0.455   1.00 20.00 0  151 ILE A N    1 
ATOM   1166 C CA   . ILE A 1 154 ? 0.003   7.642   -0.083  1.00 18.74 0  151 ILE A CA   1 
ATOM   1167 C C    . ILE A 1 154 ? -0.909  8.246   0.986   1.00 18.45 0  151 ILE A C    1 
ATOM   1168 O O    . ILE A 1 154 ? -1.982  7.761   1.195   1.00 16.22 0  151 ILE A O    1 
ATOM   1169 C CB   . ILE A 1 154 ? -0.724  7.541   -1.420  1.00 30.00 0  151 ILE A CB   1 
ATOM   1170 C CG1  . ILE A 1 154 ? 0.110   6.821   -2.476  1.00 30.00 0  151 ILE A CG1  1 
ATOM   1171 C CG2  . ILE A 1 154 ? -1.193  8.910   -1.866  1.00 30.00 0  151 ILE A CG2  1 
ATOM   1172 C CD1  . ILE A 1 154 ? 1.431   7.396   -2.786  1.00 30.00 0  151 ILE A CD1  1 
ATOM   1173 N N    . ALA A 1 155 ? -0.433  9.304   1.620   1.00 18.16 0  152 ALA A N    1 
ATOM   1174 C CA   . ALA A 1 155 ? -1.125  9.935   2.723   1.00 19.69 0  152 ALA A CA   1 
ATOM   1175 C C    . ALA A 1 155 ? -0.670  11.316  3.133   1.00 19.74 0  152 ALA A C    1 
ATOM   1176 O O    . ALA A 1 155 ? 0.323   11.793  2.659   1.00 19.10 0  152 ALA A O    1 
ATOM   1177 C CB   . ALA A 1 155 ? -0.975  9.065   3.945   1.00 18.20 0  152 ALA A CB   1 
ATOM   1178 N N    . ASN A 1 156 ? -1.479  11.943  3.977   1.00 17.17 0  153 ASN A N    1 
ATOM   1179 C CA   . ASN A 1 156 ? -1.084  13.172  4.662   1.00 20.10 0  153 ASN A CA   1 
ATOM   1180 C C    . ASN A 1 156 ? -1.799  13.162  6.010   1.00 18.95 0  153 ASN A C    1 
ATOM   1181 O O    . ASN A 1 156 ? -2.415  12.162  6.377   1.00 18.17 0  153 ASN A O    1 
ATOM   1182 C CB   . ASN A 1 156 ? -1.376  14.410  3.798   1.00 16.30 0  153 ASN A CB   1 
ATOM   1183 C CG   . ASN A 1 156 ? -2.864  14.601  3.505   1.00 20.83 0  153 ASN A CG   1 
ATOM   1184 O OD1  . ASN A 1 156 ? -3.721  14.053  4.194   1.00 18.63 0  153 ASN A OD1  1 
ATOM   1185 N ND2  . ASN A 1 156 ? -3.167  15.380  2.472   1.00 20.11 0  153 ASN A ND2  1 
ATOM   1186 N N    . THR A 1 157 ? -1.718  14.256  6.761   1.00 20.64 0  154 THR A N    1 
ATOM   1187 C CA   . THR A 1 157 ? -2.254  14.237  8.126   1.00 19.01 0  154 THR A CA   1 
ATOM   1188 C C    . THR A 1 157 ? -3.715  13.787  8.144   1.00 18.47 0  154 THR A C    1 
ATOM   1189 O O    . THR A 1 157 ? -4.584  14.419  7.530   1.00 20.31 0  154 THR A O    1 
ATOM   1190 C CB   . THR A 1 157 ? -2.106  15.619  8.772   1.00 24.34 0  154 THR A CB   1 
ATOM   1191 O OG1  . THR A 1 157 ? -0.720  15.974  8.797   1.00 23.91 0  154 THR A OG1  1 
ATOM   1192 C CG2  . THR A 1 157 ? -2.633  15.611  10.214  1.00 19.58 0  154 THR A CG2  1 
ATOM   1193 N N    . GLY A 1 158 ? -3.969  12.658  8.810   1.00 18.70 0  155 GLY A N    1 
ATOM   1194 C CA   . GLY A 1 158 ? -5.302  12.118  8.980   1.00 20.12 0  155 GLY A CA   1 
ATOM   1195 C C    . GLY A 1 158 ? -5.918  11.417  7.786   1.00 17.97 0  155 GLY A C    1 
ATOM   1196 O O    . GLY A 1 158 ? -7.059  10.971  7.883   1.00 18.45 0  155 GLY A O    1 
ATOM   1197 N N    . ASN A 1 159 ? -5.227  11.300  6.654   1.00 17.31 0  156 ASN A N    1 
ATOM   1198 C CA   . ASN A 1 159 ? -5.836  10.691  5.471   1.00 19.29 0  156 ASN A CA   1 
ATOM   1199 C C    . ASN A 1 159 ? -4.885  9.646   4.898   1.00 19.46 0  156 ASN A C    1 
ATOM   1200 O O    . ASN A 1 159 ? -3.806  9.994   4.407   1.00 20.58 0  156 ASN A O    1 
ATOM   1201 C CB   . ASN A 1 159 ? -6.161  11.750  4.418   1.00 17.81 0  156 ASN A CB   1 
ATOM   1202 C CG   . ASN A 1 159 ? -7.042  12.864  4.948   1.00 20.10 0  156 ASN A CG   1 
ATOM   1203 O OD1  . ASN A 1 159 ? -8.115  12.610  5.460   1.00 18.03 0  156 ASN A OD1  1 
ATOM   1204 N ND2  . ASN A 1 159 ? -6.600  14.110  4.786   1.00 15.48 0  156 ASN A ND2  1 
ATOM   1205 N N    . ILE A 1 160 ? -5.268  8.379   4.955   1.00 17.42 0  157 ILE A N    1 
ATOM   1206 C CA   . ILE A 1 160 ? -4.419  7.281   4.480   1.00 16.05 0  157 ILE A CA   1 
ATOM   1207 C C    . ILE A 1 160 ? -5.153  6.654   3.300   1.00 14.21 0  157 ILE A C    1 
ATOM   1208 O O    . ILE A 1 160 ? -6.142  5.934   3.483   1.00 17.22 0  157 ILE A O    1 
ATOM   1209 C CB   . ILE A 1 160 ? -4.118  6.250   5.580   1.00 20.24 0  157 ILE A CB   1 
ATOM   1210 C CG1  . ILE A 1 160 ? -3.493  6.930   6.813   1.00 16.02 0  157 ILE A CG1  1 
ATOM   1211 C CG2  . ILE A 1 160 ? -3.176  5.152   5.035   1.00 19.15 0  157 ILE A CG2  1 
ATOM   1212 C CD1  . ILE A 1 160 ? -3.414  6.025   8.029   1.00 14.29 0  157 ILE A CD1  1 
ATOM   1213 N N    . VAL A 1 161 ? -4.669  6.923   2.096   1.00 17.14 0  158 VAL A N    1 
ATOM   1214 C CA   . VAL A 1 161 ? -5.535  6.955   0.934   1.00 16.44 0  158 VAL A CA   1 
ATOM   1215 C C    . VAL A 1 161 ? -5.184  5.915   -0.124  1.00 21.09 0  158 VAL A C    1 
ATOM   1216 O O    . VAL A 1 161 ? -6.071  5.525   -0.905  1.00 19.15 0  158 VAL A O    1 
ATOM   1217 C CB   . VAL A 1 161 ? -5.511  8.390   0.363   1.00 26.15 0  158 VAL A CB   1 
ATOM   1218 C CG1  . VAL A 1 161 ? -5.003  8.482   -1.059  1.00 23.64 0  158 VAL A CG1  1 
ATOM   1219 C CG2  . VAL A 1 161 ? -6.828  9.113   0.623   1.00 25.01 0  158 VAL A CG2  1 
ATOM   1220 N N    . ALA A 1 162 ? -3.955  5.404   -0.158  1.00 18.48 0  159 ALA A N    1 
ATOM   1221 C CA   . ALA A 1 162 ? -3.587  4.394   -1.149  1.00 19.59 0  159 ALA A CA   1 
ATOM   1222 C C    . ALA A 1 162 ? -2.245  3.787   -0.764  1.00 18.64 0  159 ALA A C    1 
ATOM   1223 O O    . ALA A 1 162 ? -1.534  4.316   0.088   1.00 17.41 0  159 ALA A O    1 
ATOM   1224 C CB   . ALA A 1 162 ? -3.509  4.983   -2.569  1.00 13.72 0  159 ALA A CB   1 
ATOM   1225 N N    . ILE A 1 163 ? -1.925  2.643   -1.379  1.00 17.21 0  160 ILE A N    1 
ATOM   1226 C CA   . ILE A 1 163 ? -0.559  2.140   -1.424  1.00 16.62 0  160 ILE A CA   1 
ATOM   1227 C C    . ILE A 1 163 ? -0.077  2.212   -2.869  1.00 17.72 0  160 ILE A C    1 
ATOM   1228 O O    . ILE A 1 163 ? -0.843  1.963   -3.811  1.00 19.16 0  160 ILE A O    1 
ATOM   1229 C CB   . ILE A 1 163 ? -0.431  0.711   -0.852  1.00 17.70 0  160 ILE A CB   1 
ATOM   1230 C CG1  . ILE A 1 163 ? -1.229  -0.282  -1.714  1.00 21.16 0  160 ILE A CG1  1 
ATOM   1231 C CG2  . ILE A 1 163 ? -0.823  0.715   0.653   1.00 17.64 0  160 ILE A CG2  1 
ATOM   1232 C CD1  . ILE A 1 163 ? -0.968  -1.752  -1.373  1.00 22.55 0  160 ILE A CD1  1 
ATOM   1233 N N    . HIS A 1 164 ? 1.184   2.577   -3.036  1.00 18.23 0  161 HIS A N    1 
ATOM   1234 C CA   . HIS A 1 164 ? 1.746   2.752   -4.363  1.00 16.89 0  161 HIS A CA   1 
ATOM   1235 C C    . HIS A 1 164 ? 1.914   1.403   -5.047  1.00 19.91 0  161 HIS A C    1 
ATOM   1236 O O    . HIS A 1 164 ? 2.466   0.470   -4.453  1.00 17.64 0  161 HIS A O    1 
ATOM   1237 C CB   . HIS A 1 164 ? 3.100   3.452   -4.278  1.00 17.85 0  161 HIS A CB   1 
ATOM   1238 C CG   . HIS A 1 164 ? 3.669   3.743   -5.620  1.00 17.60 0  161 HIS A CG   1 
ATOM   1239 N ND1  . HIS A 1 164 ? 3.129   4.698   -6.450  1.00 18.99 0  161 HIS A ND1  1 
ATOM   1240 C CD2  . HIS A 1 164 ? 4.659   3.144   -6.322  1.00 19.72 0  161 HIS A CD2  1 
ATOM   1241 C CE1  . HIS A 1 164 ? 3.797   4.713   -7.590  1.00 17.61 0  161 HIS A CE1  1 
ATOM   1242 N NE2  . HIS A 1 164 ? 4.721   3.771   -7.542  1.00 19.71 0  161 HIS A NE2  1 
ATOM   1243 N N    . VAL A 1 165 ? 1.467   1.290   -6.309  1.00 19.47 0  162 VAL A N    1 
ATOM   1244 C CA   . VAL A 1 165 ? 1.534   -0.026  -6.951  1.00 19.18 0  162 VAL A CA   1 
ATOM   1245 C C    . VAL A 1 165 ? 2.109   0.004   -8.370  1.00 20.79 0  162 VAL A C    1 
ATOM   1246 O O    . VAL A 1 165 ? 2.450   -1.048  -8.914  1.00 24.52 0  162 VAL A O    1 
ATOM   1247 C CB   . VAL A 1 165 ? 0.156   -0.721  -6.956  1.00 17.25 0  162 VAL A CB   1 
ATOM   1248 C CG1  . VAL A 1 165 ? -0.296  -1.054  -5.535  1.00 19.66 0  162 VAL A CG1  1 
ATOM   1249 C CG2  . VAL A 1 165 ? -0.887  0.132   -7.704  1.00 20.79 0  162 VAL A CG2  1 
ATOM   1250 N N    . GLY A 1 166 ? 2.246   1.176   -8.981  1.00 20.39 0  163 GLY A N    1 
ATOM   1251 C CA   . GLY A 1 166 ? 2.860   1.204   -10.300 1.00 22.09 0  163 GLY A CA   1 
ATOM   1252 C C    . GLY A 1 166 ? 3.169   2.602   -10.789 1.00 20.25 0  163 GLY A C    1 
ATOM   1253 O O    . GLY A 1 166 ? 2.878   3.601   -10.125 1.00 16.77 0  163 GLY A O    1 
ATOM   1254 N N    . GLY A 1 167 ? 3.793   2.657   -11.961 1.00 19.33 0  164 GLY A N    1 
ATOM   1255 C CA   . GLY A 1 167 ? 4.111   3.931   -12.591 1.00 21.01 0  164 GLY A CA   1 
ATOM   1256 C C    . GLY A 1 167 ? 4.740   3.699   -13.949 1.00 21.38 0  164 GLY A C    1 
ATOM   1257 O O    . GLY A 1 167 ? 5.055   2.569   -14.327 1.00 25.09 0  164 GLY A O    1 
ATOM   1258 N N    . ASN A 1 168 ? 4.928   4.800   -14.683 1.00 20.81 0  165 ASN A N    1 
ATOM   1259 C CA   . ASN A 1 168 ? 5.433   4.728   -16.052 1.00 23.26 0  165 ASN A CA   1 
ATOM   1260 C C    . ASN A 1 168 ? 6.602   5.681   -16.279 1.00 24.32 0  165 ASN A C    1 
ATOM   1261 O O    . ASN A 1 168 ? 6.887   6.053   -17.427 1.00 23.73 0  165 ASN A O    1 
ATOM   1262 C CB   . ASN A 1 168 ? 4.311   5.006   -17.065 1.00 21.58 0  165 ASN A CB   1 
ATOM   1263 C CG   . ASN A 1 168 ? 3.922   6.479   -17.129 1.00 20.49 0  165 ASN A CG   1 
ATOM   1264 O OD1  . ASN A 1 168 ? 4.218   7.253   -16.220 1.00 18.26 0  165 ASN A OD1  1 
ATOM   1265 N ND2  . ASN A 1 168 ? 3.263   6.873   -18.224 1.00 18.90 0  165 ASN A ND2  1 
ATOM   1266 N N    . GLY A 1 169 ? 7.292   6.086   -15.216 1.00 22.60 0  166 GLY A N    1 
ATOM   1267 C CA   . GLY A 1 169 ? 8.345   7.074   -15.326 1.00 22.15 0  166 GLY A CA   1 
ATOM   1268 C C    . GLY A 1 169 ? 7.873   8.510   -15.240 1.00 25.96 0  166 GLY A C    1 
ATOM   1269 O O    . GLY A 1 169 ? 8.678   9.398   -14.942 1.00 23.33 0  166 GLY A O    1 
ATOM   1270 N N    . ARG A 1 170 ? 6.603   8.763   -15.494 1.00 20.47 0  167 ARG A N    1 
ATOM   1271 C CA   . ARG A 1 170 ? 6.052   10.110  -15.424 1.00 22.59 0  167 ARG A CA   1 
ATOM   1272 C C    . ARG A 1 170 ? 5.007   10.259  -14.325 1.00 21.67 0  167 ARG A C    1 
ATOM   1273 O O    . ARG A 1 170 ? 4.987   11.273  -13.634 1.00 21.99 0  167 ARG A O    1 
ATOM   1274 C CB   . ARG A 1 170 ? 5.437   10.506  -16.785 1.00 24.07 0  167 ARG A CB   1 
ATOM   1275 C CG   . ARG A 1 170 ? 6.454   10.659  -17.918 1.00 23.80 0  167 ARG A CG   1 
ATOM   1276 C CD   . ARG A 1 170 ? 7.452   11.743  -17.575 1.00 23.96 0  167 ARG A CD   1 
ATOM   1277 N NE   . ARG A 1 170 ? 6.727   12.972  -17.252 1.00 34.43 0  167 ARG A NE   1 
ATOM   1278 C CZ   . ARG A 1 170 ? 7.074   13.848  -16.310 1.00 34.58 0  167 ARG A CZ   1 
ATOM   1279 N NH1  . ARG A 1 170 ? 8.161   13.659  -15.568 1.00 30.89 1  167 ARG A NH1  1 
ATOM   1280 N NH2  . ARG A 1 170 ? 6.316   14.921  -16.112 1.00 36.49 0  167 ARG A NH2  1 
ATOM   1281 N N    . VAL A 1 171 ? 4.139   9.267   -14.134 1.00 19.63 0  168 VAL A N    1 
ATOM   1282 C CA   . VAL A 1 171 ? 3.088   9.328   -13.125 1.00 18.76 0  168 VAL A CA   1 
ATOM   1283 C C    . VAL A 1 171 ? 3.157   8.075   -12.263 1.00 17.27 0  168 VAL A C    1 
ATOM   1284 O O    . VAL A 1 171 ? 3.816   7.090   -12.603 1.00 18.80 0  168 VAL A O    1 
ATOM   1285 C CB   . VAL A 1 171 ? 1.688   9.452   -13.743 1.00 21.09 0  168 VAL A CB   1 
ATOM   1286 C CG1  . VAL A 1 171 ? 1.583   10.719  -14.614 1.00 21.98 0  168 VAL A CG1  1 
ATOM   1287 C CG2  . VAL A 1 171 ? 1.370   8.192   -14.536 1.00 18.64 0  168 VAL A CG2  1 
ATOM   1288 N N    . GLY A 1 172 ? 2.445   8.118   -11.141 1.00 18.08 0  169 GLY A N    1 
ATOM   1289 C CA   . GLY A 1 172 ? 2.322   6.974   -10.264 1.00 16.80 0  169 GLY A CA   1 
ATOM   1290 C C    . GLY A 1 172 ? 0.863   6.597   -10.094 1.00 18.46 0  169 GLY A C    1 
ATOM   1291 O O    . GLY A 1 172 ? -0.022  7.448   -10.161 1.00 19.68 0  169 GLY A O    1 
ATOM   1292 N N    . TYR A 1 173 ? 0.621   5.303   -9.886  1.00 17.07 0  170 TYR A N    1 
ATOM   1293 C CA   . TYR A 1 173 ? -0.709  4.754   -9.659  1.00 17.04 0  170 TYR A CA   1 
ATOM   1294 C C    . TYR A 1 173 ? -0.728  4.146   -8.265  1.00 16.97 0  170 TYR A C    1 
ATOM   1295 O O    . TYR A 1 173 ? 0.171   3.378   -7.908  1.00 17.91 0  170 TYR A O    1 
ATOM   1296 C CB   . TYR A 1 173 ? -1.083  3.678   -10.698 1.00 17.21 0  170 TYR A CB   1 
ATOM   1297 C CG   . TYR A 1 173 ? -0.841  4.096   -12.132 1.00 17.25 0  170 TYR A CG   1 
ATOM   1298 C CD1  . TYR A 1 173 ? -1.787  4.813   -12.835 1.00 20.56 0  170 TYR A CD1  1 
ATOM   1299 C CD2  . TYR A 1 173 ? 0.342   3.768   -12.775 1.00 19.94 0  170 TYR A CD2  1 
ATOM   1300 C CE1  . TYR A 1 173 ? -1.570  5.198   -14.159 1.00 22.94 0  170 TYR A CE1  1 
ATOM   1301 C CE2  . TYR A 1 173 ? 0.589   4.161   -14.087 1.00 20.31 0  170 TYR A CE2  1 
ATOM   1302 C CZ   . TYR A 1 173 ? -0.372  4.871   -14.773 1.00 24.26 0  170 TYR A CZ   1 
ATOM   1303 O OH   . TYR A 1 173 ? -0.137  5.239   -16.073 1.00 24.10 0  170 TYR A OH   1 
ATOM   1304 N N    . GLY A 1 174 ? -1.729  4.509   -7.483  1.00 16.51 0  171 GLY A N    1 
ATOM   1305 C CA   . GLY A 1 174 ? -1.931  3.937   -6.161  1.00 20.40 0  171 GLY A CA   1 
ATOM   1306 C C    . GLY A 1 174 ? -3.241  3.159   -6.129  1.00 18.29 0  171 GLY A C    1 
ATOM   1307 O O    . GLY A 1 174 ? -4.232  3.586   -6.721  1.00 21.83 0  171 GLY A O    1 
ATOM   1308 N N    . ALA A 1 175 ? -3.226  2.022   -5.442  1.00 15.55 0  172 ALA A N    1 
ATOM   1309 C CA   . ALA A 1 175 ? -4.456  1.271   -5.214  1.00 19.48 0  172 ALA A CA   1 
ATOM   1310 C C    . ALA A 1 175 ? -5.242  1.950   -4.095  1.00 18.97 0  172 ALA A C    1 
ATOM   1311 O O    . ALA A 1 175 ? -4.733  2.100   -2.981  1.00 19.55 0  172 ALA A O    1 
ATOM   1312 C CB   . ALA A 1 175 ? -4.139  -0.183  -4.852  1.00 17.46 0  172 ALA A CB   1 
ATOM   1313 N N    . ALA A 1 176 ? -6.474  2.361   -4.382  1.00 16.53 0  173 ALA A N    1 
ATOM   1314 C CA   . ALA A 1 176 ? -7.261  3.058   -3.373  1.00 20.28 0  173 ALA A CA   1 
ATOM   1315 C C    . ALA A 1 176 ? -7.459  2.176   -2.145  1.00 18.89 0  173 ALA A C    1 
ATOM   1316 O O    . ALA A 1 176 ? -7.801  0.992   -2.256  1.00 20.26 0  173 ALA A O    1 
ATOM   1317 C CB   . ALA A 1 176 ? -8.613  3.494   -3.937  1.00 17.07 0  173 ALA A CB   1 
ATOM   1318 N N    . LEU A 1 177 ? -7.197  2.743   -0.972  1.00 17.82 0  174 LEU A N    1 
ATOM   1319 C CA   . LEU A 1 177 ? -7.563  2.104   0.291   1.00 17.90 0  174 LEU A CA   1 
ATOM   1320 C C    . LEU A 1 177 ? -8.977  2.559   0.646   1.00 19.52 0  174 LEU A C    1 
ATOM   1321 O O    . LEU A 1 177 ? -9.234  3.763   0.742   1.00 17.79 0  174 LEU A O    1 
ATOM   1322 C CB   . LEU A 1 177 ? -6.576  2.467   1.402   1.00 16.71 0  174 LEU A CB   1 
ATOM   1323 C CG   . LEU A 1 177 ? -5.159  1.906   1.259   1.00 20.78 0  174 LEU A CG   1 
ATOM   1324 C CD1  . LEU A 1 177 ? -4.228  2.623   2.224   1.00 15.94 0  174 LEU A CD1  1 
ATOM   1325 C CD2  . LEU A 1 177 ? -5.147  0.396   1.508   1.00 19.67 0  174 LEU A CD2  1 
ATOM   1326 N N    . LEU A 1 178 ? -9.904  1.609   0.784   1.00 18.07 0  175 LEU A N    1 
ATOM   1327 C CA   . LEU A 1 178 ? -11.286 1.925   1.120   1.00 21.89 0  175 LEU A CA   1 
ATOM   1328 C C    . LEU A 1 178 ? -11.669 1.209   2.409   1.00 21.83 0  175 LEU A C    1 
ATOM   1329 O O    . LEU A 1 178 ? -11.338 0.035   2.607   1.00 21.52 0  175 LEU A O    1 
ATOM   1330 C CB   . LEU A 1 178 ? -12.234 1.550   -0.026  1.00 20.45 0  175 LEU A CB   1 
ATOM   1331 C CG   . LEU A 1 178 ? -11.882 2.188   -1.371  1.00 23.37 0  175 LEU A CG   1 
ATOM   1332 C CD1  . LEU A 1 178 ? -12.657 1.519   -2.509  1.00 26.32 0  175 LEU A CD1  1 
ATOM   1333 C CD2  . LEU A 1 178 ? -12.137 3.698   -1.340  1.00 21.04 0  175 LEU A CD2  1 
ATOM   1334 N N    . ARG A 1 179 ? -12.351 1.926   3.303   1.00 21.59 0  176 ARG A N    1 
ATOM   1335 C CA   . ARG A 1 179 ? -12.523 1.402   4.655   1.00 26.10 0  176 ARG A CA   1 
ATOM   1336 C C    . ARG A 1 179 ? -13.247 0.063   4.664   1.00 24.88 0  176 ARG A C    1 
ATOM   1337 O O    . ARG A 1 179 ? -12.977 -0.776  5.530   1.00 22.32 0  176 ARG A O    1 
ATOM   1338 C CB   . ARG A 1 179 ? -13.269 2.400   5.533   1.00 26.99 0  176 ARG A CB   1 
ATOM   1339 C CG   . ARG A 1 179 ? -13.103 2.107   7.036   1.00 27.05 0  176 ARG A CG   1 
ATOM   1340 C CD   . ARG A 1 179 ? -13.736 3.219   7.851   1.00 30.79 0  176 ARG A CD   1 
ATOM   1341 N NE   . ARG A 1 179 ? -13.225 4.521   7.422   1.00 27.03 0  176 ARG A NE   1 
ATOM   1342 C CZ   . ARG A 1 179 ? -13.824 5.675   7.692   1.00 30.92 0  176 ARG A CZ   1 
ATOM   1343 N NH1  . ARG A 1 179 ? -14.971 5.682   8.373   1.00 29.58 1  176 ARG A NH1  1 
ATOM   1344 N NH2  . ARG A 1 179 ? -13.292 6.813   7.265   1.00 25.10 0  176 ARG A NH2  1 
ATOM   1345 N N    . LYS A 1 180 ? -14.164 -0.158  3.718   1.00 23.49 0  177 LYS A N    1 
ATOM   1346 C CA   . LYS A 1 180 ? -14.904 -1.415  3.675   1.00 25.73 0  177 LYS A CA   1 
ATOM   1347 C C    . LYS A 1 180 ? -14.003 -2.620  3.444   1.00 30.11 0  177 LYS A C    1 
ATOM   1348 O O    . LYS A 1 180 ? -14.403 -3.743  3.774   1.00 25.93 0  177 LYS A O    1 
ATOM   1349 C CB   . LYS A 1 180 ? -15.985 -1.362  2.584   1.00 25.97 0  177 LYS A CB   1 
ATOM   1350 C CG   . LYS A 1 180 ? -15.426 -1.229  1.165   1.00 23.94 0  177 LYS A CG   1 
ATOM   1351 C CD   . LYS A 1 180 ? -16.538 -1.112  0.113   1.00 22.31 0  177 LYS A CD   1 
ATOM   1352 C CE   . LYS A 1 180 ? -15.958 -0.710  -1.249  1.00 28.94 0  177 LYS A CE   1 
ATOM   1353 N NZ   . LYS A 1 180 ? -17.028 -0.516  -2.280  1.00 33.66 1  177 LYS A NZ   1 
ATOM   1354 N N    . TYR A 1 181 ? -12.801 -2.424  2.883   1.00 22.67 0  178 TYR A N    1 
ATOM   1355 C CA   . TYR A 1 181 ? -11.866 -3.539  2.761   1.00 24.36 0  178 TYR A CA   1 
ATOM   1356 C C    . TYR A 1 181 ? -11.522 -4.147  4.121   1.00 24.45 0  178 TYR A C    1 
ATOM   1357 O O    . TYR A 1 181 ? -11.185 -5.333  4.207   1.00 21.72 0  178 TYR A O    1 
ATOM   1358 C CB   . TYR A 1 181 ? -10.571 -3.079  2.087   1.00 24.34 0  178 TYR A CB   1 
ATOM   1359 C CG   . TYR A 1 181 ? -10.667 -2.693  0.628   1.00 24.38 0  178 TYR A CG   1 
ATOM   1360 C CD1  . TYR A 1 181 ? -11.760 -3.080  -0.154  1.00 25.49 0  178 TYR A CD1  1 
ATOM   1361 C CD2  . TYR A 1 181 ? -9.657  -1.951  0.023   1.00 22.06 0  178 TYR A CD2  1 
ATOM   1362 C CE1  . TYR A 1 181 ? -11.833 -2.744  -1.498  1.00 21.46 0  178 TYR A CE1  1 
ATOM   1363 C CE2  . TYR A 1 181 ? -9.737  -1.599  -1.316  1.00 21.37 0  178 TYR A CE2  1 
ATOM   1364 C CZ   . TYR A 1 181 ? -10.820 -1.999  -2.072  1.00 23.58 0  178 TYR A CZ   1 
ATOM   1365 O OH   . TYR A 1 181 ? -10.884 -1.658  -3.413  1.00 22.02 0  178 TYR A OH   1 
ATOM   1366 N N    . PHE A 1 182 ? -11.575 -3.346  5.187   1.00 19.89 0  179 PHE A N    1 
ATOM   1367 C CA   . PHE A 1 182 ? -10.969 -3.695  6.467   1.00 20.39 0  179 PHE A CA   1 
ATOM   1368 C C    . PHE A 1 182 ? -12.005 -3.863  7.578   1.00 25.29 0  179 PHE A C    1 
ATOM   1369 O O    . PHE A 1 182 ? -11.652 -3.848  8.761   1.00 29.16 0  179 PHE A O    1 
ATOM   1370 C CB   . PHE A 1 182 ? -9.934  -2.630  6.828   1.00 17.96 0  179 PHE A CB   1 
ATOM   1371 C CG   . PHE A 1 182 ? -8.981  -2.338  5.695   1.00 21.97 0  179 PHE A CG   1 
ATOM   1372 C CD1  . PHE A 1 182 ? -8.098  -3.311  5.269   1.00 19.95 0  179 PHE A CD1  1 
ATOM   1373 C CD2  . PHE A 1 182 ? -9.013  -1.120  5.019   1.00 22.32 0  179 PHE A CD2  1 
ATOM   1374 C CE1  . PHE A 1 182 ? -7.218  -3.077  4.214   1.00 22.12 0  179 PHE A CE1  1 
ATOM   1375 C CE2  . PHE A 1 182 ? -8.141  -0.867  3.942   1.00 21.60 0  179 PHE A CE2  1 
ATOM   1376 C CZ   . PHE A 1 182 ? -7.245  -1.851  3.542   1.00 19.71 0  179 PHE A CZ   1 
ATOM   1377 N N    . ALA A 1 183 ? -13.270 -4.040  7.219   1.00 28.93 0  180 ALA A N    1 
ATOM   1378 C CA   . ALA A 1 183 ? -14.345 -4.162  8.203   1.00 37.00 0  180 ALA A CA   1 
ATOM   1379 C C    . ALA A 1 183 ? -14.411 -5.555  8.843   1.00 35.78 0  180 ALA A C    1 
ATOM   1380 O O    . ALA A 1 183 ? -13.781 -6.517  8.378   1.00 42.13 0  180 ALA A O    1 
ATOM   1381 C CB   . ALA A 1 183 ? -15.674 -3.818  7.554   1.00 35.37 0  180 ALA A CB   1 
HETATM 1382 C C01  . AG7 B 2 .   ? 4.645   -1.429  -13.376 1.00 56.87 0  501 AG7 A C01  1 
HETATM 1383 C C02  . AG7 B 2 .   ? 4.796   -2.794  -12.725 1.00 55.13 0  501 AG7 A C02  1 
HETATM 1384 O O03  . AG7 B 2 .   ? 4.688   -0.376  -12.807 1.00 39.03 0  501 AG7 A O03  1 
HETATM 1385 C C04  . AG7 B 2 .   ? 4.578   -2.814  -11.218 1.00 48.62 0  501 AG7 A C04  1 
HETATM 1386 C C05  . AG7 B 2 .   ? 4.366   -4.287  -10.915 1.00 52.58 0  501 AG7 A C05  1 
HETATM 1387 C C06  . AG7 B 2 .   ? 2.926   -4.710  -11.247 1.00 47.89 0  501 AG7 A C06  1 
HETATM 1388 C C07  . AG7 B 2 .   ? 1.858   -3.977  -10.755 1.00 46.71 0  501 AG7 A C07  1 
HETATM 1389 C C08  . AG7 B 2 .   ? 0.559   -4.353  -11.053 1.00 48.30 0  501 AG7 A C08  1 
HETATM 1390 C C09  . AG7 B 2 .   ? 0.315   -5.465  -11.852 1.00 47.91 0  501 AG7 A C09  1 
HETATM 1391 C C10  . AG7 B 2 .   ? 1.381   -6.202  -12.349 1.00 49.60 0  501 AG7 A C10  1 
HETATM 1392 C C11  . AG7 B 2 .   ? 2.685   -5.826  -12.049 1.00 49.69 0  501 AG7 A C11  1 
HETATM 1393 N N12  . AG7 B 2 .   ? 5.834   -1.297  -9.487  1.00 42.73 0  501 AG7 A N12  1 
HETATM 1394 C C13  . AG7 B 2 .   ? 7.133   -0.748  -9.059  1.00 41.63 0  501 AG7 A C13  1 
HETATM 1395 C C14  . AG7 B 2 .   ? 6.921   0.756   -9.074  1.00 39.08 0  501 AG7 A C14  1 
HETATM 1396 C C15  . AG7 B 2 .   ? 6.881   1.281   -10.560 1.00 34.68 0  501 AG7 A C15  1 
HETATM 1397 C C16  . AG7 B 2 .   ? 7.035   2.887   -10.534 1.00 26.06 0  501 AG7 A C16  1 
HETATM 1398 N N17  . AG7 B 2 .   ? 7.809   3.248   -11.545 1.00 30.82 0  501 AG7 A N17  1 
HETATM 1399 O O18  . AG7 B 2 .   ? 6.529   3.608   -9.742  1.00 26.95 0  501 AG7 A O18  1 
HETATM 1400 C C19  . AG7 B 2 .   ? 7.762   -1.213  -7.740  1.00 46.90 0  501 AG7 A C19  1 
HETATM 1401 C C20  . AG7 B 2 .   ? 7.390   -2.673  -7.437  1.00 46.82 0  501 AG7 A C20  1 
HETATM 1402 C C21  . AG7 B 2 .   ? 8.644   -3.353  -7.935  1.00 50.79 0  501 AG7 A C21  1 
HETATM 1403 O O22  . AG7 B 2 .   ? 8.587   -4.575  -8.598  1.00 56.24 0  501 AG7 A O22  1 
HETATM 1404 O O23  . AG7 B 2 .   ? 9.669   -2.785  -7.775  1.00 49.99 0  501 AG7 A O23  1 
HETATM 1405 C C47  . AG7 B 2 .   ? 5.846   -2.212  -10.616 1.00 47.58 0  501 AG7 A C47  1 
HETATM 1406 O O48  . AG7 B 2 .   ? 6.892   -2.480  -11.100 1.00 46.28 0  501 AG7 A O48  1 
HETATM 1407 C C50  . AG7 B 2 .   ? 9.852   -4.990  -9.016  1.00 59.41 0  501 AG7 A C50  1 
HETATM 1408 C C53  . AG7 B 2 .   ? 9.770   -6.468  -9.396  1.00 58.23 0  501 AG7 A C53  1 
HETATM 1409 C C57  . AG7 B 2 .   ? 4.434   -1.585  -14.870 1.00 62.42 0  501 AG7 A C57  1 
HETATM 1410 N N58  . AG7 B 2 .   ? 4.087   -0.336  -15.430 1.00 63.63 0  501 AG7 A N58  1 
HETATM 1411 C C59  . AG7 B 2 .   ? 3.175   -0.327  -16.521 1.00 73.33 0  501 AG7 A C59  1 
HETATM 1412 O O60  . AG7 B 2 .   ? 2.646   -1.271  -17.019 1.00 77.20 0  501 AG7 A O60  1 
HETATM 1413 C C78  . AG7 B 2 .   ? 5.726   -2.031  -15.557 1.00 64.57 0  501 AG7 A C78  1 
HETATM 1414 C C81  . AG7 B 2 .   ? 5.526   -2.406  -17.032 1.00 66.68 0  501 AG7 A C81  1 
HETATM 1415 F F1   . AG7 B 2 .   ? -0.973  -5.826  -12.146 1.00 48.64 0  501 AG7 A F1   1 
HETATM 1416 C C82  . AG7 B 2 .   ? 6.774   -0.921  -15.428 1.00 74.14 0  501 AG7 A C82  1 
HETATM 1417 C C83  . AG7 B 2 .   ? 8.252   2.012   -12.311 1.00 34.72 0  501 AG7 A C83  1 
HETATM 1418 C C84  . AG7 B 2 .   ? 7.901   0.821   -11.303 1.00 36.83 0  501 AG7 A C84  1 
HETATM 1419 C C1   . AG7 B 2 .   ? 3.001   1.074   -16.972 1.00 76.17 0  501 AG7 A C1   1 
HETATM 1420 H H2   . AG7 B 2 .   ? 4.157   -3.398  -13.133 1.00 66.15 0  501 AG7 A H2   1 
HETATM 1421 H H3   . AG7 B 2 .   ? 5.690   -3.122  -12.908 1.00 66.15 0  501 AG7 A H3   1 
HETATM 1422 H H27  . AG7 B 2 .   ? 3.796   -2.293  -10.976 1.00 58.34 0  501 AG7 A H27  1 
HETATM 1423 H H28  . AG7 B 2 .   ? 4.985   -4.814  -11.445 1.00 63.10 0  501 AG7 A H28  1 
HETATM 1424 H H29  . AG7 B 2 .   ? 4.536   -4.446  -9.973  1.00 63.10 0  501 AG7 A H29  1 
HETATM 1425 H H30  . AG7 B 2 .   ? 2.013   -3.231  -10.220 1.00 56.05 0  501 AG7 A H30  1 
HETATM 1426 H H31  . AG7 B 2 .   ? -0.155  -3.857  -10.721 1.00 57.96 0  501 AG7 A H31  1 
HETATM 1427 H H33  . AG7 B 2 .   ? 1.223   -6.947  -12.883 1.00 59.52 0  501 AG7 A H33  1 
HETATM 1428 H H34  . AG7 B 2 .   ? 3.398   -6.320  -12.383 1.00 59.63 0  501 AG7 A H34  1 
HETATM 1429 H H49  . AG7 B 2 .   ? 5.098   -1.050  -9.117  1.00 51.28 0  501 AG7 A H49  1 
HETATM 1430 H H91  . AG7 B 2 .   ? 7.771   -0.955  -9.761  1.00 49.96 0  501 AG7 A H91  1 
HETATM 1431 H H35  . AG7 B 2 .   ? 6.082   0.967   -8.636  1.00 46.89 0  501 AG7 A H35  1 
HETATM 1432 H H36  . AG7 B 2 .   ? 7.649   1.189   -8.600  1.00 46.89 0  501 AG7 A H36  1 
HETATM 1433 H H94  . AG7 B 2 .   ? 6.039   1.040   -10.976 1.00 41.62 0  501 AG7 A H94  1 
HETATM 1434 H H39  . AG7 B 2 .   ? 8.047   4.083   -11.741 1.00 36.99 0  501 AG7 A H39  1 
HETATM 1435 H H191 . AG7 B 2 .   ? 7.455   -0.644  -7.017  1.00 56.28 0  501 AG7 A H191 1 
HETATM 1436 H H41  . AG7 B 2 .   ? 7.265   -2.814  -6.485  1.00 56.18 0  501 AG7 A H41  1 
HETATM 1437 H H42  . AG7 B 2 .   ? 6.612   -2.951  -7.945  1.00 56.18 0  501 AG7 A H42  1 
HETATM 1438 H H51  . AG7 B 2 .   ? 10.129  -4.470  -9.787  1.00 71.30 0  501 AG7 A H51  1 
HETATM 1439 H H52  . AG7 B 2 .   ? 10.490  -4.873  -8.295  1.00 71.30 0  501 AG7 A H52  1 
HETATM 1440 H H53  . AG7 B 2 .   ? 9.634   -6.999  -8.596  1.00 69.87 0  501 AG7 A H53  1 
HETATM 1441 H H54  . AG7 B 2 .   ? 10.595  -6.737  -9.827  1.00 69.87 0  501 AG7 A H54  1 
HETATM 1442 H H56  . AG7 B 2 .   ? 9.028   -6.604  -10.005 1.00 69.87 0  501 AG7 A H56  1 
HETATM 1443 H H77  . AG7 B 2 .   ? 3.730   -2.230  -15.038 1.00 74.90 0  501 AG7 A H77  1 
HETATM 1444 H H61  . AG7 B 2 .   ? 4.442   0.393   -15.143 1.00 76.35 0  501 AG7 A H61  1 
HETATM 1445 H H79  . AG7 B 2 .   ? 6.059   -2.814  -15.091 1.00 77.48 0  501 AG7 A H79  1 
HETATM 1446 H H82  . AG7 B 2 .   ? 6.361   -2.292  -17.511 1.00 80.02 0  501 AG7 A H82  1 
HETATM 1447 H H84  . AG7 B 2 .   ? 5.240   -3.330  -17.095 1.00 80.02 0  501 AG7 A H84  1 
HETATM 1448 H H85  . AG7 B 2 .   ? 4.849   -1.831  -17.422 1.00 80.02 0  501 AG7 A H85  1 
HETATM 1449 H H86  . AG7 B 2 .   ? 7.019   -0.814  -14.496 1.00 88.97 0  501 AG7 A H86  1 
HETATM 1450 H H87  . AG7 B 2 .   ? 7.560   -1.158  -15.945 1.00 88.97 0  501 AG7 A H87  1 
HETATM 1451 H H88  . AG7 B 2 .   ? 6.406   -0.089  -15.763 1.00 88.97 0  501 AG7 A H88  1 
HETATM 1452 H H89  . AG7 B 2 .   ? 9.205   2.042   -12.485 1.00 41.67 0  501 AG7 A H89  1 
HETATM 1453 H H90  . AG7 B 2 .   ? 7.748   1.922   -13.135 1.00 41.67 0  501 AG7 A H90  1 
HETATM 1454 H H92  . AG7 B 2 .   ? 7.627   0.032   -11.798 1.00 44.19 0  501 AG7 A H92  1 
HETATM 1455 H H93  . AG7 B 2 .   ? 8.665   0.624   -10.739 1.00 44.19 0  501 AG7 A H93  1 
HETATM 1456 O O    . HOH C 3 .   ? 4.463   -10.534 -10.128 1.00 54.23 0  601 HOH A O    1 
HETATM 1457 O O    . HOH C 3 .   ? -10.368 4.677   -9.544  1.00 29.56 0  602 HOH A O    1 
HETATM 1458 O O    . HOH C 3 .   ? 6.229   19.074  0.356   1.00 43.44 0  603 HOH A O    1 
HETATM 1459 O O    . HOH C 3 .   ? 2.002   -20.295 15.416  1.00 39.48 0  604 HOH A O    1 
HETATM 1460 O O    . HOH C 3 .   ? 6.384   -14.790 0.120   1.00 33.27 0  605 HOH A O    1 
HETATM 1461 O O    . HOH C 3 .   ? -2.836  -5.737  -11.031 1.00 35.36 0  606 HOH A O    1 
HETATM 1462 O O    . HOH C 3 .   ? -2.938  15.611  -14.127 1.00 41.90 0  607 HOH A O    1 
HETATM 1463 O O    . HOH C 3 .   ? 12.900  -13.629 1.731   1.00 41.05 0  608 HOH A O    1 
HETATM 1464 O O    . HOH C 3 .   ? 6.911   11.510  6.708   1.00 35.24 0  609 HOH A O    1 
HETATM 1465 O O    . HOH C 3 .   ? 3.808   -2.494  13.219  1.00 22.54 0  610 HOH A O    1 
HETATM 1466 O O    . HOH C 3 .   ? -11.779 1.233   -11.186 1.00 29.59 0  611 HOH A O    1 
HETATM 1467 O O    . HOH C 3 .   ? -1.539  -18.472 15.930  1.00 29.91 0  612 HOH A O    1 
HETATM 1468 O O    . HOH C 3 .   ? -5.568  -2.744  15.868  1.00 23.78 0  613 HOH A O    1 
HETATM 1469 O O    . HOH C 3 .   ? 9.218   7.445   5.300   1.00 26.90 0  614 HOH A O    1 
HETATM 1470 O O    . HOH C 3 .   ? 8.981   -13.766 1.502   1.00 33.66 0  615 HOH A O    1 
HETATM 1471 O O    . HOH C 3 .   ? -8.737  -0.450  -4.259  1.00 17.20 0  616 HOH A O    1 
HETATM 1472 O O    . HOH C 3 .   ? 9.237   -6.580  12.736  1.00 38.66 0  617 HOH A O    1 
HETATM 1473 O O    . HOH C 3 .   ? -9.120  -6.305  7.761   1.00 28.26 0  618 HOH A O    1 
HETATM 1474 O O    . HOH C 3 .   ? -7.456  -8.060  -12.976 1.00 29.34 0  619 HOH A O    1 
HETATM 1475 O O    . HOH C 3 .   ? -0.102  14.957  -8.522  1.00 24.61 0  620 HOH A O    1 
HETATM 1476 O O    . HOH C 3 .   ? 10.388  12.368  -16.146 1.00 39.96 0  621 HOH A O    1 
HETATM 1477 O O    . HOH C 3 .   ? 10.142  -19.541 5.005   1.00 47.47 0  622 HOH A O    1 
HETATM 1478 O O    . HOH C 3 .   ? -0.154  17.782  3.130   1.00 40.91 0  623 HOH A O    1 
HETATM 1479 O O    . HOH C 3 .   ? 11.403  10.164  -8.613  1.00 38.41 0  624 HOH A O    1 
HETATM 1480 O O    . HOH C 3 .   ? -8.721  5.969   -0.960  1.00 19.24 0  625 HOH A O    1 
HETATM 1481 O O    . HOH C 3 .   ? -8.738  4.529   -16.741 1.00 35.06 0  626 HOH A O    1 
HETATM 1482 O O    . HOH C 3 .   ? -17.102 -3.398  -8.630  1.00 40.00 0  627 HOH A O    1 
HETATM 1483 O O    . HOH C 3 .   ? 3.604   13.561  -14.025 1.00 30.94 0  628 HOH A O    1 
HETATM 1484 O O    . HOH C 3 .   ? -11.601 -5.574  -16.441 1.00 46.89 0  629 HOH A O    1 
HETATM 1485 O O    . HOH C 3 .   ? 11.317  9.078   -14.416 1.00 31.21 0  630 HOH A O    1 
HETATM 1486 O O    . HOH C 3 .   ? 15.925  -2.143  4.171   1.00 25.26 0  631 HOH A O    1 
HETATM 1487 O O    . HOH C 3 .   ? 8.721   0.645   -1.107  1.00 20.95 0  632 HOH A O    1 
HETATM 1488 O O    . HOH C 3 .   ? 15.652  -7.693  1.534   1.00 29.00 0  633 HOH A O    1 
HETATM 1489 O O    . HOH C 3 .   ? 18.095  3.927   -4.291  1.00 42.75 0  634 HOH A O    1 
HETATM 1490 O O    . HOH C 3 .   ? -1.109  -11.577 -3.394  1.00 28.20 0  635 HOH A O    1 
HETATM 1491 O O    . HOH C 3 .   ? -6.976  -0.347  -6.450  1.00 16.26 0  636 HOH A O    1 
HETATM 1492 O O    . HOH C 3 .   ? -13.483 -4.046  -13.486 1.00 34.04 0  637 HOH A O    1 
HETATM 1493 O O    . HOH C 3 .   ? 8.930   -0.349  5.477   1.00 19.86 0  638 HOH A O    1 
HETATM 1494 O O    . HOH C 3 .   ? 0.286   8.512   12.435  1.00 31.23 0  639 HOH A O    1 
HETATM 1495 O O    . HOH C 3 .   ? -0.595  -0.686  -20.144 1.00 28.94 0  640 HOH A O    1 
HETATM 1496 O O    . HOH C 3 .   ? -12.136 -7.343  2.600   1.00 37.77 0  641 HOH A O    1 
HETATM 1497 O O    . HOH C 3 .   ? 7.091   -0.562  12.245  1.00 26.36 0  642 HOH A O    1 
HETATM 1498 O O    . HOH C 3 .   ? -9.252  12.186  9.009   1.00 19.52 0  643 HOH A O    1 
HETATM 1499 O O    . HOH C 3 .   ? 15.898  -4.622  4.458   1.00 24.91 0  644 HOH A O    1 
HETATM 1500 O O    . HOH C 3 .   ? -9.351  -0.506  17.326  1.00 35.00 0  645 HOH A O    1 
HETATM 1501 O O    . HOH C 3 .   ? -9.387  9.997   5.392   1.00 23.60 0  646 HOH A O    1 
HETATM 1502 O O    . HOH C 3 .   ? -8.938  3.752   13.601  1.00 28.07 0  647 HOH A O    1 
HETATM 1503 O O    . HOH C 3 .   ? 2.737   18.898  1.907   1.00 41.47 0  648 HOH A O    1 
HETATM 1504 O O    . HOH C 3 .   ? -4.650  13.539  -15.645 1.00 41.28 0  649 HOH A O    1 
HETATM 1505 O O    . HOH C 3 .   ? -15.579 1.840   2.432   1.00 26.14 0  650 HOH A O    1 
HETATM 1506 O O    . HOH C 3 .   ? 12.214  -1.700  -2.970  1.00 32.23 0  651 HOH A O    1 
HETATM 1507 O O    . HOH C 3 .   ? -13.288 8.159   10.578  1.00 34.72 0  652 HOH A O    1 
HETATM 1508 O O    . HOH C 3 .   ? 14.943  -1.558  -1.639  1.00 26.08 0  653 HOH A O    1 
HETATM 1509 O O    . HOH C 3 .   ? 6.601   6.769   -12.593 1.00 21.71 0  654 HOH A O    1 
HETATM 1510 O O    . HOH C 3 .   ? -5.695  -12.143 -8.666  1.00 38.39 0  655 HOH A O    1 
HETATM 1511 O O    . HOH C 3 .   ? 7.603   -14.494 -3.849  1.00 50.45 0  656 HOH A O    1 
HETATM 1512 O O    . HOH C 3 .   ? -10.239 8.297   -1.626  1.00 23.70 0  657 HOH A O    1 
HETATM 1513 O O    . HOH C 3 .   ? 11.063  11.157  6.554   1.00 42.10 0  658 HOH A O    1 
HETATM 1514 O O    . HOH C 3 .   ? -5.257  -17.677 2.367   1.00 39.91 0  659 HOH A O    1 
HETATM 1515 O O    . HOH C 3 .   ? -4.310  0.464   -19.640 1.00 25.46 0  660 HOH A O    1 
HETATM 1516 O O    . HOH C 3 .   ? 13.002  -16.157 10.440  1.00 35.82 0  661 HOH A O    1 
HETATM 1517 O O    . HOH C 3 .   ? 12.277  -8.345  5.049   1.00 25.57 0  662 HOH A O    1 
HETATM 1518 O O    . HOH C 3 .   ? 7.245   -4.857  -12.567 1.00 48.19 0  663 HOH A O    1 
HETATM 1519 O O    . HOH C 3 .   ? -1.944  19.171  -4.336  1.00 26.33 0  664 HOH A O    1 
HETATM 1520 O O    . HOH C 3 .   ? -5.248  0.522   17.808  1.00 28.09 0  665 HOH A O    1 
HETATM 1521 O O    . HOH C 3 .   ? 1.140   15.841  10.930  1.00 35.11 0  666 HOH A O    1 
HETATM 1522 O O    . HOH C 3 .   ? -5.472  -7.591  -6.360  1.00 24.04 0  667 HOH A O    1 
HETATM 1523 O O    . HOH C 3 .   ? 9.183   1.693   10.088  1.00 25.14 0  668 HOH A O    1 
HETATM 1524 O O    . HOH C 3 .   ? -13.240 14.341  -4.809  1.00 29.75 0  669 HOH A O    1 
HETATM 1525 O O    . HOH C 3 .   ? -0.644  16.795  6.048   1.00 41.93 0  670 HOH A O    1 
HETATM 1526 O O    . HOH C 3 .   ? -13.299 3.064   -9.760  1.00 39.45 0  671 HOH A O    1 
HETATM 1527 O O    . HOH C 3 .   ? 1.697   -1.790  1.433   1.00 20.37 0  672 HOH A O    1 
HETATM 1528 O O    . HOH C 3 .   ? 4.844   -16.333 12.306  1.00 29.63 0  673 HOH A O    1 
HETATM 1529 O O    . HOH C 3 .   ? 10.863  -1.976  9.723   1.00 22.25 0  674 HOH A O    1 
HETATM 1530 O O    . HOH C 3 .   ? -7.554  -11.502 13.766  1.00 43.94 0  675 HOH A O    1 
HETATM 1531 O O    . HOH C 3 .   ? -16.449 2.152   -1.392  1.00 38.53 0  676 HOH A O    1 
HETATM 1532 O O    . HOH C 3 .   ? -5.274  10.635  -19.032 1.00 45.78 0  677 HOH A O    1 
HETATM 1533 O O    . HOH C 3 .   ? -11.692 11.613  -11.303 1.00 56.97 0  678 HOH A O    1 
HETATM 1534 O O    . HOH C 3 .   ? -12.374 -9.217  -3.351  1.00 32.93 0  679 HOH A O    1 
HETATM 1535 O O    . HOH C 3 .   ? 1.406   -10.449 -2.425  1.00 26.60 0  680 HOH A O    1 
HETATM 1536 O O    . HOH C 3 .   ? -5.797  16.075  1.419   1.00 28.19 0  681 HOH A O    1 
HETATM 1537 O O    . HOH C 3 .   ? -14.816 -4.612  -3.181  1.00 37.85 0  682 HOH A O    1 
HETATM 1538 O O    . HOH C 3 .   ? -11.205 -7.271  6.349   1.00 30.51 0  683 HOH A O    1 
HETATM 1539 O O    . HOH C 3 .   ? -7.798  -14.382 -2.144  1.00 32.22 0  684 HOH A O    1 
HETATM 1540 O O    . HOH C 3 .   ? -11.659 1.506   13.915  1.00 40.91 0  685 HOH A O    1 
HETATM 1541 O O    . HOH C 3 .   ? -0.683  17.465  -10.456 1.00 46.21 0  686 HOH A O    1 
HETATM 1542 O O    . HOH C 3 .   ? 12.138  13.824  -0.242  1.00 44.65 0  687 HOH A O    1 
HETATM 1543 O O    . HOH C 3 .   ? -0.467  18.314  -7.865  1.00 31.63 0  688 HOH A O    1 
HETATM 1544 O O    . HOH C 3 .   ? 9.801   -16.115 2.267   1.00 37.31 0  689 HOH A O    1 
HETATM 1545 O O    . HOH C 3 .   ? 4.286   14.260  5.244   1.00 35.15 0  690 HOH A O    1 
HETATM 1546 O O    . HOH C 3 .   ? 10.240  -4.423  -5.434  1.00 36.95 0  691 HOH A O    1 
HETATM 1547 O O    . HOH C 3 .   ? 5.065   6.225   15.548  1.00 35.34 0  692 HOH A O    1 
HETATM 1548 O O    . HOH C 3 .   ? 8.106   13.941  8.870   1.00 54.76 0  693 HOH A O    1 
HETATM 1549 O O    . HOH C 3 .   ? 10.164  0.019   8.051   1.00 22.58 0  694 HOH A O    1 
HETATM 1550 O O    . HOH C 3 .   ? 6.544   -3.631  15.047  1.00 38.41 0  695 HOH A O    1 
HETATM 1551 O O    . HOH C 3 .   ? 11.342  9.495   -5.819  1.00 29.99 0  696 HOH A O    1 
HETATM 1552 O O    . HOH C 3 .   ? 14.914  2.431   -8.353  1.00 34.65 0  697 HOH A O    1 
HETATM 1553 O O    . HOH C 3 .   ? 6.003   -6.107  -13.949 1.00 44.51 0  698 HOH A O    1 
HETATM 1554 O O    . HOH C 3 .   ? -13.244 9.674   7.956   1.00 34.00 0  699 HOH A O    1 
HETATM 1555 O O    . HOH C 3 .   ? -0.165  -3.223  -19.899 1.00 52.16 0  700 HOH A O    1 
HETATM 1556 O O    . HOH C 3 .   ? -2.153  -10.147 16.433  1.00 33.00 0  701 HOH A O    1 
HETATM 1557 O O    . HOH C 3 .   ? -11.607 3.164   -16.048 1.00 39.53 0  702 HOH A O    1 
HETATM 1558 O O    . HOH C 3 .   ? -10.319 -4.463  16.455  1.00 35.31 0  703 HOH A O    1 
HETATM 1559 O O    . HOH C 3 .   ? 19.008  -4.896  1.533   1.00 28.34 0  704 HOH A O    1 
HETATM 1560 O O    . HOH C 3 .   ? 1.833   13.841  -15.684 1.00 34.88 0  705 HOH A O    1 
HETATM 1561 O O    . HOH C 3 .   ? 8.452   16.872  -1.050  1.00 37.30 0  706 HOH A O    1 
HETATM 1562 O O    . HOH C 3 .   ? 9.615   -14.711 13.172  1.00 36.17 0  707 HOH A O    1 
HETATM 1563 O O    . HOH C 3 .   ? -16.756 3.926   10.025  1.00 46.20 0  708 HOH A O    1 
HETATM 1564 O O    . HOH C 3 .   ? 4.476   13.859  -19.060 1.00 23.00 0  709 HOH A O    1 
HETATM 1565 O O    . HOH C 3 .   ? 5.726   -8.455  15.187  1.00 42.23 0  710 HOH A O    1 
HETATM 1566 O O    . HOH C 3 .   ? -14.899 2.196   -5.766  1.00 34.37 0  711 HOH A O    1 
HETATM 1567 O O    . HOH C 3 .   ? -6.301  -13.941 12.097  1.00 29.03 0  712 HOH A O    1 
HETATM 1568 O O    . HOH C 3 .   ? 8.691   -2.042  -4.577  1.00 30.29 0  713 HOH A O    1 
HETATM 1569 O O    . HOH C 3 .   ? -16.791 1.194   -4.778  1.00 37.57 0  714 HOH A O    1 
HETATM 1570 O O    . HOH C 3 .   ? -11.603 18.895  -8.526  1.00 51.84 0  715 HOH A O    1 
HETATM 1571 O O    . HOH C 3 .   ? 12.691  11.776  2.826   1.00 33.64 0  716 HOH A O    1 
HETATM 1572 O O    . HOH C 3 .   ? -2.142  -4.627  -21.662 1.00 50.51 0  717 HOH A O    1 
HETATM 1573 O O    . HOH C 3 .   ? -0.169  9.880   14.741  1.00 36.16 0  718 HOH A O    1 
HETATM 1574 O O    . HOH C 3 .   ? -16.372 4.357   -3.791  1.00 39.71 0  719 HOH A O    1 
HETATM 1575 O O    . HOH C 3 .   ? -0.145  -8.605  -10.137 1.00 39.90 0  720 HOH A O    1 
HETATM 1576 O O    . HOH C 3 .   ? 4.694   -18.628 13.598  1.00 38.47 0  721 HOH A O    1 
HETATM 1577 O O    . HOH C 3 .   ? 4.497   -20.435 -0.453  1.00 41.81 0  722 HOH A O    1 
HETATM 1578 O O    . HOH C 3 .   ? 8.866   -15.155 -2.047  1.00 50.99 0  723 HOH A O    1 
HETATM 1579 O O    . HOH C 3 .   ? -7.057  -3.627  18.227  1.00 48.17 0  724 HOH A O    1 
HETATM 1580 O O    . HOH C 3 .   ? 12.530  -13.625 -0.911  1.00 39.99 0  725 HOH A O    1 
HETATM 1581 O O    . HOH C 3 .   ? 9.713   -1.747  12.360  1.00 31.98 0  726 HOH A O    1 
HETATM 1582 O O    . HOH C 3 .   ? -11.021 11.320  7.095   1.00 27.75 0  727 HOH A O    1 
HETATM 1583 O O    . HOH C 3 .   ? 6.165   -0.371  16.628  1.00 45.64 0  728 HOH A O    1 
HETATM 1584 O O    . HOH C 3 .   ? 10.041  7.069   8.881   1.00 42.72 0  729 HOH A O    1 
HETATM 1585 O O    . HOH C 3 .   ? 5.284   -8.932  23.706  1.00 53.25 0  730 HOH A O    1 
HETATM 1586 O O    . HOH C 3 .   ? 8.662   9.589   6.990   1.00 38.47 0  731 HOH A O    1 
HETATM 1587 O O    . HOH C 3 .   ? 5.286   -8.507  19.675  1.00 37.99 0  732 HOH A O    1 
HETATM 1588 O O    . HOH C 3 .   ? 6.872   18.355  2.039   1.00 54.64 0  733 HOH A O    1 
HETATM 1589 O O    . HOH C 3 .   ? -9.441  -8.732  -15.330 1.00 38.35 0  734 HOH A O    1 
HETATM 1590 O O    . HOH C 3 .   ? -2.661  -0.651  -21.433 1.00 31.16 0  735 HOH A O    1 
HETATM 1591 O O    . HOH C 3 .   ? 16.590  -8.412  -0.648  1.00 52.06 0  736 HOH A O    1 
HETATM 1592 O O    . HOH C 3 .   ? 12.604  7.631   -16.207 1.00 39.63 0  737 HOH A O    1 
HETATM 1593 O O    . HOH C 3 .   ? 8.865   -1.565  15.820  1.00 46.89 0  738 HOH A O    1 
HETATM 1594 O O    . HOH C 3 .   ? -12.441 1.382   -18.024 1.00 51.89 0  739 HOH A O    1 
HETATM 1595 O O    . HOH C 3 .   ? 7.662   -1.746  18.569  1.00 54.79 0  740 HOH A O    1 
# 
loop_
_pdbx_poly_seq_scheme.asym_id 
_pdbx_poly_seq_scheme.entity_id 
_pdbx_poly_seq_scheme.seq_id 
_pdbx_poly_seq_scheme.mon_id 
_pdbx_poly_seq_scheme.ndb_seq_num 
_pdbx_poly_seq_scheme.pdb_seq_num 
_pdbx_poly_seq_scheme.auth_seq_num 
_pdbx_poly_seq_scheme.pdb_mon_id 
_pdbx_poly_seq_scheme.auth_mon_id 
_pdbx_poly_seq_scheme.pdb_strand_id 
_pdbx_poly_seq_scheme.pdb_ins_code 
_pdbx_poly_seq_scheme.hetero 
A 1 1   HIS 1   -2  ?   ?   ?   A . n 
A 1 2   HIS 2   -1  ?   ?   ?   A . n 
A 1 3   HIS 3   0   ?   ?   ?   A . n 
A 1 4   HIS 4   1   ?   ?   ?   A . n 
A 1 5   HIS 5   2   ?   ?   ?   A . n 
A 1 6   HIS 6   3   ?   ?   ?   A . n 
A 1 7   HIS 7   4   4   HIS HIS A . n 
A 1 8   GLU 8   5   5   GLU GLU A . n 
A 1 9   PHE 9   6   6   PHE PHE A . n 
A 1 10  VAL 10  7   7   VAL VAL A . n 
A 1 11  ARG 11  8   8   ARG ARG A . n 
A 1 12  ALA 12  9   9   ALA ALA A . n 
A 1 13  LEU 13  10  10  LEU LEU A . n 
A 1 14  ILE 14  11  11  ILE ILE A . n 
A 1 15  LYS 15  12  12  LYS LYS A . n 
A 1 16  ARG 16  13  13  ARG ARG A . n 
A 1 17  ASN 17  14  14  ASN ASN A . n 
A 1 18  CYS 18  15  15  CYS CYS A . n 
A 1 19  HIS 19  16  16  HIS HIS A . n 
A 1 20  VAL 20  17  17  VAL VAL A . n 
A 1 21  ILE 21  18  18  ILE ILE A . n 
A 1 22  THR 22  19  19  THR THR A . n 
A 1 23  THR 23  20  20  THR THR A . n 
A 1 24  SER 24  21  21  SER SER A . n 
A 1 25  LYS 25  22  22  LYS LYS A . n 
A 1 26  GLY 26  23  23  GLY GLY A . n 
A 1 27  GLU 27  24  24  GLU GLU A . n 
A 1 28  PHE 28  25  25  PHE PHE A . n 
A 1 29  ASN 29  26  26  ASN ASN A . n 
A 1 30  MET 30  27  27  MET MET A . n 
A 1 31  LEU 31  28  28  LEU LEU A . n 
A 1 32  GLY 32  29  29  GLY GLY A . n 
A 1 33  ILE 33  30  30  ILE ILE A . n 
A 1 34  HIS 34  31  31  HIS HIS A . n 
A 1 35  ASP 35  32  32  ASP ASP A . n 
A 1 36  ASN 36  33  33  ASN ASN A . n 
A 1 37  CYS 37  34  34  CYS CYS A . n 
A 1 38  ALA 38  35  35  ALA ALA A . n 
A 1 39  VAL 39  36  36  VAL VAL A . n 
A 1 40  VAL 40  37  37  VAL VAL A . n 
A 1 41  PRO 41  38  38  PRO PRO A . n 
A 1 42  THR 42  39  39  THR THR A . n 
A 1 43  HIS 43  40  40  HIS HIS A . n 
A 1 44  ALA 44  41  41  ALA ALA A . n 
A 1 45  GLU 45  42  42  GLU GLU A . n 
A 1 46  CYS 46  43  43  CYS CYS A . n 
A 1 47  GLY 47  44  44  GLY GLY A . n 
A 1 48  ASP 48  45  45  ASP ASP A . n 
A 1 49  SER 49  46  46  SER SER A . n 
A 1 50  VAL 50  47  47  VAL VAL A . n 
A 1 51  THR 51  48  48  THR THR A . n 
A 1 52  ILE 52  49  49  ILE ILE A . n 
A 1 53  ASP 53  50  50  ASP ASP A . n 
A 1 54  GLY 54  51  51  GLY GLY A . n 
A 1 55  ARG 55  52  52  ARG ARG A . n 
A 1 56  GLU 56  53  53  GLU GLU A . n 
A 1 57  VAL 57  54  54  VAL VAL A . n 
A 1 58  ARG 58  55  55  ARG ARG A . n 
A 1 59  VAL 59  56  56  VAL VAL A . n 
A 1 60  LEU 60  57  57  LEU LEU A . n 
A 1 61  LYS 61  58  58  LYS LYS A . n 
A 1 62  GLN 62  59  59  GLN GLN A . n 
A 1 63  CYS 63  60  60  CYS CYS A . n 
A 1 64  ILE 64  61  61  ILE ILE A . n 
A 1 65  LEU 65  62  62  LEU LEU A . n 
A 1 66  THR 66  63  63  THR THR A . n 
A 1 67  ASP 67  64  64  ASP ASP A . n 
A 1 68  THR 68  65  65  THR THR A . n 
A 1 69  ASN 69  66  66  ASN ASN A . n 
A 1 70  ASP 70  67  67  ASP ASP A . n 
A 1 71  THR 71  68  68  THR THR A . n 
A 1 72  ASP 72  69  69  ASP ASP A . n 
A 1 73  THR 73  70  70  THR THR A . n 
A 1 74  GLU 74  71  71  GLU GLU A . n 
A 1 75  ILE 75  72  72  ILE ILE A . n 
A 1 76  THR 76  73  73  THR THR A . n 
A 1 77  LEU 77  74  74  LEU LEU A . n 
A 1 78  LEU 78  75  75  LEU LEU A . n 
A 1 79  TRP 79  76  76  TRP TRP A . n 
A 1 80  LEU 80  77  77  LEU LEU A . n 
A 1 81  ASP 81  78  78  ASP ASP A . n 
A 1 82  GLN 82  79  79  GLN GLN A . n 
A 1 83  ASN 83  80  80  ASN ASN A . n 
A 1 84  GLU 84  81  81  GLU GLU A . n 
A 1 85  LYS 85  82  82  LYS LYS A . n 
A 1 86  PHE 86  83  83  PHE PHE A . n 
A 1 87  ARG 87  84  84  ARG ARG A . n 
A 1 88  ASP 88  85  85  ASP ASP A . n 
A 1 89  ILE 89  86  86  ILE ILE A . n 
A 1 90  ARG 90  87  87  ARG ARG A . n 
A 1 91  ARG 91  88  88  ARG ARG A . n 
A 1 92  PHE 92  89  89  PHE PHE A . n 
A 1 93  ILE 93  90  90  ILE ILE A . n 
A 1 94  PRO 94  91  91  PRO PRO A . n 
A 1 95  GLU 95  92  92  GLU GLU A . n 
A 1 96  HIS 96  93  93  HIS HIS A . n 
A 1 97  GLN 97  94  94  GLN GLN A . n 
A 1 98  ARG 98  95  95  ARG ARG A . n 
A 1 99  GLU 99  96  96  GLU GLU A . n 
A 1 100 TRP 100 97  97  TRP TRP A . n 
A 1 101 SER 101 98  98  SER SER A . n 
A 1 102 ASN 102 99  99  ASN ASN A . n 
A 1 103 MET 103 100 100 MET MET A . n 
A 1 104 HIS 104 101 101 HIS HIS A . n 
A 1 105 LEU 105 102 102 LEU LEU A . n 
A 1 106 ALA 106 103 103 ALA ALA A . n 
A 1 107 THR 107 104 104 THR THR A . n 
A 1 108 ASN 108 105 105 ASN ASN A . n 
A 1 109 VAL 109 106 106 VAL VAL A . n 
A 1 110 THR 110 107 107 THR THR A . n 
A 1 111 LYS 111 108 108 LYS LYS A . n 
A 1 112 PHE 112 109 109 PHE PHE A . n 
A 1 113 PRO 113 110 110 PRO PRO A . n 
A 1 114 MET 114 111 111 MET MET A . n 
A 1 115 LEU 115 112 112 LEU LEU A . n 
A 1 116 ASP 116 113 113 ASP ASP A . n 
A 1 117 VAL 117 114 114 VAL VAL A . n 
A 1 118 GLU 118 115 115 GLU GLU A . n 
A 1 119 VAL 119 116 116 VAL VAL A . n 
A 1 120 GLY 120 117 117 GLY GLY A . n 
A 1 121 THR 121 118 118 THR THR A . n 
A 1 122 VAL 122 119 119 VAL VAL A . n 
A 1 123 ILE 123 120 120 ILE ILE A . n 
A 1 124 PRO 124 121 121 PRO PRO A . n 
A 1 125 TYR 125 122 122 TYR TYR A . n 
A 1 126 GLY 126 123 123 GLY GLY A . n 
A 1 127 GLU 127 124 124 GLU GLU A . n 
A 1 128 VAL 128 125 125 VAL VAL A . n 
A 1 129 ASN 129 126 126 ASN ASN A . n 
A 1 130 LEU 130 127 127 LEU LEU A . n 
A 1 131 SER 131 128 128 SER SER A . n 
A 1 132 GLY 132 129 129 GLY GLY A . n 
A 1 133 ASN 133 130 130 ASN ASN A . n 
A 1 134 PRO 134 131 131 PRO PRO A . n 
A 1 135 THR 135 132 132 THR THR A . n 
A 1 136 CYS 136 133 133 CYS CYS A . n 
A 1 137 ARG 137 134 134 ARG ARG A . n 
A 1 138 LEU 138 135 135 LEU LEU A . n 
A 1 139 LEU 139 136 136 LEU LEU A . n 
A 1 140 LYS 140 137 137 LYS LYS A . n 
A 1 141 TYR 141 138 138 TYR TYR A . n 
A 1 142 ASN 142 139 139 ASN ASN A . n 
A 1 143 TYR 143 140 140 TYR TYR A . n 
A 1 144 PRO 144 141 141 PRO PRO A . n 
A 1 145 THR 145 142 142 THR THR A . n 
A 1 146 LYS 146 143 143 LYS LYS A . n 
A 1 147 PRO 147 144 144 PRO PRO A . n 
A 1 148 GLY 148 145 145 GLY GLY A . n 
A 1 149 GLN 149 146 146 GLN GLN A . n 
A 1 150 CYS 150 147 147 CYS CYS A . n 
A 1 151 GLY 151 148 148 GLY GLY A . n 
A 1 152 GLY 152 149 149 GLY GLY A . n 
A 1 153 VAL 153 150 150 VAL VAL A . n 
A 1 154 ILE 154 151 151 ILE ILE A . n 
A 1 155 ALA 155 152 152 ALA ALA A . n 
A 1 156 ASN 156 153 153 ASN ASN A . n 
A 1 157 THR 157 154 154 THR THR A . n 
A 1 158 GLY 158 155 155 GLY GLY A . n 
A 1 159 ASN 159 156 156 ASN ASN A . n 
A 1 160 ILE 160 157 157 ILE ILE A . n 
A 1 161 VAL 161 158 158 VAL VAL A . n 
A 1 162 ALA 162 159 159 ALA ALA A . n 
A 1 163 ILE 163 160 160 ILE ILE A . n 
A 1 164 HIS 164 161 161 HIS HIS A . n 
A 1 165 VAL 165 162 162 VAL VAL A . n 
A 1 166 GLY 166 163 163 GLY GLY A . n 
A 1 167 GLY 167 164 164 GLY GLY A . n 
A 1 168 ASN 168 165 165 ASN ASN A . n 
A 1 169 GLY 169 166 166 GLY GLY A . n 
A 1 170 ARG 170 167 167 ARG ARG A . n 
A 1 171 VAL 171 168 168 VAL VAL A . n 
A 1 172 GLY 172 169 169 GLY GLY A . n 
A 1 173 TYR 173 170 170 TYR TYR A . n 
A 1 174 GLY 174 171 171 GLY GLY A . n 
A 1 175 ALA 175 172 172 ALA ALA A . n 
A 1 176 ALA 176 173 173 ALA ALA A . n 
A 1 177 LEU 177 174 174 LEU LEU A . n 
A 1 178 LEU 178 175 175 LEU LEU A . n 
A 1 179 ARG 179 176 176 ARG ARG A . n 
A 1 180 LYS 180 177 177 LYS LYS A . n 
A 1 181 TYR 181 178 178 TYR TYR A . n 
A 1 182 PHE 182 179 179 PHE PHE A . n 
A 1 183 ALA 183 180 180 ALA ALA A . n 
# 
loop_
_pdbx_nonpoly_scheme.asym_id 
_pdbx_nonpoly_scheme.entity_id 
_pdbx_nonpoly_scheme.mon_id 
_pdbx_nonpoly_scheme.ndb_seq_num 
_pdbx_nonpoly_scheme.pdb_seq_num 
_pdbx_nonpoly_scheme.auth_seq_num 
_pdbx_nonpoly_scheme.pdb_mon_id 
_pdbx_nonpoly_scheme.auth_mon_id 
_pdbx_nonpoly_scheme.pdb_strand_id 
_pdbx_nonpoly_scheme.pdb_ins_code 
B 2 AG7 1   501 501 AG7 AG7 A . 
C 3 HOH 1   601 113 HOH HOH A . 
C 3 HOH 2   602 38  HOH HOH A . 
C 3 HOH 3   603 89  HOH HOH A . 
C 3 HOH 4   604 98  HOH HOH A . 
C 3 HOH 5   605 68  HOH HOH A . 
C 3 HOH 6   606 101 HOH HOH A . 
C 3 HOH 7   607 84  HOH HOH A . 
C 3 HOH 8   608 122 HOH HOH A . 
C 3 HOH 9   609 78  HOH HOH A . 
C 3 HOH 10  610 1   HOH HOH A . 
C 3 HOH 11  611 52  HOH HOH A . 
C 3 HOH 12  612 31  HOH HOH A . 
C 3 HOH 13  613 16  HOH HOH A . 
C 3 HOH 14  614 14  HOH HOH A . 
C 3 HOH 15  615 46  HOH HOH A . 
C 3 HOH 16  616 9   HOH HOH A . 
C 3 HOH 17  617 90  HOH HOH A . 
C 3 HOH 18  618 32  HOH HOH A . 
C 3 HOH 19  619 47  HOH HOH A . 
C 3 HOH 20  620 4   HOH HOH A . 
C 3 HOH 21  621 123 HOH HOH A . 
C 3 HOH 22  622 127 HOH HOH A . 
C 3 HOH 23  623 93  HOH HOH A . 
C 3 HOH 24  624 85  HOH HOH A . 
C 3 HOH 25  625 12  HOH HOH A . 
C 3 HOH 26  626 64  HOH HOH A . 
C 3 HOH 27  627 45  HOH HOH A . 
C 3 HOH 28  628 50  HOH HOH A . 
C 3 HOH 29  629 134 HOH HOH A . 
C 3 HOH 30  630 88  HOH HOH A . 
C 3 HOH 31  631 15  HOH HOH A . 
C 3 HOH 32  632 7   HOH HOH A . 
C 3 HOH 33  633 29  HOH HOH A . 
C 3 HOH 34  634 116 HOH HOH A . 
C 3 HOH 35  635 17  HOH HOH A . 
C 3 HOH 36  636 3   HOH HOH A . 
C 3 HOH 37  637 36  HOH HOH A . 
C 3 HOH 38  638 10  HOH HOH A . 
C 3 HOH 39  639 20  HOH HOH A . 
C 3 HOH 40  640 42  HOH HOH A . 
C 3 HOH 41  641 60  HOH HOH A . 
C 3 HOH 42  642 28  HOH HOH A . 
C 3 HOH 43  643 2   HOH HOH A . 
C 3 HOH 44  644 35  HOH HOH A . 
C 3 HOH 45  645 69  HOH HOH A . 
C 3 HOH 46  646 37  HOH HOH A . 
C 3 HOH 47  647 26  HOH HOH A . 
C 3 HOH 48  648 115 HOH HOH A . 
C 3 HOH 49  649 92  HOH HOH A . 
C 3 HOH 50  650 22  HOH HOH A . 
C 3 HOH 51  651 59  HOH HOH A . 
C 3 HOH 52  652 72  HOH HOH A . 
C 3 HOH 53  653 33  HOH HOH A . 
C 3 HOH 54  654 5   HOH HOH A . 
C 3 HOH 55  655 76  HOH HOH A . 
C 3 HOH 56  656 111 HOH HOH A . 
C 3 HOH 57  657 6   HOH HOH A . 
C 3 HOH 58  658 119 HOH HOH A . 
C 3 HOH 59  659 75  HOH HOH A . 
C 3 HOH 60  660 49  HOH HOH A . 
C 3 HOH 61  661 91  HOH HOH A . 
C 3 HOH 62  662 21  HOH HOH A . 
C 3 HOH 63  663 137 HOH HOH A . 
C 3 HOH 64  664 27  HOH HOH A . 
C 3 HOH 65  665 63  HOH HOH A . 
C 3 HOH 66  666 43  HOH HOH A . 
C 3 HOH 67  667 11  HOH HOH A . 
C 3 HOH 68  668 34  HOH HOH A . 
C 3 HOH 69  669 65  HOH HOH A . 
C 3 HOH 70  670 135 HOH HOH A . 
C 3 HOH 71  671 107 HOH HOH A . 
C 3 HOH 72  672 18  HOH HOH A . 
C 3 HOH 73  673 61  HOH HOH A . 
C 3 HOH 74  674 23  HOH HOH A . 
C 3 HOH 75  675 108 HOH HOH A . 
C 3 HOH 76  676 110 HOH HOH A . 
C 3 HOH 77  677 82  HOH HOH A . 
C 3 HOH 78  678 130 HOH HOH A . 
C 3 HOH 79  679 66  HOH HOH A . 
C 3 HOH 80  680 40  HOH HOH A . 
C 3 HOH 81  681 58  HOH HOH A . 
C 3 HOH 82  682 81  HOH HOH A . 
C 3 HOH 83  683 55  HOH HOH A . 
C 3 HOH 84  684 70  HOH HOH A . 
C 3 HOH 85  685 117 HOH HOH A . 
C 3 HOH 86  686 57  HOH HOH A . 
C 3 HOH 87  687 129 HOH HOH A . 
C 3 HOH 88  688 48  HOH HOH A . 
C 3 HOH 89  689 77  HOH HOH A . 
C 3 HOH 90  690 44  HOH HOH A . 
C 3 HOH 91  691 56  HOH HOH A . 
C 3 HOH 92  692 112 HOH HOH A . 
C 3 HOH 93  693 133 HOH HOH A . 
C 3 HOH 94  694 8   HOH HOH A . 
C 3 HOH 95  695 103 HOH HOH A . 
C 3 HOH 96  696 71  HOH HOH A . 
C 3 HOH 97  697 62  HOH HOH A . 
C 3 HOH 98  698 79  HOH HOH A . 
C 3 HOH 99  699 73  HOH HOH A . 
C 3 HOH 100 700 94  HOH HOH A . 
C 3 HOH 101 701 54  HOH HOH A . 
C 3 HOH 102 702 87  HOH HOH A . 
C 3 HOH 103 703 86  HOH HOH A . 
C 3 HOH 104 704 39  HOH HOH A . 
C 3 HOH 105 705 124 HOH HOH A . 
C 3 HOH 106 706 95  HOH HOH A . 
C 3 HOH 107 707 106 HOH HOH A . 
C 3 HOH 108 708 138 HOH HOH A . 
C 3 HOH 109 709 13  HOH HOH A . 
C 3 HOH 110 710 125 HOH HOH A . 
C 3 HOH 111 711 53  HOH HOH A . 
C 3 HOH 112 712 19  HOH HOH A . 
C 3 HOH 113 713 30  HOH HOH A . 
C 3 HOH 114 714 25  HOH HOH A . 
C 3 HOH 115 715 132 HOH HOH A . 
C 3 HOH 116 716 67  HOH HOH A . 
C 3 HOH 117 717 97  HOH HOH A . 
C 3 HOH 118 718 83  HOH HOH A . 
C 3 HOH 119 719 99  HOH HOH A . 
C 3 HOH 120 720 24  HOH HOH A . 
C 3 HOH 121 721 114 HOH HOH A . 
C 3 HOH 122 722 74  HOH HOH A . 
C 3 HOH 123 723 80  HOH HOH A . 
C 3 HOH 124 724 140 HOH HOH A . 
C 3 HOH 125 725 120 HOH HOH A . 
C 3 HOH 126 726 51  HOH HOH A . 
C 3 HOH 127 727 41  HOH HOH A . 
C 3 HOH 128 728 104 HOH HOH A . 
C 3 HOH 129 729 128 HOH HOH A . 
C 3 HOH 130 730 96  HOH HOH A . 
C 3 HOH 131 731 121 HOH HOH A . 
C 3 HOH 132 732 109 HOH HOH A . 
C 3 HOH 133 733 118 HOH HOH A . 
C 3 HOH 134 734 105 HOH HOH A . 
C 3 HOH 135 735 102 HOH HOH A . 
C 3 HOH 136 736 131 HOH HOH A . 
C 3 HOH 137 737 136 HOH HOH A . 
C 3 HOH 138 738 126 HOH HOH A . 
C 3 HOH 139 739 139 HOH HOH A . 
C 3 HOH 140 740 100 HOH HOH A . 
# 
_pdbx_struct_assembly.id                   1 
_pdbx_struct_assembly.details              author_and_software_defined_assembly 
_pdbx_struct_assembly.method_details       PISA 
_pdbx_struct_assembly.oligomeric_details   monomeric 
_pdbx_struct_assembly.oligomeric_count     1 
# 
_pdbx_struct_assembly_gen.assembly_id       1 
_pdbx_struct_assembly_gen.oper_expression   1 
_pdbx_struct_assembly_gen.asym_id_list      A,B,C 
# 
loop_
_pdbx_struct_assembly_prop.biol_id 
_pdbx_struct_assembly_prop.type 
_pdbx_struct_assembly_prop.value 
_pdbx_struct_assembly_prop.details 
1 'ABSA (A^2)' 950  ? 
1 MORE         -6   ? 
1 'SSA (A^2)'  8150 ? 
# 
_pdbx_struct_oper_list.id                   1 
_pdbx_struct_oper_list.type                 'identity operation' 
_pdbx_struct_oper_list.name                 1_555 
_pdbx_struct_oper_list.symmetry_operation   x,y,z 
_pdbx_struct_oper_list.matrix[1][1]         1.0000000000 
_pdbx_struct_oper_list.matrix[1][2]         0.0000000000 
_pdbx_struct_oper_list.matrix[1][3]         0.0000000000 
_pdbx_struct_oper_list.vector[1]            0.0000000000 
_pdbx_struct_oper_list.matrix[2][1]         0.0000000000 
_pdbx_struct_oper_list.matrix[2][2]         1.0000000000 
_pdbx_struct_oper_list.matrix[2][3]         0.0000000000 
_pdbx_struct_oper_list.vector[2]            0.0000000000 
_pdbx_struct_oper_list.matrix[3][1]         0.0000000000 
_pdbx_struct_oper_list.matrix[3][2]         0.0000000000 
_pdbx_struct_oper_list.matrix[3][3]         1.0000000000 
_pdbx_struct_oper_list.vector[3]            0.0000000000 
# 
loop_
_pdbx_audit_revision_history.ordinal 
_pdbx_audit_revision_history.data_content_type 
_pdbx_audit_revision_history.major_revision 
_pdbx_audit_revision_history.minor_revision 
_pdbx_audit_revision_history.revision_date 
1 'Structure model' 1 0 2020-03-25 
2 'Structure model' 1 1 2020-09-16 
3 'Structure model' 1 2 2023-11-22 
# 
_pdbx_audit_revision_details.ordinal             1 
_pdbx_audit_revision_details.revision_ordinal    1 
_pdbx_audit_revision_details.data_content_type   'Structure model' 
_pdbx_audit_revision_details.provider            repository 
_pdbx_audit_revision_details.type                'Initial release' 
_pdbx_audit_revision_details.description         ? 
_pdbx_audit_revision_details.details             ? 
# 
loop_
_pdbx_audit_revision_group.ordinal 
_pdbx_audit_revision_group.revision_ordinal 
_pdbx_audit_revision_group.data_content_type 
_pdbx_audit_revision_group.group 
1 2 'Structure model' 'Database references'    
2 3 'Structure model' 'Data collection'        
3 3 'Structure model' 'Database references'    
4 3 'Structure model' 'Refinement description' 
# 
loop_
_pdbx_audit_revision_category.ordinal 
_pdbx_audit_revision_category.revision_ordinal 
_pdbx_audit_revision_category.data_content_type 
_pdbx_audit_revision_category.category 
1 2 'Structure model' citation                      
2 2 'Structure model' citation_author               
3 3 'Structure model' chem_comp_atom                
4 3 'Structure model' chem_comp_bond                
5 3 'Structure model' database_2                    
6 3 'Structure model' pdbx_initial_refinement_model 
# 
loop_
_pdbx_audit_revision_item.ordinal 
_pdbx_audit_revision_item.revision_ordinal 
_pdbx_audit_revision_item.data_content_type 
_pdbx_audit_revision_item.item 
1 2 'Structure model' '_citation.journal_volume'            
2 2 'Structure model' '_citation.page_first'                
3 2 'Structure model' '_citation.page_last'                 
4 2 'Structure model' '_citation_author.identifier_ORCID'   
5 3 'Structure model' '_database_2.pdbx_DOI'                
6 3 'Structure model' '_database_2.pdbx_database_accession' 
# 
loop_
_software.citation_id 
_software.classification 
_software.compiler_name 
_software.compiler_version 
_software.contact_author 
_software.contact_author_email 
_software.date 
_software.description 
_software.dependencies 
_software.hardware 
_software.language 
_software.location 
_software.mods 
_software.name 
_software.os 
_software.os_version 
_software.type 
_software.version 
_software.pdbx_ordinal 
? refinement       ? ? ? ? ? ? ? ? ? ? ? PHENIX   ? ? ? v1.11 1 
? 'data reduction' ? ? ? ? ? ? ? ? ? ? ? HKL-2000 ? ? ? .     2 
? 'data scaling'   ? ? ? ? ? ? ? ? ? ? ? HKL-2000 ? ? ? .     3 
? phasing          ? ? ? ? ? ? ? ? ? ? ? PHASER   ? ? ? v1.11 4 
# 
_pdbx_entry_details.entry_id                 6KU8 
_pdbx_entry_details.nonpolymer_details       ? 
_pdbx_entry_details.sequence_details         ? 
_pdbx_entry_details.compound_details         ? 
_pdbx_entry_details.source_details           ? 
_pdbx_entry_details.has_ligand_of_interest   Y 
# 
loop_
_pdbx_validate_close_contact.id 
_pdbx_validate_close_contact.PDB_model_num 
_pdbx_validate_close_contact.auth_atom_id_1 
_pdbx_validate_close_contact.auth_asym_id_1 
_pdbx_validate_close_contact.auth_comp_id_1 
_pdbx_validate_close_contact.auth_seq_id_1 
_pdbx_validate_close_contact.PDB_ins_code_1 
_pdbx_validate_close_contact.label_alt_id_1 
_pdbx_validate_close_contact.auth_atom_id_2 
_pdbx_validate_close_contact.auth_asym_id_2 
_pdbx_validate_close_contact.auth_comp_id_2 
_pdbx_validate_close_contact.auth_seq_id_2 
_pdbx_validate_close_contact.PDB_ins_code_2 
_pdbx_validate_close_contact.label_alt_id_2 
_pdbx_validate_close_contact.dist 
1 1 O   A HOH 603 ? ? O A HOH 733 ? ? 1.94 
2 1 OE2 A GLU 42  ? ? O A HOH 601 ? ? 2.08 
3 1 F1  A AG7 501 ? ? O A HOH 606 ? ? 2.17 
# 
_pdbx_validate_torsion.id              1 
_pdbx_validate_torsion.PDB_model_num   1 
_pdbx_validate_torsion.auth_comp_id    ASP 
_pdbx_validate_torsion.auth_asym_id    A 
_pdbx_validate_torsion.auth_seq_id     32 
_pdbx_validate_torsion.PDB_ins_code    ? 
_pdbx_validate_torsion.label_alt_id    ? 
_pdbx_validate_torsion.phi             48.03 
_pdbx_validate_torsion.psi             -125.88 
# 
loop_
_pdbx_unobs_or_zero_occ_atoms.id 
_pdbx_unobs_or_zero_occ_atoms.PDB_model_num 
_pdbx_unobs_or_zero_occ_atoms.polymer_flag 
_pdbx_unobs_or_zero_occ_atoms.occupancy_flag 
_pdbx_unobs_or_zero_occ_atoms.auth_asym_id 
_pdbx_unobs_or_zero_occ_atoms.auth_comp_id 
_pdbx_unobs_or_zero_occ_atoms.auth_seq_id 
_pdbx_unobs_or_zero_occ_atoms.PDB_ins_code 
_pdbx_unobs_or_zero_occ_atoms.auth_atom_id 
_pdbx_unobs_or_zero_occ_atoms.label_alt_id 
_pdbx_unobs_or_zero_occ_atoms.label_asym_id 
_pdbx_unobs_or_zero_occ_atoms.label_comp_id 
_pdbx_unobs_or_zero_occ_atoms.label_seq_id 
_pdbx_unobs_or_zero_occ_atoms.label_atom_id 
1  1 Y 1 A HIS 4   ? CG  ? A HIS 7 CG  
2  1 Y 1 A HIS 4   ? ND1 ? A HIS 7 ND1 
3  1 Y 1 A HIS 4   ? CD2 ? A HIS 7 CD2 
4  1 Y 1 A HIS 4   ? CE1 ? A HIS 7 CE1 
5  1 Y 1 A HIS 4   ? NE2 ? A HIS 7 NE2 
6  1 N 1 A AG7 501 ? C2  ? B AG7 1 C2  
7  1 N 1 A AG7 501 ? C3  ? B AG7 1 C3  
8  1 N 1 A AG7 501 ? O4  ? B AG7 1 O4  
9  1 N 1 A AG7 501 ? N5  ? B AG7 1 N5  
10 1 N 1 A AG7 501 ? C4  ? B AG7 1 C4  
# 
loop_
_pdbx_unobs_or_zero_occ_residues.id 
_pdbx_unobs_or_zero_occ_residues.PDB_model_num 
_pdbx_unobs_or_zero_occ_residues.polymer_flag 
_pdbx_unobs_or_zero_occ_residues.occupancy_flag 
_pdbx_unobs_or_zero_occ_residues.auth_asym_id 
_pdbx_unobs_or_zero_occ_residues.auth_comp_id 
_pdbx_unobs_or_zero_occ_residues.auth_seq_id 
_pdbx_unobs_or_zero_occ_residues.PDB_ins_code 
_pdbx_unobs_or_zero_occ_residues.label_asym_id 
_pdbx_unobs_or_zero_occ_residues.label_comp_id 
_pdbx_unobs_or_zero_occ_residues.label_seq_id 
1 1 Y 1 A HIS -2 ? A HIS 1 
2 1 Y 1 A HIS -1 ? A HIS 2 
3 1 Y 1 A HIS 0  ? A HIS 3 
4 1 Y 1 A HIS 1  ? A HIS 4 
5 1 Y 1 A HIS 2  ? A HIS 5 
6 1 Y 1 A HIS 3  ? A HIS 6 
# 
loop_
_chem_comp_atom.comp_id 
_chem_comp_atom.atom_id 
_chem_comp_atom.type_symbol 
_chem_comp_atom.pdbx_aromatic_flag 
_chem_comp_atom.pdbx_stereo_config 
_chem_comp_atom.pdbx_ordinal 
AG7 C01  C N N 1   
AG7 C02  C N N 2   
AG7 O03  O N N 3   
AG7 C04  C N R 4   
AG7 C05  C N N 5   
AG7 C06  C Y N 6   
AG7 C07  C Y N 7   
AG7 C08  C Y N 8   
AG7 C09  C Y N 9   
AG7 C10  C Y N 10  
AG7 C11  C Y N 11  
AG7 N12  N N N 12  
AG7 C13  C N R 13  
AG7 C14  C N N 14  
AG7 C15  C N S 15  
AG7 C16  C N N 16  
AG7 N17  N N N 17  
AG7 O18  O N N 18  
AG7 C19  C N N 19  
AG7 C20  C N N 20  
AG7 C21  C N N 21  
AG7 O22  O N N 22  
AG7 O23  O N N 23  
AG7 C47  C N N 24  
AG7 O48  O N N 25  
AG7 C50  C N N 26  
AG7 C53  C N N 27  
AG7 C57  C N S 28  
AG7 N58  N N N 29  
AG7 C59  C N N 30  
AG7 O60  O N N 31  
AG7 C78  C N N 32  
AG7 C81  C N N 33  
AG7 F1   F N N 34  
AG7 C82  C N N 35  
AG7 C83  C N N 36  
AG7 C84  C N N 37  
AG7 C1   C Y N 38  
AG7 C2   C Y N 39  
AG7 C3   C Y N 40  
AG7 O4   O Y N 41  
AG7 N5   N Y N 42  
AG7 C4   C N N 43  
AG7 H2   H N N 44  
AG7 H3   H N N 45  
AG7 H27  H N N 46  
AG7 H28  H N N 47  
AG7 H29  H N N 48  
AG7 H30  H N N 49  
AG7 H31  H N N 50  
AG7 H33  H N N 51  
AG7 H34  H N N 52  
AG7 H49  H N N 53  
AG7 H91  H N N 54  
AG7 H35  H N N 55  
AG7 H36  H N N 56  
AG7 H94  H N N 57  
AG7 H39  H N N 58  
AG7 H191 H N N 59  
AG7 H192 H N N 60  
AG7 H41  H N N 61  
AG7 H42  H N N 62  
AG7 H51  H N N 63  
AG7 H52  H N N 64  
AG7 H53  H N N 65  
AG7 H54  H N N 66  
AG7 H56  H N N 67  
AG7 H77  H N N 68  
AG7 H61  H N N 69  
AG7 H79  H N N 70  
AG7 H82  H N N 71  
AG7 H84  H N N 72  
AG7 H85  H N N 73  
AG7 H86  H N N 74  
AG7 H87  H N N 75  
AG7 H88  H N N 76  
AG7 H89  H N N 77  
AG7 H90  H N N 78  
AG7 H92  H N N 79  
AG7 H93  H N N 80  
AG7 H8   H N N 81  
AG7 H5   H N N 82  
AG7 H6   H N N 83  
AG7 H7   H N N 84  
ALA N    N N N 85  
ALA CA   C N S 86  
ALA C    C N N 87  
ALA O    O N N 88  
ALA CB   C N N 89  
ALA OXT  O N N 90  
ALA H    H N N 91  
ALA H2   H N N 92  
ALA HA   H N N 93  
ALA HB1  H N N 94  
ALA HB2  H N N 95  
ALA HB3  H N N 96  
ALA HXT  H N N 97  
ARG N    N N N 98  
ARG CA   C N S 99  
ARG C    C N N 100 
ARG O    O N N 101 
ARG CB   C N N 102 
ARG CG   C N N 103 
ARG CD   C N N 104 
ARG NE   N N N 105 
ARG CZ   C N N 106 
ARG NH1  N N N 107 
ARG NH2  N N N 108 
ARG OXT  O N N 109 
ARG H    H N N 110 
ARG H2   H N N 111 
ARG HA   H N N 112 
ARG HB2  H N N 113 
ARG HB3  H N N 114 
ARG HG2  H N N 115 
ARG HG3  H N N 116 
ARG HD2  H N N 117 
ARG HD3  H N N 118 
ARG HE   H N N 119 
ARG HH11 H N N 120 
ARG HH12 H N N 121 
ARG HH21 H N N 122 
ARG HH22 H N N 123 
ARG HXT  H N N 124 
ASN N    N N N 125 
ASN CA   C N S 126 
ASN C    C N N 127 
ASN O    O N N 128 
ASN CB   C N N 129 
ASN CG   C N N 130 
ASN OD1  O N N 131 
ASN ND2  N N N 132 
ASN OXT  O N N 133 
ASN H    H N N 134 
ASN H2   H N N 135 
ASN HA   H N N 136 
ASN HB2  H N N 137 
ASN HB3  H N N 138 
ASN HD21 H N N 139 
ASN HD22 H N N 140 
ASN HXT  H N N 141 
ASP N    N N N 142 
ASP CA   C N S 143 
ASP C    C N N 144 
ASP O    O N N 145 
ASP CB   C N N 146 
ASP CG   C N N 147 
ASP OD1  O N N 148 
ASP OD2  O N N 149 
ASP OXT  O N N 150 
ASP H    H N N 151 
ASP H2   H N N 152 
ASP HA   H N N 153 
ASP HB2  H N N 154 
ASP HB3  H N N 155 
ASP HD2  H N N 156 
ASP HXT  H N N 157 
CYS N    N N N 158 
CYS CA   C N R 159 
CYS C    C N N 160 
CYS O    O N N 161 
CYS CB   C N N 162 
CYS SG   S N N 163 
CYS OXT  O N N 164 
CYS H    H N N 165 
CYS H2   H N N 166 
CYS HA   H N N 167 
CYS HB2  H N N 168 
CYS HB3  H N N 169 
CYS HG   H N N 170 
CYS HXT  H N N 171 
GLN N    N N N 172 
GLN CA   C N S 173 
GLN C    C N N 174 
GLN O    O N N 175 
GLN CB   C N N 176 
GLN CG   C N N 177 
GLN CD   C N N 178 
GLN OE1  O N N 179 
GLN NE2  N N N 180 
GLN OXT  O N N 181 
GLN H    H N N 182 
GLN H2   H N N 183 
GLN HA   H N N 184 
GLN HB2  H N N 185 
GLN HB3  H N N 186 
GLN HG2  H N N 187 
GLN HG3  H N N 188 
GLN HE21 H N N 189 
GLN HE22 H N N 190 
GLN HXT  H N N 191 
GLU N    N N N 192 
GLU CA   C N S 193 
GLU C    C N N 194 
GLU O    O N N 195 
GLU CB   C N N 196 
GLU CG   C N N 197 
GLU CD   C N N 198 
GLU OE1  O N N 199 
GLU OE2  O N N 200 
GLU OXT  O N N 201 
GLU H    H N N 202 
GLU H2   H N N 203 
GLU HA   H N N 204 
GLU HB2  H N N 205 
GLU HB3  H N N 206 
GLU HG2  H N N 207 
GLU HG3  H N N 208 
GLU HE2  H N N 209 
GLU HXT  H N N 210 
GLY N    N N N 211 
GLY CA   C N N 212 
GLY C    C N N 213 
GLY O    O N N 214 
GLY OXT  O N N 215 
GLY H    H N N 216 
GLY H2   H N N 217 
GLY HA2  H N N 218 
GLY HA3  H N N 219 
GLY HXT  H N N 220 
HIS N    N N N 221 
HIS CA   C N S 222 
HIS C    C N N 223 
HIS O    O N N 224 
HIS CB   C N N 225 
HIS CG   C Y N 226 
HIS ND1  N Y N 227 
HIS CD2  C Y N 228 
HIS CE1  C Y N 229 
HIS NE2  N Y N 230 
HIS OXT  O N N 231 
HIS H    H N N 232 
HIS H2   H N N 233 
HIS HA   H N N 234 
HIS HB2  H N N 235 
HIS HB3  H N N 236 
HIS HD1  H N N 237 
HIS HD2  H N N 238 
HIS HE1  H N N 239 
HIS HE2  H N N 240 
HIS HXT  H N N 241 
HOH O    O N N 242 
HOH H1   H N N 243 
HOH H2   H N N 244 
ILE N    N N N 245 
ILE CA   C N S 246 
ILE C    C N N 247 
ILE O    O N N 248 
ILE CB   C N S 249 
ILE CG1  C N N 250 
ILE CG2  C N N 251 
ILE CD1  C N N 252 
ILE OXT  O N N 253 
ILE H    H N N 254 
ILE H2   H N N 255 
ILE HA   H N N 256 
ILE HB   H N N 257 
ILE HG12 H N N 258 
ILE HG13 H N N 259 
ILE HG21 H N N 260 
ILE HG22 H N N 261 
ILE HG23 H N N 262 
ILE HD11 H N N 263 
ILE HD12 H N N 264 
ILE HD13 H N N 265 
ILE HXT  H N N 266 
LEU N    N N N 267 
LEU CA   C N S 268 
LEU C    C N N 269 
LEU O    O N N 270 
LEU CB   C N N 271 
LEU CG   C N N 272 
LEU CD1  C N N 273 
LEU CD2  C N N 274 
LEU OXT  O N N 275 
LEU H    H N N 276 
LEU H2   H N N 277 
LEU HA   H N N 278 
LEU HB2  H N N 279 
LEU HB3  H N N 280 
LEU HG   H N N 281 
LEU HD11 H N N 282 
LEU HD12 H N N 283 
LEU HD13 H N N 284 
LEU HD21 H N N 285 
LEU HD22 H N N 286 
LEU HD23 H N N 287 
LEU HXT  H N N 288 
LYS N    N N N 289 
LYS CA   C N S 290 
LYS C    C N N 291 
LYS O    O N N 292 
LYS CB   C N N 293 
LYS CG   C N N 294 
LYS CD   C N N 295 
LYS CE   C N N 296 
LYS NZ   N N N 297 
LYS OXT  O N N 298 
LYS H    H N N 299 
LYS H2   H N N 300 
LYS HA   H N N 301 
LYS HB2  H N N 302 
LYS HB3  H N N 303 
LYS HG2  H N N 304 
LYS HG3  H N N 305 
LYS HD2  H N N 306 
LYS HD3  H N N 307 
LYS HE2  H N N 308 
LYS HE3  H N N 309 
LYS HZ1  H N N 310 
LYS HZ2  H N N 311 
LYS HZ3  H N N 312 
LYS HXT  H N N 313 
MET N    N N N 314 
MET CA   C N S 315 
MET C    C N N 316 
MET O    O N N 317 
MET CB   C N N 318 
MET CG   C N N 319 
MET SD   S N N 320 
MET CE   C N N 321 
MET OXT  O N N 322 
MET H    H N N 323 
MET H2   H N N 324 
MET HA   H N N 325 
MET HB2  H N N 326 
MET HB3  H N N 327 
MET HG2  H N N 328 
MET HG3  H N N 329 
MET HE1  H N N 330 
MET HE2  H N N 331 
MET HE3  H N N 332 
MET HXT  H N N 333 
PHE N    N N N 334 
PHE CA   C N S 335 
PHE C    C N N 336 
PHE O    O N N 337 
PHE CB   C N N 338 
PHE CG   C Y N 339 
PHE CD1  C Y N 340 
PHE CD2  C Y N 341 
PHE CE1  C Y N 342 
PHE CE2  C Y N 343 
PHE CZ   C Y N 344 
PHE OXT  O N N 345 
PHE H    H N N 346 
PHE H2   H N N 347 
PHE HA   H N N 348 
PHE HB2  H N N 349 
PHE HB3  H N N 350 
PHE HD1  H N N 351 
PHE HD2  H N N 352 
PHE HE1  H N N 353 
PHE HE2  H N N 354 
PHE HZ   H N N 355 
PHE HXT  H N N 356 
PRO N    N N N 357 
PRO CA   C N S 358 
PRO C    C N N 359 
PRO O    O N N 360 
PRO CB   C N N 361 
PRO CG   C N N 362 
PRO CD   C N N 363 
PRO OXT  O N N 364 
PRO H    H N N 365 
PRO HA   H N N 366 
PRO HB2  H N N 367 
PRO HB3  H N N 368 
PRO HG2  H N N 369 
PRO HG3  H N N 370 
PRO HD2  H N N 371 
PRO HD3  H N N 372 
PRO HXT  H N N 373 
SER N    N N N 374 
SER CA   C N S 375 
SER C    C N N 376 
SER O    O N N 377 
SER CB   C N N 378 
SER OG   O N N 379 
SER OXT  O N N 380 
SER H    H N N 381 
SER H2   H N N 382 
SER HA   H N N 383 
SER HB2  H N N 384 
SER HB3  H N N 385 
SER HG   H N N 386 
SER HXT  H N N 387 
THR N    N N N 388 
THR CA   C N S 389 
THR C    C N N 390 
THR O    O N N 391 
THR CB   C N R 392 
THR OG1  O N N 393 
THR CG2  C N N 394 
THR OXT  O N N 395 
THR H    H N N 396 
THR H2   H N N 397 
THR HA   H N N 398 
THR HB   H N N 399 
THR HG1  H N N 400 
THR HG21 H N N 401 
THR HG22 H N N 402 
THR HG23 H N N 403 
THR HXT  H N N 404 
TRP N    N N N 405 
TRP CA   C N S 406 
TRP C    C N N 407 
TRP O    O N N 408 
TRP CB   C N N 409 
TRP CG   C Y N 410 
TRP CD1  C Y N 411 
TRP CD2  C Y N 412 
TRP NE1  N Y N 413 
TRP CE2  C Y N 414 
TRP CE3  C Y N 415 
TRP CZ2  C Y N 416 
TRP CZ3  C Y N 417 
TRP CH2  C Y N 418 
TRP OXT  O N N 419 
TRP H    H N N 420 
TRP H2   H N N 421 
TRP HA   H N N 422 
TRP HB2  H N N 423 
TRP HB3  H N N 424 
TRP HD1  H N N 425 
TRP HE1  H N N 426 
TRP HE3  H N N 427 
TRP HZ2  H N N 428 
TRP HZ3  H N N 429 
TRP HH2  H N N 430 
TRP HXT  H N N 431 
TYR N    N N N 432 
TYR CA   C N S 433 
TYR C    C N N 434 
TYR O    O N N 435 
TYR CB   C N N 436 
TYR CG   C Y N 437 
TYR CD1  C Y N 438 
TYR CD2  C Y N 439 
TYR CE1  C Y N 440 
TYR CE2  C Y N 441 
TYR CZ   C Y N 442 
TYR OH   O N N 443 
TYR OXT  O N N 444 
TYR H    H N N 445 
TYR H2   H N N 446 
TYR HA   H N N 447 
TYR HB2  H N N 448 
TYR HB3  H N N 449 
TYR HD1  H N N 450 
TYR HD2  H N N 451 
TYR HE1  H N N 452 
TYR HE2  H N N 453 
TYR HH   H N N 454 
TYR HXT  H N N 455 
VAL N    N N N 456 
VAL CA   C N S 457 
VAL C    C N N 458 
VAL O    O N N 459 
VAL CB   C N N 460 
VAL CG1  C N N 461 
VAL CG2  C N N 462 
VAL OXT  O N N 463 
VAL H    H N N 464 
VAL H2   H N N 465 
VAL HA   H N N 466 
VAL HB   H N N 467 
VAL HG11 H N N 468 
VAL HG12 H N N 469 
VAL HG13 H N N 470 
VAL HG21 H N N 471 
VAL HG22 H N N 472 
VAL HG23 H N N 473 
VAL HXT  H N N 474 
# 
loop_
_chem_comp_bond.comp_id 
_chem_comp_bond.atom_id_1 
_chem_comp_bond.atom_id_2 
_chem_comp_bond.value_order 
_chem_comp_bond.pdbx_aromatic_flag 
_chem_comp_bond.pdbx_stereo_config 
_chem_comp_bond.pdbx_ordinal 
AG7 C01 C02  sing N N 1   
AG7 C01 O03  doub N N 2   
AG7 C01 C57  sing N N 3   
AG7 C02 C04  sing N N 4   
AG7 C02 H2   sing N N 5   
AG7 C02 H3   sing N N 6   
AG7 C04 C05  sing N N 7   
AG7 C04 C47  sing N N 8   
AG7 C04 H27  sing N N 9   
AG7 C05 C06  sing N N 10  
AG7 C05 H28  sing N N 11  
AG7 C05 H29  sing N N 12  
AG7 C06 C07  doub Y N 13  
AG7 C06 C11  sing Y N 14  
AG7 C07 C08  sing Y N 15  
AG7 C07 H30  sing N N 16  
AG7 C08 C09  doub Y N 17  
AG7 C08 H31  sing N N 18  
AG7 C09 C10  sing Y N 19  
AG7 C09 F1   sing N N 20  
AG7 C10 C11  doub Y N 21  
AG7 C10 H33  sing N N 22  
AG7 C11 H34  sing N N 23  
AG7 N12 C13  sing N N 24  
AG7 N12 C47  sing N N 25  
AG7 N12 H49  sing N N 26  
AG7 C13 C14  sing N N 27  
AG7 C13 C19  sing N N 28  
AG7 C13 H91  sing N N 29  
AG7 C14 C15  sing N N 30  
AG7 C14 H35  sing N N 31  
AG7 C14 H36  sing N N 32  
AG7 C15 C16  sing N N 33  
AG7 C15 C84  sing N N 34  
AG7 C15 H94  sing N N 35  
AG7 C16 N17  sing N N 36  
AG7 C16 O18  doub N N 37  
AG7 N17 C83  sing N N 38  
AG7 N17 H39  sing N N 39  
AG7 C19 C20  sing N N 40  
AG7 C19 H191 sing N N 41  
AG7 C19 H192 sing N N 42  
AG7 C20 C21  sing N N 43  
AG7 C20 H41  sing N N 44  
AG7 C20 H42  sing N N 45  
AG7 C21 O22  sing N N 46  
AG7 C21 O23  doub N N 47  
AG7 O22 C50  sing N N 48  
AG7 C47 O48  doub N N 49  
AG7 C50 C53  sing N N 50  
AG7 C50 H51  sing N N 51  
AG7 C50 H52  sing N N 52  
AG7 C53 H53  sing N N 53  
AG7 C53 H54  sing N N 54  
AG7 C53 H56  sing N N 55  
AG7 C57 N58  sing N N 56  
AG7 C57 C78  sing N N 57  
AG7 C57 H77  sing N N 58  
AG7 N58 C59  sing N N 59  
AG7 N58 H61  sing N N 60  
AG7 C59 O60  doub N N 61  
AG7 C59 C1   sing N N 62  
AG7 C78 C81  sing N N 63  
AG7 C78 C82  sing N N 64  
AG7 C78 H79  sing N N 65  
AG7 C81 H82  sing N N 66  
AG7 C81 H84  sing N N 67  
AG7 C81 H85  sing N N 68  
AG7 C82 H86  sing N N 69  
AG7 C82 H87  sing N N 70  
AG7 C82 H88  sing N N 71  
AG7 C83 C84  sing N N 72  
AG7 C83 H89  sing N N 73  
AG7 C83 H90  sing N N 74  
AG7 C84 H92  sing N N 75  
AG7 C84 H93  sing N N 76  
AG7 C1  C2   sing Y N 77  
AG7 C1  N5   doub Y N 78  
AG7 C2  C3   doub Y N 79  
AG7 C2  H8   sing N N 80  
AG7 C3  O4   sing Y N 81  
AG7 C3  C4   sing N N 82  
AG7 O4  N5   sing Y N 83  
AG7 C4  H5   sing N N 84  
AG7 C4  H6   sing N N 85  
AG7 C4  H7   sing N N 86  
ALA N   CA   sing N N 87  
ALA N   H    sing N N 88  
ALA N   H2   sing N N 89  
ALA CA  C    sing N N 90  
ALA CA  CB   sing N N 91  
ALA CA  HA   sing N N 92  
ALA C   O    doub N N 93  
ALA C   OXT  sing N N 94  
ALA CB  HB1  sing N N 95  
ALA CB  HB2  sing N N 96  
ALA CB  HB3  sing N N 97  
ALA OXT HXT  sing N N 98  
ARG N   CA   sing N N 99  
ARG N   H    sing N N 100 
ARG N   H2   sing N N 101 
ARG CA  C    sing N N 102 
ARG CA  CB   sing N N 103 
ARG CA  HA   sing N N 104 
ARG C   O    doub N N 105 
ARG C   OXT  sing N N 106 
ARG CB  CG   sing N N 107 
ARG CB  HB2  sing N N 108 
ARG CB  HB3  sing N N 109 
ARG CG  CD   sing N N 110 
ARG CG  HG2  sing N N 111 
ARG CG  HG3  sing N N 112 
ARG CD  NE   sing N N 113 
ARG CD  HD2  sing N N 114 
ARG CD  HD3  sing N N 115 
ARG NE  CZ   sing N N 116 
ARG NE  HE   sing N N 117 
ARG CZ  NH1  sing N N 118 
ARG CZ  NH2  doub N N 119 
ARG NH1 HH11 sing N N 120 
ARG NH1 HH12 sing N N 121 
ARG NH2 HH21 sing N N 122 
ARG NH2 HH22 sing N N 123 
ARG OXT HXT  sing N N 124 
ASN N   CA   sing N N 125 
ASN N   H    sing N N 126 
ASN N   H2   sing N N 127 
ASN CA  C    sing N N 128 
ASN CA  CB   sing N N 129 
ASN CA  HA   sing N N 130 
ASN C   O    doub N N 131 
ASN C   OXT  sing N N 132 
ASN CB  CG   sing N N 133 
ASN CB  HB2  sing N N 134 
ASN CB  HB3  sing N N 135 
ASN CG  OD1  doub N N 136 
ASN CG  ND2  sing N N 137 
ASN ND2 HD21 sing N N 138 
ASN ND2 HD22 sing N N 139 
ASN OXT HXT  sing N N 140 
ASP N   CA   sing N N 141 
ASP N   H    sing N N 142 
ASP N   H2   sing N N 143 
ASP CA  C    sing N N 144 
ASP CA  CB   sing N N 145 
ASP CA  HA   sing N N 146 
ASP C   O    doub N N 147 
ASP C   OXT  sing N N 148 
ASP CB  CG   sing N N 149 
ASP CB  HB2  sing N N 150 
ASP CB  HB3  sing N N 151 
ASP CG  OD1  doub N N 152 
ASP CG  OD2  sing N N 153 
ASP OD2 HD2  sing N N 154 
ASP OXT HXT  sing N N 155 
CYS N   CA   sing N N 156 
CYS N   H    sing N N 157 
CYS N   H2   sing N N 158 
CYS CA  C    sing N N 159 
CYS CA  CB   sing N N 160 
CYS CA  HA   sing N N 161 
CYS C   O    doub N N 162 
CYS C   OXT  sing N N 163 
CYS CB  SG   sing N N 164 
CYS CB  HB2  sing N N 165 
CYS CB  HB3  sing N N 166 
CYS SG  HG   sing N N 167 
CYS OXT HXT  sing N N 168 
GLN N   CA   sing N N 169 
GLN N   H    sing N N 170 
GLN N   H2   sing N N 171 
GLN CA  C    sing N N 172 
GLN CA  CB   sing N N 173 
GLN CA  HA   sing N N 174 
GLN C   O    doub N N 175 
GLN C   OXT  sing N N 176 
GLN CB  CG   sing N N 177 
GLN CB  HB2  sing N N 178 
GLN CB  HB3  sing N N 179 
GLN CG  CD   sing N N 180 
GLN CG  HG2  sing N N 181 
GLN CG  HG3  sing N N 182 
GLN CD  OE1  doub N N 183 
GLN CD  NE2  sing N N 184 
GLN NE2 HE21 sing N N 185 
GLN NE2 HE22 sing N N 186 
GLN OXT HXT  sing N N 187 
GLU N   CA   sing N N 188 
GLU N   H    sing N N 189 
GLU N   H2   sing N N 190 
GLU CA  C    sing N N 191 
GLU CA  CB   sing N N 192 
GLU CA  HA   sing N N 193 
GLU C   O    doub N N 194 
GLU C   OXT  sing N N 195 
GLU CB  CG   sing N N 196 
GLU CB  HB2  sing N N 197 
GLU CB  HB3  sing N N 198 
GLU CG  CD   sing N N 199 
GLU CG  HG2  sing N N 200 
GLU CG  HG3  sing N N 201 
GLU CD  OE1  doub N N 202 
GLU CD  OE2  sing N N 203 
GLU OE2 HE2  sing N N 204 
GLU OXT HXT  sing N N 205 
GLY N   CA   sing N N 206 
GLY N   H    sing N N 207 
GLY N   H2   sing N N 208 
GLY CA  C    sing N N 209 
GLY CA  HA2  sing N N 210 
GLY CA  HA3  sing N N 211 
GLY C   O    doub N N 212 
GLY C   OXT  sing N N 213 
GLY OXT HXT  sing N N 214 
HIS N   CA   sing N N 215 
HIS N   H    sing N N 216 
HIS N   H2   sing N N 217 
HIS CA  C    sing N N 218 
HIS CA  CB   sing N N 219 
HIS CA  HA   sing N N 220 
HIS C   O    doub N N 221 
HIS C   OXT  sing N N 222 
HIS CB  CG   sing N N 223 
HIS CB  HB2  sing N N 224 
HIS CB  HB3  sing N N 225 
HIS CG  ND1  sing Y N 226 
HIS CG  CD2  doub Y N 227 
HIS ND1 CE1  doub Y N 228 
HIS ND1 HD1  sing N N 229 
HIS CD2 NE2  sing Y N 230 
HIS CD2 HD2  sing N N 231 
HIS CE1 NE2  sing Y N 232 
HIS CE1 HE1  sing N N 233 
HIS NE2 HE2  sing N N 234 
HIS OXT HXT  sing N N 235 
HOH O   H1   sing N N 236 
HOH O   H2   sing N N 237 
ILE N   CA   sing N N 238 
ILE N   H    sing N N 239 
ILE N   H2   sing N N 240 
ILE CA  C    sing N N 241 
ILE CA  CB   sing N N 242 
ILE CA  HA   sing N N 243 
ILE C   O    doub N N 244 
ILE C   OXT  sing N N 245 
ILE CB  CG1  sing N N 246 
ILE CB  CG2  sing N N 247 
ILE CB  HB   sing N N 248 
ILE CG1 CD1  sing N N 249 
ILE CG1 HG12 sing N N 250 
ILE CG1 HG13 sing N N 251 
ILE CG2 HG21 sing N N 252 
ILE CG2 HG22 sing N N 253 
ILE CG2 HG23 sing N N 254 
ILE CD1 HD11 sing N N 255 
ILE CD1 HD12 sing N N 256 
ILE CD1 HD13 sing N N 257 
ILE OXT HXT  sing N N 258 
LEU N   CA   sing N N 259 
LEU N   H    sing N N 260 
LEU N   H2   sing N N 261 
LEU CA  C    sing N N 262 
LEU CA  CB   sing N N 263 
LEU CA  HA   sing N N 264 
LEU C   O    doub N N 265 
LEU C   OXT  sing N N 266 
LEU CB  CG   sing N N 267 
LEU CB  HB2  sing N N 268 
LEU CB  HB3  sing N N 269 
LEU CG  CD1  sing N N 270 
LEU CG  CD2  sing N N 271 
LEU CG  HG   sing N N 272 
LEU CD1 HD11 sing N N 273 
LEU CD1 HD12 sing N N 274 
LEU CD1 HD13 sing N N 275 
LEU CD2 HD21 sing N N 276 
LEU CD2 HD22 sing N N 277 
LEU CD2 HD23 sing N N 278 
LEU OXT HXT  sing N N 279 
LYS N   CA   sing N N 280 
LYS N   H    sing N N 281 
LYS N   H2   sing N N 282 
LYS CA  C    sing N N 283 
LYS CA  CB   sing N N 284 
LYS CA  HA   sing N N 285 
LYS C   O    doub N N 286 
LYS C   OXT  sing N N 287 
LYS CB  CG   sing N N 288 
LYS CB  HB2  sing N N 289 
LYS CB  HB3  sing N N 290 
LYS CG  CD   sing N N 291 
LYS CG  HG2  sing N N 292 
LYS CG  HG3  sing N N 293 
LYS CD  CE   sing N N 294 
LYS CD  HD2  sing N N 295 
LYS CD  HD3  sing N N 296 
LYS CE  NZ   sing N N 297 
LYS CE  HE2  sing N N 298 
LYS CE  HE3  sing N N 299 
LYS NZ  HZ1  sing N N 300 
LYS NZ  HZ2  sing N N 301 
LYS NZ  HZ3  sing N N 302 
LYS OXT HXT  sing N N 303 
MET N   CA   sing N N 304 
MET N   H    sing N N 305 
MET N   H2   sing N N 306 
MET CA  C    sing N N 307 
MET CA  CB   sing N N 308 
MET CA  HA   sing N N 309 
MET C   O    doub N N 310 
MET C   OXT  sing N N 311 
MET CB  CG   sing N N 312 
MET CB  HB2  sing N N 313 
MET CB  HB3  sing N N 314 
MET CG  SD   sing N N 315 
MET CG  HG2  sing N N 316 
MET CG  HG3  sing N N 317 
MET SD  CE   sing N N 318 
MET CE  HE1  sing N N 319 
MET CE  HE2  sing N N 320 
MET CE  HE3  sing N N 321 
MET OXT HXT  sing N N 322 
PHE N   CA   sing N N 323 
PHE N   H    sing N N 324 
PHE N   H2   sing N N 325 
PHE CA  C    sing N N 326 
PHE CA  CB   sing N N 327 
PHE CA  HA   sing N N 328 
PHE C   O    doub N N 329 
PHE C   OXT  sing N N 330 
PHE CB  CG   sing N N 331 
PHE CB  HB2  sing N N 332 
PHE CB  HB3  sing N N 333 
PHE CG  CD1  doub Y N 334 
PHE CG  CD2  sing Y N 335 
PHE CD1 CE1  sing Y N 336 
PHE CD1 HD1  sing N N 337 
PHE CD2 CE2  doub Y N 338 
PHE CD2 HD2  sing N N 339 
PHE CE1 CZ   doub Y N 340 
PHE CE1 HE1  sing N N 341 
PHE CE2 CZ   sing Y N 342 
PHE CE2 HE2  sing N N 343 
PHE CZ  HZ   sing N N 344 
PHE OXT HXT  sing N N 345 
PRO N   CA   sing N N 346 
PRO N   CD   sing N N 347 
PRO N   H    sing N N 348 
PRO CA  C    sing N N 349 
PRO CA  CB   sing N N 350 
PRO CA  HA   sing N N 351 
PRO C   O    doub N N 352 
PRO C   OXT  sing N N 353 
PRO CB  CG   sing N N 354 
PRO CB  HB2  sing N N 355 
PRO CB  HB3  sing N N 356 
PRO CG  CD   sing N N 357 
PRO CG  HG2  sing N N 358 
PRO CG  HG3  sing N N 359 
PRO CD  HD2  sing N N 360 
PRO CD  HD3  sing N N 361 
PRO OXT HXT  sing N N 362 
SER N   CA   sing N N 363 
SER N   H    sing N N 364 
SER N   H2   sing N N 365 
SER CA  C    sing N N 366 
SER CA  CB   sing N N 367 
SER CA  HA   sing N N 368 
SER C   O    doub N N 369 
SER C   OXT  sing N N 370 
SER CB  OG   sing N N 371 
SER CB  HB2  sing N N 372 
SER CB  HB3  sing N N 373 
SER OG  HG   sing N N 374 
SER OXT HXT  sing N N 375 
THR N   CA   sing N N 376 
THR N   H    sing N N 377 
THR N   H2   sing N N 378 
THR CA  C    sing N N 379 
THR CA  CB   sing N N 380 
THR CA  HA   sing N N 381 
THR C   O    doub N N 382 
THR C   OXT  sing N N 383 
THR CB  OG1  sing N N 384 
THR CB  CG2  sing N N 385 
THR CB  HB   sing N N 386 
THR OG1 HG1  sing N N 387 
THR CG2 HG21 sing N N 388 
THR CG2 HG22 sing N N 389 
THR CG2 HG23 sing N N 390 
THR OXT HXT  sing N N 391 
TRP N   CA   sing N N 392 
TRP N   H    sing N N 393 
TRP N   H2   sing N N 394 
TRP CA  C    sing N N 395 
TRP CA  CB   sing N N 396 
TRP CA  HA   sing N N 397 
TRP C   O    doub N N 398 
TRP C   OXT  sing N N 399 
TRP CB  CG   sing N N 400 
TRP CB  HB2  sing N N 401 
TRP CB  HB3  sing N N 402 
TRP CG  CD1  doub Y N 403 
TRP CG  CD2  sing Y N 404 
TRP CD1 NE1  sing Y N 405 
TRP CD1 HD1  sing N N 406 
TRP CD2 CE2  doub Y N 407 
TRP CD2 CE3  sing Y N 408 
TRP NE1 CE2  sing Y N 409 
TRP NE1 HE1  sing N N 410 
TRP CE2 CZ2  sing Y N 411 
TRP CE3 CZ3  doub Y N 412 
TRP CE3 HE3  sing N N 413 
TRP CZ2 CH2  doub Y N 414 
TRP CZ2 HZ2  sing N N 415 
TRP CZ3 CH2  sing Y N 416 
TRP CZ3 HZ3  sing N N 417 
TRP CH2 HH2  sing N N 418 
TRP OXT HXT  sing N N 419 
TYR N   CA   sing N N 420 
TYR N   H    sing N N 421 
TYR N   H2   sing N N 422 
TYR CA  C    sing N N 423 
TYR CA  CB   sing N N 424 
TYR CA  HA   sing N N 425 
TYR C   O    doub N N 426 
TYR C   OXT  sing N N 427 
TYR CB  CG   sing N N 428 
TYR CB  HB2  sing N N 429 
TYR CB  HB3  sing N N 430 
TYR CG  CD1  doub Y N 431 
TYR CG  CD2  sing Y N 432 
TYR CD1 CE1  sing Y N 433 
TYR CD1 HD1  sing N N 434 
TYR CD2 CE2  doub Y N 435 
TYR CD2 HD2  sing N N 436 
TYR CE1 CZ   doub Y N 437 
TYR CE1 HE1  sing N N 438 
TYR CE2 CZ   sing Y N 439 
TYR CE2 HE2  sing N N 440 
TYR CZ  OH   sing N N 441 
TYR OH  HH   sing N N 442 
TYR OXT HXT  sing N N 443 
VAL N   CA   sing N N 444 
VAL N   H    sing N N 445 
VAL N   H2   sing N N 446 
VAL CA  C    sing N N 447 
VAL CA  CB   sing N N 448 
VAL CA  HA   sing N N 449 
VAL C   O    doub N N 450 
VAL C   OXT  sing N N 451 
VAL CB  CG1  sing N N 452 
VAL CB  CG2  sing N N 453 
VAL CB  HB   sing N N 454 
VAL CG1 HG11 sing N N 455 
VAL CG1 HG12 sing N N 456 
VAL CG1 HG13 sing N N 457 
VAL CG2 HG21 sing N N 458 
VAL CG2 HG22 sing N N 459 
VAL CG2 HG23 sing N N 460 
VAL OXT HXT  sing N N 461 
# 
_pdbx_audit_support.funding_organization   'National Science Foundation (China)' 
_pdbx_audit_support.country                China 
_pdbx_audit_support.grant_number           31800145 
_pdbx_audit_support.ordinal                1 
# 
_pdbx_entity_instance_feature.ordinal        1 
_pdbx_entity_instance_feature.comp_id        AG7 
_pdbx_entity_instance_feature.asym_id        ? 
_pdbx_entity_instance_feature.seq_num        ? 
_pdbx_entity_instance_feature.auth_comp_id   AG7 
_pdbx_entity_instance_feature.auth_asym_id   ? 
_pdbx_entity_instance_feature.auth_seq_num   ? 
_pdbx_entity_instance_feature.feature_type   'SUBJECT OF INVESTIGATION' 
_pdbx_entity_instance_feature.details        ? 
# 
loop_
_pdbx_entity_nonpoly.entity_id 
_pdbx_entity_nonpoly.name 
_pdbx_entity_nonpoly.comp_id 
2 
;4-{2-(4-FLUORO-BENZYL)-6-METHYL-5-[(5-METHYL-ISOXAZOLE-3-CARBONYL)-AMINO]-4-OXO-HEPTANOYLAMINO}-5-(2-OXO-PYRROLIDIN-3-YL)-PENTANOIC ACID ETHYL ESTER
;
AG7 
3 water HOH 
# 
_pdbx_initial_refinement_model.id               1 
_pdbx_initial_refinement_model.entity_id_list   ? 
_pdbx_initial_refinement_model.type             'experimental model' 
_pdbx_initial_refinement_model.source_name      PDB 
_pdbx_initial_refinement_model.accession_code   3ZV8 
_pdbx_initial_refinement_model.details          ? 
# 
_pdbx_struct_assembly_auth_evidence.id                     1 
_pdbx_struct_assembly_auth_evidence.assembly_id            1 
_pdbx_struct_assembly_auth_evidence.experimental_support   'gel filtration' 
_pdbx_struct_assembly_auth_evidence.details                ? 
# 
